data_9HLW
#
_entry.id   9HLW
#
_cell.length_a   1.00
_cell.length_b   1.00
_cell.length_c   1.00
_cell.angle_alpha   90.00
_cell.angle_beta   90.00
_cell.angle_gamma   90.00
#
_symmetry.space_group_name_H-M   'P 1'
#
loop_
_entity.id
_entity.type
_entity.pdbx_description
1 polymer 'Glutamate carboxypeptidase 2'
2 polymer 'Nano body 7'
3 branched 2-acetamido-2-deoxy-beta-D-glucopyranose-(1-4)-2-acetamido-2-deoxy-beta-D-glucopyranose
4 branched beta-D-mannopyranose-(1-4)-2-acetamido-2-deoxy-beta-D-glucopyranose-(1-4)-2-acetamido-2-deoxy-beta-D-glucopyranose
5 branched alpha-D-mannopyranose-(1-3)-[alpha-D-mannopyranose-(1-6)]beta-D-mannopyranose-(1-4)-2-acetamido-2-deoxy-beta-D-glucopyranose-(1-4)-2-acetamido-2-deoxy-beta-D-glucopyranose
6 non-polymer 2-acetamido-2-deoxy-beta-D-glucopyranose
7 non-polymer 'ZINC ION'
8 non-polymer 'CALCIUM ION'
9 non-polymer 'CHLORIDE ION'
#
loop_
_entity_poly.entity_id
_entity_poly.type
_entity_poly.pdbx_seq_one_letter_code
_entity_poly.pdbx_strand_id
1 'polypeptide(L)'
;MWNLLHETDSAVATARRPRWLCAGALVLAGGFFLLGFLFGWFIKSSNEATNITPKHNMKAFLDELKAENIKKFLYNFTQI
PHLAGTEQNFQLAKQIQSQWKEFGLDSVELAHYDVLLSYPNKTHPNYISIINEDGNEIFNTSLFEPPPPGYENVSDIVPP
FSAFSPQGMPEGDLVYVNYARTEDFFKLERDMKINCSGKIVIARYGKVFRGNKVKNAQLAGAKGVILYSDPADYFAPGVK
SYPDGWNLPGGGVQRGNILNLNGAGDPLTPGYPANEYAYRRGIAEAVGLPSIPVHPIGYYDAQKLLEKMGGSAPPDSSWR
GSLKVPYNVGPGFTGNFSTQKVKMHIHSTNEVTRIYNVIGTLRGAVEPDRYVILGGHRDSWVFGGIDPQSGAAVVHEIVR
SFGTLKKEGWRPRRTILFASWDAEEFGLLGSTEWAEENSRLLQERGVAYINADSSIEGNYTLRVDCTPLMYSLVHNLTKE
LKSPDEGFEGKSLYESWTKKSPSPEFSGMPRISKLGSGNDFEVFFQRLGIASGRARYTKNWETNKFSGYPLYHSVYETYE
LVEKFYDPMFKYHLTVAQVRGGMVFELANSIVLPFDCRDYAVVLRKYADKIYSISMKHPQEMKTYSVSFDSLFSAVKNFT
EIASKFSERLQDFDKSNPIVLRMMNDQLMFLERAFIDPLGLPDRPFYRHVIYAPSSHNKYAGESFPGIYDALFDIESKVD
PSKAWGEVKRQIYVAAFTVQAAAETLSEVA
;
A,E
2 'polypeptide(L)'
;QVQLQESGGGSVQAGGSLRLSCTAPGYTDSNYYMSWFRQAPGKEREWVAGVNTGRGSTSYADSVKGRFTISQDNAKNTMF
LQMNSLKPEDTAIYYCAVAACHFCDSLPKTQDEYILWGQGTQVTVSSAAAYPYDVPDYGSHHHHHH
;
H,Q
#
loop_
_chem_comp.id
_chem_comp.type
_chem_comp.name
_chem_comp.formula
BMA D-saccharide, beta linking beta-D-mannopyranose 'C6 H12 O6'
CA non-polymer 'CALCIUM ION' 'Ca 2'
CL non-polymer 'CHLORIDE ION' 'Cl -1'
MAN D-saccharide, alpha linking alpha-D-mannopyranose 'C6 H12 O6'
NAG D-saccharide, beta linking 2-acetamido-2-deoxy-beta-D-glucopyranose 'C8 H15 N O6'
ZN non-polymer 'ZINC ION' 'Zn 2'
#
# COMPACT_ATOMS: atom_id res chain seq x y z
N HIS A 56 6.69 -42.66 -5.52
CA HIS A 56 7.55 -41.48 -5.49
C HIS A 56 7.25 -40.62 -4.27
N ASN A 57 7.46 -41.18 -3.09
CA ASN A 57 7.19 -40.49 -1.84
C ASN A 57 8.34 -39.54 -1.52
N MET A 58 8.39 -39.04 -0.28
CA MET A 58 9.47 -38.17 0.14
C MET A 58 10.82 -38.83 -0.03
N LYS A 59 10.93 -40.10 0.37
CA LYS A 59 12.22 -40.78 0.36
C LYS A 59 12.75 -40.95 -1.06
N ALA A 60 11.88 -41.11 -2.05
CA ALA A 60 12.33 -41.27 -3.42
C ALA A 60 13.11 -40.05 -3.89
N PHE A 61 12.61 -38.86 -3.57
CA PHE A 61 13.35 -37.64 -3.91
C PHE A 61 14.54 -37.44 -2.97
N LEU A 62 14.38 -37.81 -1.70
CA LEU A 62 15.40 -37.50 -0.69
C LEU A 62 16.66 -38.33 -0.90
N ASP A 63 16.52 -39.59 -1.31
CA ASP A 63 17.67 -40.49 -1.46
C ASP A 63 18.41 -40.29 -2.78
N GLU A 64 17.89 -39.46 -3.68
CA GLU A 64 18.59 -39.19 -4.92
C GLU A 64 19.68 -38.14 -4.76
N LEU A 65 19.66 -37.38 -3.68
CA LEU A 65 20.70 -36.37 -3.45
C LEU A 65 22.03 -37.04 -3.15
N LYS A 66 23.06 -36.63 -3.89
CA LYS A 66 24.40 -37.19 -3.74
C LYS A 66 25.39 -36.07 -3.47
N ALA A 67 26.36 -36.35 -2.58
CA ALA A 67 27.36 -35.35 -2.25
C ALA A 67 28.33 -35.12 -3.40
N GLU A 68 28.61 -36.15 -4.19
CA GLU A 68 29.56 -36.00 -5.30
C GLU A 68 29.06 -35.01 -6.33
N ASN A 69 27.76 -35.03 -6.62
CA ASN A 69 27.20 -34.08 -7.57
C ASN A 69 27.33 -32.65 -7.03
N ILE A 70 27.08 -32.47 -5.73
CA ILE A 70 27.26 -31.15 -5.13
C ILE A 70 28.71 -30.70 -5.25
N LYS A 71 29.65 -31.61 -4.99
CA LYS A 71 31.07 -31.28 -5.09
C LYS A 71 31.45 -30.86 -6.49
N LYS A 72 31.00 -31.61 -7.49
CA LYS A 72 31.38 -31.28 -8.86
C LYS A 72 30.72 -29.98 -9.32
N PHE A 73 29.48 -29.72 -8.89
CA PHE A 73 28.83 -28.46 -9.22
C PHE A 73 29.56 -27.27 -8.59
N LEU A 74 29.96 -27.41 -7.32
CA LEU A 74 30.68 -26.33 -6.66
C LEU A 74 32.04 -26.10 -7.33
N TYR A 75 32.71 -27.18 -7.75
CA TYR A 75 33.94 -27.01 -8.50
C TYR A 75 33.68 -26.27 -9.81
N ASN A 76 32.56 -26.59 -10.48
CA ASN A 76 32.23 -25.92 -11.73
C ASN A 76 32.01 -24.43 -11.53
N PHE A 77 31.32 -24.05 -10.46
CA PHE A 77 30.86 -22.68 -10.30
C PHE A 77 31.88 -21.72 -9.69
N THR A 78 33.06 -22.20 -9.32
CA THR A 78 34.01 -21.38 -8.56
C THR A 78 35.39 -21.37 -9.18
N GLN A 79 35.46 -21.08 -10.49
CA GLN A 79 36.74 -21.02 -11.17
CA GLN A 79 36.73 -21.03 -11.21
C GLN A 79 37.02 -19.70 -11.87
N ILE A 80 36.00 -18.91 -12.19
CA ILE A 80 36.22 -17.61 -12.83
C ILE A 80 35.43 -16.56 -12.07
N PRO A 81 35.84 -15.30 -12.14
CA PRO A 81 35.08 -14.24 -11.48
C PRO A 81 33.65 -14.17 -12.01
N HIS A 82 32.70 -14.07 -11.10
CA HIS A 82 31.27 -13.95 -11.43
C HIS A 82 30.73 -12.70 -10.74
N LEU A 83 30.91 -11.56 -11.40
CA LEU A 83 30.47 -10.28 -10.86
C LEU A 83 29.19 -9.86 -11.57
N ALA A 84 28.29 -9.22 -10.83
CA ALA A 84 27.06 -8.72 -11.42
C ALA A 84 27.37 -7.70 -12.50
N GLY A 85 26.73 -7.85 -13.65
CA GLY A 85 26.96 -6.97 -14.77
C GLY A 85 28.16 -7.32 -15.63
N THR A 86 28.82 -8.43 -15.36
CA THR A 86 29.96 -8.88 -16.16
C THR A 86 29.56 -10.00 -17.10
N GLU A 87 30.38 -10.23 -18.11
CA GLU A 87 30.07 -11.24 -19.12
C GLU A 87 30.09 -12.64 -18.54
N GLN A 88 31.04 -12.93 -17.64
CA GLN A 88 31.13 -14.27 -17.08
C GLN A 88 29.88 -14.65 -16.29
N ASN A 89 29.26 -13.67 -15.62
CA ASN A 89 28.00 -13.95 -14.94
C ASN A 89 26.91 -14.33 -15.94
N PHE A 90 26.88 -13.65 -17.10
CA PHE A 90 25.92 -14.00 -18.13
C PHE A 90 26.17 -15.42 -18.66
N GLN A 91 27.43 -15.78 -18.86
CA GLN A 91 27.74 -17.14 -19.30
C GLN A 91 27.31 -18.17 -18.26
N LEU A 92 27.54 -17.87 -16.98
CA LEU A 92 27.11 -18.78 -15.92
C LEU A 92 25.59 -18.92 -15.90
N ALA A 93 24.87 -17.81 -16.11
CA ALA A 93 23.42 -17.87 -16.16
C ALA A 93 22.95 -18.74 -17.33
N LYS A 94 23.58 -18.59 -18.49
CA LYS A 94 23.22 -19.44 -19.63
C LYS A 94 23.48 -20.90 -19.33
N GLN A 95 24.62 -21.21 -18.71
CA GLN A 95 24.94 -22.59 -18.36
C GLN A 95 23.92 -23.17 -17.38
N ILE A 96 23.54 -22.38 -16.37
CA ILE A 96 22.56 -22.82 -15.40
C ILE A 96 21.21 -23.08 -16.07
N GLN A 97 20.81 -22.18 -16.97
CA GLN A 97 19.55 -22.37 -17.68
C GLN A 97 19.56 -23.66 -18.50
N SER A 98 20.66 -23.90 -19.22
CA SER A 98 20.74 -25.11 -20.05
C SER A 98 20.73 -26.36 -19.19
N GLN A 99 21.47 -26.34 -18.08
CA GLN A 99 21.53 -27.54 -17.23
C GLN A 99 20.19 -27.80 -16.55
N TRP A 100 19.45 -26.74 -16.19
CA TRP A 100 18.12 -26.94 -15.62
C TRP A 100 17.15 -27.47 -16.67
N LYS A 101 17.25 -26.98 -17.91
CA LYS A 101 16.44 -27.56 -18.98
C LYS A 101 16.74 -29.04 -19.15
N GLU A 102 18.02 -29.41 -19.08
CA GLU A 102 18.40 -30.81 -19.17
C GLU A 102 17.78 -31.59 -18.00
N PHE A 103 17.85 -31.04 -16.79
CA PHE A 103 17.44 -31.77 -15.60
C PHE A 103 15.99 -32.25 -15.70
N GLY A 104 15.13 -31.43 -16.30
CA GLY A 104 13.76 -31.89 -16.51
C GLY A 104 12.68 -30.83 -16.39
N LEU A 105 13.03 -29.62 -15.97
CA LEU A 105 12.03 -28.58 -15.79
C LEU A 105 11.32 -28.26 -17.09
N ASP A 106 10.03 -27.95 -16.98
CA ASP A 106 9.21 -27.73 -18.17
C ASP A 106 9.68 -26.52 -18.96
N SER A 107 10.00 -25.42 -18.28
CA SER A 107 10.41 -24.20 -18.97
C SER A 107 11.36 -23.41 -18.08
N VAL A 108 12.50 -23.03 -18.63
CA VAL A 108 13.47 -22.19 -17.94
C VAL A 108 13.71 -20.96 -18.80
N GLU A 109 13.63 -19.78 -18.20
CA GLU A 109 13.71 -18.53 -18.92
C GLU A 109 14.56 -17.53 -18.15
N LEU A 110 14.96 -16.47 -18.84
CA LEU A 110 15.82 -15.42 -18.31
C LEU A 110 15.04 -14.12 -18.22
N ALA A 111 15.14 -13.45 -17.08
CA ALA A 111 14.50 -12.15 -16.86
C ALA A 111 15.60 -11.12 -16.61
N HIS A 112 15.66 -10.08 -17.44
CA HIS A 112 16.74 -9.10 -17.37
C HIS A 112 16.20 -7.75 -16.93
N TYR A 113 16.99 -7.07 -16.09
CA TYR A 113 16.65 -5.75 -15.60
C TYR A 113 17.87 -4.84 -15.67
N ASP A 114 17.65 -3.59 -16.07
CA ASP A 114 18.71 -2.60 -16.14
C ASP A 114 18.72 -1.80 -14.84
N VAL A 115 19.75 -2.03 -14.01
CA VAL A 115 19.84 -1.40 -12.70
C VAL A 115 21.18 -0.70 -12.57
N LEU A 116 21.26 0.20 -11.59
CA LEU A 116 22.47 0.98 -11.35
C LEU A 116 23.45 0.17 -10.53
N LEU A 117 24.65 -0.04 -11.07
CA LEU A 117 25.75 -0.68 -10.38
C LEU A 117 26.93 0.27 -10.34
N SER A 118 27.97 -0.12 -9.60
CA SER A 118 29.16 0.70 -9.46
C SER A 118 30.41 -0.17 -9.62
N TYR A 119 31.39 0.36 -10.33
CA TYR A 119 32.65 -0.34 -10.57
C TYR A 119 33.82 0.60 -10.36
N PRO A 120 34.97 0.09 -9.94
CA PRO A 120 36.18 0.91 -9.91
C PRO A 120 36.65 1.25 -11.31
N ASN A 121 37.40 2.34 -11.41
CA ASN A 121 38.03 2.73 -12.67
C ASN A 121 39.36 1.99 -12.77
N LYS A 122 39.42 1.00 -13.65
CA LYS A 122 40.63 0.18 -13.76
C LYS A 122 41.83 1.00 -14.23
N THR A 123 41.59 1.98 -15.10
CA THR A 123 42.69 2.81 -15.58
C THR A 123 43.25 3.67 -14.47
N HIS A 124 42.41 4.10 -13.53
CA HIS A 124 42.80 4.98 -12.43
C HIS A 124 42.37 4.33 -11.13
N PRO A 125 43.13 3.34 -10.65
CA PRO A 125 42.67 2.54 -9.51
C PRO A 125 42.56 3.36 -8.24
N ASN A 126 41.65 2.93 -7.37
CA ASN A 126 41.41 3.61 -6.11
C ASN A 126 42.47 3.24 -5.09
N TYR A 127 42.87 4.22 -4.28
CA TYR A 127 43.82 3.99 -3.19
C TYR A 127 43.78 5.18 -2.25
N ILE A 128 44.38 5.00 -1.08
CA ILE A 128 44.48 6.03 -0.06
C ILE A 128 45.96 6.23 0.25
N SER A 129 46.41 7.49 0.25
CA SER A 129 47.83 7.78 0.38
C SER A 129 48.08 8.80 1.48
N ILE A 130 49.10 8.55 2.28
CA ILE A 130 49.60 9.52 3.23
C ILE A 130 50.56 10.46 2.50
N ILE A 131 50.24 11.76 2.50
CA ILE A 131 50.94 12.77 1.75
C ILE A 131 51.51 13.78 2.74
N ASN A 132 52.79 14.11 2.58
CA ASN A 132 53.48 15.03 3.48
C ASN A 132 53.06 16.46 3.19
N GLU A 133 53.71 17.42 3.86
CA GLU A 133 53.38 18.82 3.68
C GLU A 133 53.78 19.34 2.30
N ASP A 134 54.66 18.65 1.59
CA ASP A 134 55.13 19.07 0.29
C ASP A 134 54.32 18.44 -0.84
N GLY A 135 53.21 17.76 -0.53
CA GLY A 135 52.37 17.16 -1.55
C GLY A 135 52.99 15.99 -2.29
N ASN A 136 53.71 15.13 -1.57
CA ASN A 136 54.27 13.91 -2.14
C ASN A 136 53.64 12.70 -1.49
N GLU A 137 53.34 11.68 -2.30
CA GLU A 137 52.71 10.45 -1.82
C GLU A 137 53.77 9.63 -1.08
N ILE A 138 54.03 10.03 0.17
CA ILE A 138 55.07 9.35 0.95
C ILE A 138 54.63 7.98 1.42
N PHE A 139 53.34 7.68 1.40
CA PHE A 139 52.88 6.34 1.74
C PHE A 139 51.66 6.00 0.89
N ASN A 140 51.61 4.76 0.40
CA ASN A 140 50.48 4.29 -0.39
C ASN A 140 49.95 2.98 0.19
N THR A 141 48.67 2.73 -0.04
CA THR A 141 48.06 1.46 0.33
C THR A 141 48.08 0.51 -0.86
N SER A 142 47.78 -0.76 -0.58
CA SER A 142 47.81 -1.78 -1.62
C SER A 142 46.76 -1.48 -2.68
N LEU A 143 47.15 -1.65 -3.94
CA LEU A 143 46.25 -1.43 -5.07
C LEU A 143 45.42 -2.65 -5.42
N PHE A 144 45.79 -3.83 -4.94
CA PHE A 144 45.07 -5.04 -5.25
C PHE A 144 45.37 -6.10 -4.20
N GLU A 145 44.36 -6.90 -3.89
CA GLU A 145 44.56 -8.02 -2.96
C GLU A 145 45.47 -9.06 -3.60
N PRO A 146 46.44 -9.59 -2.85
CA PRO A 146 47.33 -10.61 -3.40
C PRO A 146 46.54 -11.85 -3.81
N PRO A 147 46.67 -12.29 -5.07
CA PRO A 147 45.85 -13.40 -5.53
C PRO A 147 46.19 -14.68 -4.79
N PRO A 148 45.21 -15.55 -4.56
CA PRO A 148 45.48 -16.82 -3.88
C PRO A 148 46.27 -17.75 -4.78
N PRO A 149 46.98 -18.73 -4.20
CA PRO A 149 47.72 -19.68 -5.03
C PRO A 149 46.79 -20.44 -5.97
N GLY A 150 47.28 -20.68 -7.18
CA GLY A 150 46.49 -21.35 -8.20
C GLY A 150 45.60 -20.44 -9.03
N TYR A 151 45.55 -19.16 -8.71
CA TYR A 151 44.72 -18.21 -9.45
C TYR A 151 45.50 -16.98 -9.89
N GLU A 152 46.83 -17.06 -9.96
CA GLU A 152 47.63 -15.91 -10.34
C GLU A 152 47.32 -15.47 -11.76
N ASN A 153 47.15 -16.41 -12.67
CA ASN A 153 46.86 -16.09 -14.06
C ASN A 153 45.41 -15.72 -14.29
N VAL A 154 44.54 -15.85 -13.28
CA VAL A 154 43.14 -15.49 -13.43
C VAL A 154 43.01 -13.97 -13.54
N SER A 155 42.28 -13.52 -14.55
CA SER A 155 42.05 -12.10 -14.77
C SER A 155 40.66 -11.72 -14.28
N ASP A 156 40.26 -10.48 -14.56
CA ASP A 156 38.94 -9.95 -14.24
C ASP A 156 38.66 -9.92 -12.74
N ILE A 157 39.71 -9.80 -11.92
CA ILE A 157 39.56 -9.70 -10.48
C ILE A 157 39.58 -8.21 -10.12
N VAL A 158 38.41 -7.66 -9.84
CA VAL A 158 38.34 -6.23 -9.48
C VAL A 158 38.98 -6.04 -8.11
N PRO A 159 39.73 -4.97 -7.90
CA PRO A 159 40.33 -4.73 -6.59
C PRO A 159 39.26 -4.46 -5.55
N PRO A 160 39.57 -4.60 -4.27
CA PRO A 160 38.57 -4.32 -3.23
C PRO A 160 38.08 -2.88 -3.33
N PHE A 161 36.78 -2.71 -3.14
CA PHE A 161 36.16 -1.38 -3.22
C PHE A 161 34.79 -1.44 -2.55
N SER A 162 34.26 -0.26 -2.28
CA SER A 162 32.91 -0.12 -1.73
C SER A 162 31.98 0.37 -2.83
N ALA A 163 30.94 -0.41 -3.11
CA ALA A 163 30.04 -0.08 -4.21
C ALA A 163 29.26 1.20 -3.91
N PHE A 164 29.03 1.99 -4.95
CA PHE A 164 28.28 3.24 -4.92
C PHE A 164 28.97 4.33 -4.10
N SER A 165 30.25 4.16 -3.77
CA SER A 165 30.97 5.21 -3.06
C SER A 165 31.13 6.42 -3.98
N PRO A 166 30.78 7.62 -3.52
CA PRO A 166 30.89 8.79 -4.39
C PRO A 166 32.32 9.12 -4.73
N GLN A 167 32.52 9.64 -5.95
CA GLN A 167 33.84 10.01 -6.43
C GLN A 167 34.33 11.28 -5.74
N GLY A 168 35.64 11.36 -5.57
CA GLY A 168 36.23 12.56 -5.00
C GLY A 168 37.67 12.32 -4.60
N MET A 169 38.31 13.39 -4.16
CA MET A 169 39.69 13.36 -3.68
C MET A 169 39.78 14.08 -2.33
N PRO A 170 39.11 13.56 -1.30
CA PRO A 170 39.15 14.23 0.00
C PRO A 170 40.54 14.17 0.61
N GLU A 171 40.88 15.20 1.38
CA GLU A 171 42.17 15.26 2.05
C GLU A 171 41.97 15.98 3.39
N GLY A 172 42.46 15.36 4.45
CA GLY A 172 42.31 15.96 5.77
C GLY A 172 42.82 15.04 6.85
N ASP A 173 42.59 15.45 8.09
CA ASP A 173 43.02 14.69 9.26
C ASP A 173 42.06 13.52 9.51
N LEU A 174 42.37 12.71 10.51
CA LEU A 174 41.59 11.52 10.81
C LEU A 174 41.34 11.40 12.30
N VAL A 175 40.21 10.77 12.63
CA VAL A 175 39.85 10.42 13.99
C VAL A 175 39.41 8.96 14.01
N TYR A 176 39.45 8.36 15.18
CA TYR A 176 39.06 6.97 15.36
C TYR A 176 37.64 6.92 15.92
N VAL A 177 36.73 6.32 15.17
CA VAL A 177 35.31 6.27 15.55
C VAL A 177 34.89 4.85 15.94
N ASN A 178 35.83 3.94 16.10
CA ASN A 178 35.58 2.55 16.53
C ASN A 178 34.62 1.92 15.52
N TYR A 179 33.53 1.29 15.96
CA TYR A 179 32.62 0.60 15.06
C TYR A 179 31.70 1.53 14.29
N ALA A 180 31.88 2.85 14.44
CA ALA A 180 31.11 3.87 13.72
C ALA A 180 29.61 3.79 14.02
N ARG A 181 29.24 3.21 15.17
CA ARG A 181 27.85 3.24 15.58
C ARG A 181 27.49 4.63 16.11
N THR A 182 26.18 4.85 16.27
CA THR A 182 25.72 6.13 16.80
C THR A 182 26.27 6.39 18.20
N GLU A 183 26.40 5.34 19.01
N GLU A 183 26.40 5.33 19.00
CA GLU A 183 26.94 5.53 20.36
CA GLU A 183 26.95 5.47 20.35
C GLU A 183 28.40 5.95 20.33
C GLU A 183 28.39 5.94 20.31
N ASP A 184 29.17 5.44 19.36
CA ASP A 184 30.57 5.85 19.26
C ASP A 184 30.69 7.33 18.93
N PHE A 185 29.88 7.82 17.99
CA PHE A 185 29.87 9.25 17.69
C PHE A 185 29.39 10.06 18.89
N PHE A 186 28.36 9.55 19.58
CA PHE A 186 27.88 10.17 20.82
C PHE A 186 29.03 10.39 21.80
N LYS A 187 29.77 9.31 22.08
CA LYS A 187 30.88 9.38 23.03
C LYS A 187 31.99 10.29 22.56
N LEU A 188 32.37 10.20 21.28
CA LEU A 188 33.50 10.97 20.80
C LEU A 188 33.18 12.45 20.62
N GLU A 189 31.91 12.82 20.49
CA GLU A 189 31.55 14.20 20.24
C GLU A 189 31.11 14.92 21.52
N ARG A 190 30.13 14.37 22.24
CA ARG A 190 29.68 15.08 23.44
C ARG A 190 30.66 14.96 24.60
N ASP A 191 31.43 13.86 24.67
CA ASP A 191 32.22 13.64 25.88
C ASP A 191 33.63 14.20 25.76
N MET A 192 34.44 13.70 24.82
CA MET A 192 35.80 14.21 24.69
C MET A 192 35.92 15.32 23.65
N LYS A 193 34.79 15.83 23.16
CA LYS A 193 34.76 17.10 22.42
C LYS A 193 35.65 17.05 21.18
N ILE A 194 35.28 16.19 20.25
CA ILE A 194 35.95 16.06 18.97
C ILE A 194 34.93 16.31 17.86
N ASN A 195 35.16 17.36 17.07
CA ASN A 195 34.27 17.68 15.96
C ASN A 195 34.73 16.90 14.73
N CYS A 196 33.97 15.86 14.38
CA CYS A 196 34.32 15.03 13.24
C CYS A 196 34.12 15.73 11.90
N SER A 197 33.49 16.91 11.89
CA SER A 197 33.29 17.64 10.66
C SER A 197 34.62 18.00 10.03
N GLY A 198 34.71 17.83 8.71
CA GLY A 198 35.93 18.10 7.99
C GLY A 198 37.09 17.19 8.34
N LYS A 199 36.80 15.91 8.60
CA LYS A 199 37.83 14.93 8.94
C LYS A 199 37.59 13.65 8.16
N ILE A 200 38.62 12.81 8.09
CA ILE A 200 38.54 11.51 7.45
C ILE A 200 38.50 10.42 8.52
N VAL A 201 37.30 10.01 8.92
CA VAL A 201 37.15 9.10 10.04
C VAL A 201 37.68 7.72 9.66
N ILE A 202 38.27 7.04 10.64
CA ILE A 202 38.70 5.65 10.51
C ILE A 202 37.73 4.79 11.32
N ALA A 203 37.34 3.65 10.75
CA ALA A 203 36.33 2.81 11.38
C ALA A 203 36.63 1.35 11.05
N ARG A 204 36.12 0.47 11.92
CA ARG A 204 36.29 -0.96 11.75
C ARG A 204 34.97 -1.61 11.34
N TYR A 205 35.06 -2.71 10.61
CA TYR A 205 33.88 -3.52 10.36
C TYR A 205 33.37 -4.10 11.67
N GLY A 206 32.07 -4.20 11.81
CA GLY A 206 31.49 -4.64 13.06
C GLY A 206 30.05 -5.10 12.95
N LYS A 207 29.33 -4.99 14.07
CA LYS A 207 28.00 -5.56 14.17
C LYS A 207 27.00 -4.83 13.29
N VAL A 208 27.00 -3.50 13.33
CA VAL A 208 26.04 -2.74 12.55
C VAL A 208 26.40 -2.82 11.06
N PHE A 209 25.40 -2.68 10.21
CA PHE A 209 25.60 -2.75 8.78
C PHE A 209 26.39 -1.53 8.30
N ARG A 210 27.21 -1.74 7.27
CA ARG A 210 28.15 -0.72 6.83
C ARG A 210 27.45 0.53 6.32
N GLY A 211 26.26 0.38 5.74
CA GLY A 211 25.49 1.54 5.35
C GLY A 211 25.14 2.43 6.52
N ASN A 212 24.80 1.83 7.65
CA ASN A 212 24.57 2.60 8.86
C ASN A 212 25.84 3.31 9.30
N LYS A 213 26.99 2.65 9.15
CA LYS A 213 28.26 3.28 9.49
C LYS A 213 28.51 4.52 8.65
N VAL A 214 28.32 4.41 7.34
CA VAL A 214 28.61 5.54 6.47
C VAL A 214 27.60 6.67 6.70
N LYS A 215 26.32 6.33 6.95
CA LYS A 215 25.35 7.38 7.22
C LYS A 215 25.63 8.07 8.55
N ASN A 216 26.07 7.31 9.57
CA ASN A 216 26.44 7.92 10.85
C ASN A 216 27.63 8.84 10.69
N ALA A 217 28.61 8.45 9.88
CA ALA A 217 29.72 9.36 9.62
C ALA A 217 29.29 10.55 8.78
N GLN A 218 28.25 10.38 7.96
CA GLN A 218 27.73 11.48 7.15
C GLN A 218 27.09 12.54 8.03
N LEU A 219 26.24 12.14 8.96
CA LEU A 219 25.54 13.11 9.80
C LEU A 219 26.50 13.85 10.72
N ALA A 220 27.70 13.33 10.93
CA ALA A 220 28.72 14.00 11.74
C ALA A 220 29.62 14.92 10.92
N GLY A 221 29.39 15.03 9.61
CA GLY A 221 30.15 15.95 8.79
C GLY A 221 31.51 15.48 8.35
N ALA A 222 31.82 14.19 8.51
CA ALA A 222 33.13 13.68 8.15
C ALA A 222 33.36 13.80 6.64
N LYS A 223 34.59 14.15 6.27
CA LYS A 223 34.95 14.25 4.86
C LYS A 223 34.87 12.88 4.18
N GLY A 224 35.38 11.85 4.84
CA GLY A 224 35.39 10.52 4.26
C GLY A 224 35.54 9.46 5.32
N VAL A 225 35.16 8.24 4.94
CA VAL A 225 35.18 7.08 5.83
C VAL A 225 36.11 6.03 5.24
N ILE A 226 36.87 5.37 6.10
CA ILE A 226 37.72 4.26 5.69
C ILE A 226 37.43 3.09 6.61
N LEU A 227 37.00 1.97 6.04
CA LEU A 227 36.59 0.80 6.80
C LEU A 227 37.65 -0.29 6.67
N TYR A 228 38.05 -0.86 7.80
CA TYR A 228 39.00 -1.97 7.81
C TYR A 228 38.44 -3.09 8.67
N SER A 229 38.84 -4.32 8.33
CA SER A 229 38.41 -5.51 9.05
C SER A 229 39.43 -5.80 10.13
N ASP A 230 39.09 -5.46 11.38
CA ASP A 230 40.03 -5.65 12.48
C ASP A 230 40.23 -7.14 12.74
N PRO A 231 41.46 -7.55 13.09
CA PRO A 231 41.68 -8.96 13.44
C PRO A 231 40.85 -9.43 14.61
N ALA A 232 40.55 -8.54 15.57
CA ALA A 232 39.75 -8.93 16.71
C ALA A 232 38.33 -9.33 16.33
N ASP A 233 37.85 -8.87 15.17
CA ASP A 233 36.51 -9.19 14.72
C ASP A 233 36.48 -10.25 13.63
N TYR A 234 37.61 -10.54 13.01
CA TYR A 234 37.61 -11.53 11.94
C TYR A 234 38.67 -12.61 12.10
N PHE A 235 39.84 -12.26 12.61
CA PHE A 235 40.92 -13.25 12.76
C PHE A 235 40.60 -14.16 13.94
N ALA A 236 40.18 -15.39 13.63
CA ALA A 236 39.87 -16.35 14.67
C ALA A 236 41.14 -16.79 15.39
N PRO A 237 41.07 -17.04 16.69
CA PRO A 237 42.25 -17.49 17.43
C PRO A 237 42.71 -18.87 16.99
N GLY A 238 44.01 -19.10 17.07
CA GLY A 238 44.59 -20.41 16.80
C GLY A 238 44.71 -20.84 15.36
N VAL A 239 43.65 -20.70 14.57
CA VAL A 239 43.66 -21.16 13.20
C VAL A 239 44.61 -20.31 12.37
N LYS A 240 45.36 -20.95 11.47
CA LYS A 240 46.31 -20.25 10.62
C LYS A 240 45.57 -19.42 9.58
N SER A 241 46.33 -18.56 8.91
CA SER A 241 45.78 -17.74 7.84
C SER A 241 45.80 -18.51 6.53
N TYR A 242 44.96 -18.05 5.59
CA TYR A 242 44.88 -18.69 4.29
C TYR A 242 46.22 -18.54 3.57
N PRO A 243 46.66 -19.57 2.82
CA PRO A 243 46.01 -20.84 2.53
C PRO A 243 46.33 -21.95 3.52
N ASP A 244 47.05 -21.66 4.61
CA ASP A 244 47.31 -22.68 5.61
C ASP A 244 46.05 -23.01 6.40
N GLY A 245 45.29 -21.99 6.78
CA GLY A 245 44.03 -22.18 7.48
C GLY A 245 42.89 -21.51 6.76
N TRP A 246 42.01 -20.84 7.50
CA TRP A 246 40.92 -20.10 6.88
C TRP A 246 40.78 -18.69 7.46
N ASN A 247 41.82 -18.16 8.09
CA ASN A 247 41.79 -16.81 8.63
C ASN A 247 42.08 -15.78 7.55
N LEU A 248 41.66 -14.55 7.80
CA LEU A 248 41.89 -13.46 6.86
C LEU A 248 43.33 -12.99 6.97
N PRO A 249 44.12 -13.04 5.90
CA PRO A 249 45.48 -12.50 5.96
C PRO A 249 45.47 -10.98 5.95
N GLY A 250 46.66 -10.41 6.13
CA GLY A 250 46.79 -8.96 6.18
C GLY A 250 46.35 -8.28 4.90
N GLY A 251 46.61 -8.91 3.75
CA GLY A 251 46.16 -8.35 2.49
C GLY A 251 44.67 -8.53 2.26
N GLY A 252 44.01 -9.37 3.05
CA GLY A 252 42.60 -9.61 2.86
C GLY A 252 41.77 -8.36 3.12
N VAL A 253 40.87 -8.03 2.20
CA VAL A 253 40.00 -6.88 2.31
C VAL A 253 38.57 -7.33 1.99
N GLN A 254 37.61 -6.82 2.76
CA GLN A 254 36.21 -7.21 2.62
C GLN A 254 35.46 -6.17 1.79
N ARG A 255 34.76 -6.63 0.76
CA ARG A 255 34.00 -5.76 -0.11
C ARG A 255 32.54 -5.70 0.31
N GLY A 256 31.82 -4.71 -0.21
CA GLY A 256 30.40 -4.59 0.07
C GLY A 256 29.88 -3.24 -0.36
N ASN A 257 28.56 -3.14 -0.37
CA ASN A 257 27.87 -1.91 -0.72
C ASN A 257 27.54 -1.10 0.53
N ILE A 258 27.49 0.22 0.37
CA ILE A 258 27.39 1.14 1.50
C ILE A 258 26.15 2.02 1.39
N LEU A 259 25.08 1.48 0.83
CA LEU A 259 23.87 2.25 0.58
C LEU A 259 22.70 1.74 1.41
N ASN A 260 21.80 2.65 1.78
CA ASN A 260 20.64 2.36 2.62
C ASN A 260 19.40 2.40 1.74
N LEU A 261 19.05 1.25 1.16
CA LEU A 261 17.92 1.15 0.25
C LEU A 261 16.57 1.13 0.97
N ASN A 262 16.53 0.62 2.20
CA ASN A 262 15.28 0.45 2.94
C ASN A 262 14.28 -0.39 2.15
N GLY A 263 14.79 -1.45 1.51
CA GLY A 263 13.94 -2.36 0.78
C GLY A 263 13.37 -1.83 -0.52
N ALA A 264 14.00 -0.81 -1.11
CA ALA A 264 13.49 -0.21 -2.33
C ALA A 264 13.98 -0.89 -3.59
N GLY A 265 15.02 -1.71 -3.51
CA GLY A 265 15.55 -2.34 -4.71
C GLY A 265 16.43 -1.38 -5.47
N ASP A 266 16.20 -1.28 -6.77
CA ASP A 266 16.96 -0.37 -7.62
C ASP A 266 16.83 1.07 -7.09
N PRO A 267 17.93 1.76 -6.80
CA PRO A 267 17.81 3.12 -6.25
C PRO A 267 17.12 4.10 -7.17
N LEU A 268 17.07 3.83 -8.48
CA LEU A 268 16.45 4.74 -9.42
C LEU A 268 14.99 4.40 -9.75
N THR A 269 14.54 3.19 -9.43
CA THR A 269 13.16 2.76 -9.68
C THR A 269 12.59 2.12 -8.43
N PRO A 270 12.31 2.90 -7.39
CA PRO A 270 11.75 2.33 -6.15
C PRO A 270 10.27 2.02 -6.33
N GLY A 271 9.90 0.76 -6.06
CA GLY A 271 8.52 0.33 -6.07
C GLY A 271 8.04 -0.25 -7.38
N TYR A 272 8.78 -0.09 -8.48
CA TYR A 272 8.38 -0.60 -9.77
C TYR A 272 9.58 -1.24 -10.44
N PRO A 273 9.35 -2.23 -11.30
CA PRO A 273 10.47 -2.95 -11.91
C PRO A 273 11.26 -2.08 -12.87
N ALA A 274 12.56 -2.37 -12.94
CA ALA A 274 13.47 -1.64 -13.82
C ALA A 274 13.49 -2.30 -15.19
N ASN A 275 12.39 -2.12 -15.92
CA ASN A 275 12.24 -2.68 -17.25
C ASN A 275 12.99 -1.81 -18.26
N GLU A 276 12.78 -2.07 -19.55
CA GLU A 276 13.42 -1.31 -20.59
C GLU A 276 12.74 0.04 -20.84
N TYR A 277 11.53 0.23 -20.33
CA TYR A 277 10.82 1.50 -20.46
C TYR A 277 10.69 2.24 -19.13
N ALA A 278 11.43 1.81 -18.12
CA ALA A 278 11.35 2.44 -16.81
C ALA A 278 11.90 3.86 -16.86
N TYR A 279 11.31 4.73 -16.04
CA TYR A 279 11.79 6.09 -15.87
C TYR A 279 12.63 6.14 -14.60
N ARG A 280 13.88 6.58 -14.72
CA ARG A 280 14.82 6.58 -13.62
C ARG A 280 15.07 8.02 -13.16
N ARG A 281 15.00 8.22 -11.85
CA ARG A 281 15.20 9.54 -11.28
C ARG A 281 16.65 9.98 -11.40
N GLY A 282 16.89 11.26 -11.16
CA GLY A 282 18.24 11.77 -11.16
C GLY A 282 19.07 11.20 -10.02
N ILE A 283 20.38 11.19 -10.24
CA ILE A 283 21.29 10.64 -9.23
C ILE A 283 21.25 11.48 -7.95
N ALA A 284 20.94 12.76 -8.07
CA ALA A 284 20.90 13.63 -6.90
C ALA A 284 19.81 13.19 -5.91
N GLU A 285 18.64 12.83 -6.42
CA GLU A 285 17.52 12.43 -5.59
C GLU A 285 17.41 10.92 -5.45
N ALA A 286 18.51 10.19 -5.62
CA ALA A 286 18.47 8.75 -5.51
C ALA A 286 18.24 8.32 -4.06
N VAL A 287 17.92 7.05 -3.88
CA VAL A 287 17.54 6.50 -2.58
C VAL A 287 18.75 5.81 -1.98
N GLY A 288 19.21 6.32 -0.85
CA GLY A 288 20.27 5.68 -0.08
C GLY A 288 21.68 5.90 -0.59
N LEU A 289 21.86 6.69 -1.63
CA LEU A 289 23.20 6.91 -2.17
C LEU A 289 24.04 7.72 -1.19
N PRO A 290 25.26 7.28 -0.88
CA PRO A 290 26.09 8.01 0.08
C PRO A 290 26.58 9.33 -0.49
N SER A 291 27.17 10.14 0.39
CA SER A 291 27.64 11.47 0.03
C SER A 291 29.13 11.69 0.26
N ILE A 292 29.81 10.80 0.98
CA ILE A 292 31.23 10.97 1.22
C ILE A 292 31.96 9.68 0.82
N PRO A 293 33.20 9.77 0.35
CA PRO A 293 33.88 8.57 -0.15
C PRO A 293 34.17 7.57 0.96
N VAL A 294 34.12 6.29 0.59
CA VAL A 294 34.43 5.19 1.50
C VAL A 294 35.27 4.16 0.74
N HIS A 295 36.29 3.62 1.41
CA HIS A 295 37.17 2.64 0.79
C HIS A 295 37.57 1.58 1.79
N PRO A 296 37.44 0.29 1.45
CA PRO A 296 37.85 -0.77 2.37
C PRO A 296 39.34 -1.02 2.33
N ILE A 297 39.88 -1.46 3.47
CA ILE A 297 41.31 -1.60 3.66
C ILE A 297 41.58 -2.84 4.53
N GLY A 298 42.61 -3.60 4.18
CA GLY A 298 43.03 -4.71 5.01
C GLY A 298 43.89 -4.26 6.18
N TYR A 299 43.96 -5.11 7.21
CA TYR A 299 44.57 -4.64 8.46
C TYR A 299 46.08 -4.47 8.36
N TYR A 300 46.73 -5.05 7.35
CA TYR A 300 48.15 -4.74 7.14
C TYR A 300 48.33 -3.28 6.76
N ASP A 301 47.48 -2.77 5.86
CA ASP A 301 47.57 -1.37 5.48
C ASP A 301 47.23 -0.46 6.66
N ALA A 302 46.23 -0.85 7.46
CA ALA A 302 45.88 -0.04 8.62
C ALA A 302 46.99 -0.04 9.66
N GLN A 303 47.68 -1.17 9.83
CA GLN A 303 48.77 -1.23 10.81
C GLN A 303 49.84 -0.20 10.49
N LYS A 304 50.11 0.04 9.21
CA LYS A 304 50.99 1.11 8.76
C LYS A 304 50.24 2.40 8.48
N LEU A 305 49.09 2.61 9.14
CA LEU A 305 48.29 3.81 8.94
C LEU A 305 47.84 4.48 10.24
N LEU A 306 47.75 3.76 11.35
CA LEU A 306 47.24 4.32 12.60
C LEU A 306 48.27 4.33 13.72
N GLU A 307 49.56 4.23 13.41
CA GLU A 307 50.56 4.33 14.47
C GLU A 307 50.85 5.79 14.80
N LYS A 308 51.01 6.63 13.77
CA LYS A 308 51.33 8.03 14.01
C LYS A 308 50.16 8.79 14.61
N MET A 309 48.93 8.34 14.35
CA MET A 309 47.74 9.03 14.84
C MET A 309 47.79 9.18 16.35
N GLY A 310 47.81 10.43 16.80
CA GLY A 310 47.91 10.72 18.22
C GLY A 310 46.84 11.71 18.65
N GLY A 311 46.67 11.79 19.95
CA GLY A 311 45.68 12.67 20.54
C GLY A 311 45.09 12.04 21.79
N SER A 312 43.77 12.14 21.91
CA SER A 312 43.08 11.58 23.07
C SER A 312 43.16 10.07 23.07
N ALA A 313 43.38 9.50 24.26
CA ALA A 313 43.39 8.06 24.40
C ALA A 313 41.99 7.50 24.20
N PRO A 314 41.86 6.25 23.79
CA PRO A 314 40.53 5.65 23.60
C PRO A 314 39.75 5.63 24.90
N PRO A 315 38.44 5.86 24.84
CA PRO A 315 37.65 5.92 26.08
C PRO A 315 37.66 4.62 26.87
N ASP A 316 37.73 3.47 26.20
CA ASP A 316 37.66 2.19 26.88
C ASP A 316 38.33 1.13 26.02
N SER A 317 38.58 -0.02 26.62
CA SER A 317 39.19 -1.13 25.90
C SER A 317 38.30 -1.64 24.78
N SER A 318 37.00 -1.36 24.82
CA SER A 318 36.12 -1.77 23.74
C SER A 318 36.50 -1.10 22.42
N TRP A 319 37.05 0.12 22.49
CA TRP A 319 37.46 0.81 21.28
C TRP A 319 38.75 0.23 20.70
N ARG A 320 39.64 -0.25 21.55
CA ARG A 320 40.90 -0.81 21.08
C ARG A 320 40.67 -2.14 20.36
N GLY A 321 41.62 -2.49 19.51
CA GLY A 321 41.55 -3.74 18.76
C GLY A 321 42.73 -4.65 19.04
N SER A 322 42.89 -5.69 18.24
CA SER A 322 43.97 -6.66 18.45
C SER A 322 45.29 -6.21 17.83
N LEU A 323 45.28 -5.15 17.01
CA LEU A 323 46.50 -4.71 16.36
C LEU A 323 47.45 -4.06 17.37
N LYS A 324 48.73 -4.02 17.01
CA LYS A 324 49.75 -3.36 17.82
C LYS A 324 49.79 -1.88 17.45
N VAL A 325 48.68 -1.21 17.74
CA VAL A 325 48.47 0.18 17.35
C VAL A 325 48.02 0.95 18.58
N PRO A 326 48.53 2.16 18.82
CA PRO A 326 48.08 2.93 20.00
C PRO A 326 46.60 3.21 19.99
N TYR A 327 45.98 3.28 18.82
CA TYR A 327 44.54 3.50 18.68
C TYR A 327 44.11 4.81 19.34
N ASN A 328 44.91 5.85 19.15
CA ASN A 328 44.54 7.17 19.64
C ASN A 328 43.38 7.71 18.82
N VAL A 329 42.35 8.22 19.51
CA VAL A 329 41.19 8.76 18.81
C VAL A 329 41.37 10.22 18.42
N GLY A 330 42.39 10.90 18.95
CA GLY A 330 42.60 12.29 18.67
C GLY A 330 43.01 12.55 17.23
N PRO A 331 42.62 13.71 16.70
CA PRO A 331 43.01 14.06 15.32
C PRO A 331 44.45 14.54 15.27
N GLY A 332 45.22 13.96 14.36
CA GLY A 332 46.60 14.37 14.17
C GLY A 332 47.60 13.23 14.25
N PHE A 333 48.64 13.29 13.42
CA PHE A 333 49.69 12.28 13.42
C PHE A 333 50.78 12.62 14.44
N THR A 334 50.37 12.78 15.70
CA THR A 334 51.29 13.08 16.79
C THR A 334 52.16 14.30 16.49
N PHE A 337 54.85 14.84 15.03
CA PHE A 337 54.99 14.86 13.58
C PHE A 337 53.78 15.66 13.11
N SER A 338 52.71 14.96 12.72
CA SER A 338 51.40 15.57 12.44
C SER A 338 51.48 16.74 11.46
N THR A 339 52.44 16.73 10.54
CA THR A 339 52.54 17.74 9.49
C THR A 339 52.15 17.20 8.12
N GLN A 340 51.38 16.11 8.08
CA GLN A 340 50.98 15.47 6.84
C GLN A 340 49.51 15.09 6.94
N LYS A 341 48.89 14.85 5.78
CA LYS A 341 47.48 14.50 5.73
C LYS A 341 47.27 13.34 4.78
N VAL A 342 46.16 12.64 4.98
CA VAL A 342 45.80 11.53 4.11
C VAL A 342 44.93 12.05 2.98
N LYS A 343 45.00 11.39 1.84
CA LYS A 343 44.24 11.78 0.65
C LYS A 343 43.70 10.52 0.00
N MET A 344 42.40 10.51 -0.26
CA MET A 344 41.74 9.36 -0.87
C MET A 344 41.55 9.62 -2.37
N HIS A 345 41.58 8.54 -3.14
CA HIS A 345 41.57 8.61 -4.61
C HIS A 345 40.47 7.72 -5.17
N ILE A 346 39.26 7.86 -4.63
CA ILE A 346 38.13 7.07 -5.11
C ILE A 346 37.76 7.58 -6.50
N HIS A 347 37.92 6.72 -7.52
CA HIS A 347 37.51 7.03 -8.88
C HIS A 347 36.40 6.12 -9.35
N SER A 348 35.61 5.59 -8.41
CA SER A 348 34.53 4.67 -8.75
C SER A 348 33.47 5.36 -9.59
N THR A 349 32.88 4.60 -10.51
CA THR A 349 31.85 5.09 -11.41
C THR A 349 30.58 4.29 -11.24
N ASN A 350 29.45 4.99 -11.34
CA ASN A 350 28.13 4.37 -11.27
C ASN A 350 27.48 4.43 -12.65
N GLU A 351 27.02 3.27 -13.13
CA GLU A 351 26.39 3.21 -14.44
C GLU A 351 25.28 2.17 -14.42
N VAL A 352 24.36 2.29 -15.38
CA VAL A 352 23.25 1.37 -15.50
C VAL A 352 23.70 0.18 -16.36
N THR A 353 23.65 -1.01 -15.77
CA THR A 353 24.01 -2.25 -16.46
C THR A 353 22.90 -3.27 -16.28
N ARG A 354 22.93 -4.29 -17.12
CA ARG A 354 21.88 -5.29 -17.19
C ARG A 354 22.23 -6.51 -16.33
N ILE A 355 21.25 -7.02 -15.60
CA ILE A 355 21.39 -8.21 -14.78
C ILE A 355 20.34 -9.23 -15.22
N TYR A 356 20.67 -10.51 -15.05
CA TYR A 356 19.84 -11.60 -15.53
C TYR A 356 19.52 -12.56 -14.40
N ASN A 357 18.25 -12.92 -14.26
CA ASN A 357 17.78 -13.90 -13.30
C ASN A 357 17.25 -15.11 -14.05
N VAL A 358 17.49 -16.30 -13.49
CA VAL A 358 17.07 -17.56 -14.10
C VAL A 358 15.84 -18.07 -13.35
N ILE A 359 14.77 -18.34 -14.09
CA ILE A 359 13.52 -18.82 -13.51
C ILE A 359 13.12 -20.11 -14.21
N GLY A 360 13.02 -21.19 -13.46
CA GLY A 360 12.60 -22.48 -14.00
C GLY A 360 11.32 -22.94 -13.35
N THR A 361 10.47 -23.60 -14.11
CA THR A 361 9.12 -23.96 -13.68
C THR A 361 8.95 -25.47 -13.68
N LEU A 362 8.35 -25.99 -12.61
CA LEU A 362 7.87 -27.37 -12.53
C LEU A 362 6.38 -27.27 -12.20
N ARG A 363 5.55 -27.39 -13.23
CA ARG A 363 4.12 -27.16 -13.08
C ARG A 363 3.48 -28.23 -12.21
N GLY A 364 2.57 -27.81 -11.33
CA GLY A 364 1.86 -28.75 -10.50
C GLY A 364 0.81 -29.54 -11.26
N ALA A 365 0.41 -30.67 -10.67
CA ALA A 365 -0.56 -31.55 -11.31
C ALA A 365 -1.99 -31.25 -10.88
N VAL A 366 -2.22 -31.01 -9.59
CA VAL A 366 -3.56 -30.78 -9.06
C VAL A 366 -3.84 -29.30 -8.85
N GLU A 367 -2.87 -28.56 -8.33
CA GLU A 367 -3.05 -27.14 -8.00
C GLU A 367 -1.98 -26.31 -8.69
N PRO A 368 -2.11 -26.09 -10.00
CA PRO A 368 -1.15 -25.22 -10.70
C PRO A 368 -1.24 -23.76 -10.31
N ASP A 369 -2.13 -23.39 -9.40
CA ASP A 369 -2.29 -22.01 -8.96
C ASP A 369 -1.42 -21.66 -7.76
N ARG A 370 -0.70 -22.63 -7.20
CA ARG A 370 0.06 -22.43 -5.97
C ARG A 370 1.55 -22.46 -6.29
N TYR A 371 2.26 -21.42 -5.87
CA TYR A 371 3.67 -21.25 -6.18
C TYR A 371 4.51 -21.49 -4.93
N VAL A 372 5.41 -22.47 -4.99
CA VAL A 372 6.43 -22.69 -3.97
C VAL A 372 7.78 -22.42 -4.62
N ILE A 373 8.51 -21.43 -4.10
CA ILE A 373 9.68 -20.88 -4.77
C ILE A 373 10.93 -21.24 -3.98
N LEU A 374 11.94 -21.73 -4.69
CA LEU A 374 13.26 -21.98 -4.14
C LEU A 374 14.27 -21.14 -4.92
N GLY A 375 15.08 -20.36 -4.21
CA GLY A 375 15.93 -19.42 -4.93
C GLY A 375 17.17 -19.02 -4.15
N GLY A 376 18.04 -18.31 -4.86
CA GLY A 376 19.28 -17.80 -4.30
C GLY A 376 19.97 -16.98 -5.37
N HIS A 377 21.04 -16.32 -4.97
CA HIS A 377 21.74 -15.46 -5.93
C HIS A 377 22.94 -16.16 -6.52
N ARG A 378 23.39 -15.64 -7.66
CA ARG A 378 24.45 -16.23 -8.46
C ARG A 378 25.68 -15.35 -8.58
N ASP A 379 25.56 -14.04 -8.40
CA ASP A 379 26.70 -13.16 -8.48
C ASP A 379 27.68 -13.41 -7.33
N SER A 380 28.86 -12.82 -7.47
CA SER A 380 29.87 -12.90 -6.42
C SER A 380 30.82 -11.72 -6.58
N TRP A 381 31.59 -11.45 -5.54
CA TRP A 381 32.57 -10.36 -5.63
C TRP A 381 33.76 -10.79 -6.48
N VAL A 382 34.40 -11.89 -6.12
CA VAL A 382 35.46 -12.44 -6.96
C VAL A 382 35.21 -13.90 -7.30
N PHE A 383 35.15 -14.78 -6.31
CA PHE A 383 34.99 -16.21 -6.55
C PHE A 383 33.72 -16.77 -5.91
N GLY A 384 33.51 -16.51 -4.63
CA GLY A 384 32.31 -16.99 -3.97
C GLY A 384 32.30 -18.47 -3.66
N GLY A 385 33.40 -19.01 -3.14
CA GLY A 385 33.42 -20.40 -2.74
C GLY A 385 32.36 -20.73 -1.70
N ILE A 386 31.97 -19.74 -0.90
CA ILE A 386 30.91 -19.89 0.09
C ILE A 386 29.68 -19.07 -0.31
N ASP A 387 29.84 -17.76 -0.46
CA ASP A 387 28.74 -16.89 -0.84
C ASP A 387 28.84 -16.59 -2.33
N PRO A 388 27.94 -17.12 -3.17
CA PRO A 388 26.81 -17.99 -2.86
C PRO A 388 26.90 -19.39 -3.46
N GLN A 389 27.99 -19.73 -4.16
CA GLN A 389 27.98 -20.94 -4.99
C GLN A 389 27.83 -22.21 -4.17
N SER A 390 28.17 -22.18 -2.89
CA SER A 390 27.92 -23.34 -2.04
C SER A 390 26.43 -23.61 -1.87
N GLY A 391 25.59 -22.61 -2.14
CA GLY A 391 24.15 -22.81 -2.14
C GLY A 391 23.61 -23.05 -3.54
N ALA A 392 24.29 -22.46 -4.54
CA ALA A 392 23.88 -22.68 -5.92
C ALA A 392 24.07 -24.14 -6.33
N ALA A 393 25.15 -24.77 -5.86
CA ALA A 393 25.34 -26.19 -6.12
C ALA A 393 24.23 -27.02 -5.48
N VAL A 394 23.82 -26.65 -4.26
CA VAL A 394 22.72 -27.34 -3.59
C VAL A 394 21.44 -27.19 -4.40
N VAL A 395 21.16 -25.98 -4.89
CA VAL A 395 19.97 -25.77 -5.70
C VAL A 395 20.04 -26.61 -6.97
N HIS A 396 21.21 -26.68 -7.60
CA HIS A 396 21.35 -27.48 -8.80
C HIS A 396 21.07 -28.96 -8.53
N GLU A 397 21.59 -29.49 -7.43
CA GLU A 397 21.33 -30.88 -7.09
C GLU A 397 19.86 -31.13 -6.82
N ILE A 398 19.21 -30.21 -6.10
CA ILE A 398 17.78 -30.35 -5.82
C ILE A 398 16.98 -30.33 -7.11
N VAL A 399 17.32 -29.42 -8.02
CA VAL A 399 16.62 -29.32 -9.30
C VAL A 399 16.81 -30.59 -10.11
N ARG A 400 18.02 -31.14 -10.12
CA ARG A 400 18.26 -32.38 -10.85
C ARG A 400 17.43 -33.53 -10.28
N SER A 401 17.39 -33.63 -8.95
CA SER A 401 16.61 -34.70 -8.32
C SER A 401 15.13 -34.57 -8.68
N PHE A 402 14.60 -33.35 -8.58
CA PHE A 402 13.19 -33.13 -8.92
C PHE A 402 12.94 -33.43 -10.39
N GLY A 403 13.90 -33.08 -11.25
CA GLY A 403 13.73 -33.32 -12.68
C GLY A 403 13.67 -34.79 -13.03
N THR A 404 14.58 -35.60 -12.46
CA THR A 404 14.49 -37.03 -12.71
C THR A 404 13.25 -37.64 -12.07
N LEU A 405 12.82 -37.10 -10.92
CA LEU A 405 11.56 -37.55 -10.34
C LEU A 405 10.41 -37.29 -11.29
N LYS A 406 10.38 -36.12 -11.93
CA LYS A 406 9.38 -35.83 -12.94
C LYS A 406 9.49 -36.77 -14.13
N LYS A 407 10.72 -37.05 -14.55
CA LYS A 407 10.94 -37.91 -15.71
C LYS A 407 10.41 -39.31 -15.47
N GLU A 408 10.53 -39.81 -14.23
CA GLU A 408 9.93 -41.10 -13.91
C GLU A 408 8.42 -41.09 -14.03
N GLY A 409 7.79 -39.92 -13.98
CA GLY A 409 6.35 -39.83 -14.14
C GLY A 409 5.67 -39.01 -13.07
N TRP A 410 6.36 -38.80 -11.95
CA TRP A 410 5.80 -38.07 -10.83
C TRP A 410 5.71 -36.57 -11.14
N ARG A 411 4.79 -35.90 -10.45
CA ARG A 411 4.58 -34.46 -10.60
C ARG A 411 3.83 -33.95 -9.37
N PRO A 412 4.28 -32.86 -8.76
CA PRO A 412 3.67 -32.40 -7.51
C PRO A 412 2.31 -31.76 -7.75
N ARG A 413 1.57 -31.60 -6.65
CA ARG A 413 0.27 -30.92 -6.73
C ARG A 413 0.44 -29.46 -7.12
N ARG A 414 1.42 -28.79 -6.54
CA ARG A 414 1.58 -27.35 -6.68
C ARG A 414 2.80 -27.03 -7.55
N THR A 415 2.80 -25.83 -8.11
CA THR A 415 3.91 -25.37 -8.93
C THR A 415 5.14 -25.14 -8.07
N ILE A 416 6.31 -25.43 -8.64
CA ILE A 416 7.59 -25.17 -8.00
C ILE A 416 8.41 -24.29 -8.91
N LEU A 417 8.83 -23.14 -8.41
CA LEU A 417 9.65 -22.20 -9.15
C LEU A 417 11.06 -22.21 -8.58
N PHE A 418 12.05 -22.39 -9.45
CA PHE A 418 13.46 -22.37 -9.07
C PHE A 418 14.08 -21.09 -9.58
N ALA A 419 14.79 -20.37 -8.70
CA ALA A 419 15.25 -19.03 -9.00
C ALA A 419 16.75 -18.92 -8.78
N SER A 420 17.41 -18.20 -9.69
CA SER A 420 18.80 -17.80 -9.56
C SER A 420 18.85 -16.29 -9.72
N TRP A 421 19.19 -15.59 -8.63
CA TRP A 421 19.12 -14.14 -8.56
C TRP A 421 20.45 -13.50 -8.98
N ASP A 422 20.36 -12.24 -9.37
CA ASP A 422 21.52 -11.46 -9.81
C ASP A 422 21.57 -10.15 -9.04
N ALA A 423 22.76 -9.55 -9.00
CA ALA A 423 22.98 -8.25 -8.39
C ALA A 423 22.54 -8.21 -6.93
N GLU A 424 22.62 -9.34 -6.23
CA GLU A 424 22.23 -9.37 -4.83
C GLU A 424 23.27 -8.69 -3.95
N GLU A 425 24.55 -8.86 -4.27
CA GLU A 425 25.60 -8.21 -3.49
C GLU A 425 25.62 -6.70 -3.70
N PHE A 426 24.87 -6.19 -4.66
CA PHE A 426 24.78 -4.76 -4.93
C PHE A 426 23.52 -4.14 -4.33
N GLY A 427 22.80 -4.86 -3.47
CA GLY A 427 21.61 -4.31 -2.86
C GLY A 427 20.32 -5.06 -3.15
N LEU A 428 20.43 -6.38 -3.37
CA LEU A 428 19.28 -7.24 -3.65
C LEU A 428 18.51 -6.76 -4.87
N LEU A 429 19.25 -6.37 -5.91
CA LEU A 429 18.62 -5.76 -7.08
C LEU A 429 18.01 -6.77 -8.04
N GLY A 430 18.18 -8.07 -7.81
CA GLY A 430 17.60 -9.05 -8.70
C GLY A 430 16.28 -9.61 -8.21
N SER A 431 16.25 -10.06 -6.96
CA SER A 431 15.02 -10.62 -6.40
C SER A 431 13.95 -9.53 -6.24
N THR A 432 14.36 -8.34 -5.80
CA THR A 432 13.39 -7.28 -5.55
C THR A 432 12.70 -6.85 -6.85
N GLU A 433 13.47 -6.71 -7.92
CA GLU A 433 12.86 -6.28 -9.19
C GLU A 433 11.93 -7.36 -9.74
N TRP A 434 12.31 -8.63 -9.63
CA TRP A 434 11.46 -9.71 -10.10
C TRP A 434 10.16 -9.78 -9.29
N ALA A 435 10.25 -9.59 -7.97
CA ALA A 435 9.04 -9.58 -7.17
C ALA A 435 8.17 -8.37 -7.46
N GLU A 436 8.80 -7.22 -7.73
CA GLU A 436 8.03 -6.03 -8.10
C GLU A 436 7.29 -6.24 -9.41
N GLU A 437 7.93 -6.91 -10.38
CA GLU A 437 7.24 -7.24 -11.62
C GLU A 437 6.08 -8.21 -11.39
N ASN A 438 6.29 -9.19 -10.52
CA ASN A 438 5.30 -10.24 -10.26
C ASN A 438 4.64 -10.06 -8.89
N SER A 439 4.37 -8.81 -8.51
CA SER A 439 3.79 -8.55 -7.20
C SER A 439 2.40 -9.17 -7.07
N ARG A 440 1.57 -9.02 -8.09
CA ARG A 440 0.19 -9.48 -8.01
C ARG A 440 0.12 -11.00 -8.01
N LEU A 441 0.88 -11.65 -8.89
CA LEU A 441 0.85 -13.11 -8.96
C LEU A 441 1.29 -13.73 -7.65
N LEU A 442 2.37 -13.20 -7.04
CA LEU A 442 2.84 -13.74 -5.77
C LEU A 442 1.90 -13.40 -4.64
N GLN A 443 1.31 -12.20 -4.67
CA GLN A 443 0.38 -11.79 -3.61
C GLN A 443 -0.85 -12.70 -3.59
N GLU A 444 -1.38 -13.03 -4.75
CA GLU A 444 -2.59 -13.85 -4.80
C GLU A 444 -2.30 -15.35 -4.90
N ARG A 445 -1.04 -15.77 -5.10
CA ARG A 445 -0.74 -17.17 -5.35
C ARG A 445 0.44 -17.72 -4.56
N GLY A 446 1.35 -16.89 -4.06
CA GLY A 446 2.56 -17.39 -3.45
C GLY A 446 2.29 -18.10 -2.15
N VAL A 447 2.59 -19.40 -2.08
CA VAL A 447 2.42 -20.16 -0.84
C VAL A 447 3.58 -19.90 0.11
N ALA A 448 4.80 -20.15 -0.36
CA ALA A 448 5.98 -20.02 0.47
C ALA A 448 7.19 -19.80 -0.42
N TYR A 449 8.26 -19.29 0.18
CA TYR A 449 9.52 -19.05 -0.50
C TYR A 449 10.65 -19.60 0.34
N ILE A 450 11.56 -20.34 -0.29
CA ILE A 450 12.72 -20.89 0.38
C ILE A 450 13.98 -20.32 -0.28
N ASN A 451 14.86 -19.76 0.53
CA ASN A 451 16.08 -19.12 0.06
C ASN A 451 17.26 -20.03 0.35
N ALA A 452 18.06 -20.30 -0.68
CA ALA A 452 19.26 -21.10 -0.55
C ALA A 452 20.46 -20.24 -0.89
N ASP A 453 21.38 -20.10 0.07
CA ASP A 453 22.54 -19.25 -0.11
C ASP A 453 23.56 -19.60 0.97
N SER A 454 24.79 -19.91 0.56
CA SER A 454 25.87 -20.21 1.47
C SER A 454 25.48 -21.35 2.42
N SER A 455 25.30 -22.52 1.82
CA SER A 455 24.86 -23.69 2.58
C SER A 455 25.78 -23.96 3.76
N ILE A 456 27.06 -23.66 3.62
CA ILE A 456 28.05 -23.90 4.66
C ILE A 456 28.59 -22.56 5.14
N GLU A 457 28.60 -22.37 6.47
CA GLU A 457 29.31 -21.27 7.09
C GLU A 457 30.07 -21.76 8.32
N GLY A 458 30.13 -23.06 8.52
CA GLY A 458 30.71 -23.68 9.70
C GLY A 458 30.25 -25.12 9.78
N ASN A 459 30.93 -25.88 10.61
CA ASN A 459 30.67 -27.32 10.69
C ASN A 459 30.18 -27.72 12.07
N TYR A 460 29.34 -26.89 12.68
CA TYR A 460 28.87 -27.13 14.04
C TYR A 460 27.37 -27.40 14.11
N THR A 461 26.53 -26.50 13.62
CA THR A 461 25.09 -26.63 13.82
C THR A 461 24.35 -26.32 12.53
N LEU A 462 23.09 -26.73 12.49
CA LEU A 462 22.16 -26.35 11.45
C LEU A 462 21.27 -25.23 11.98
N ARG A 463 21.36 -24.05 11.38
CA ARG A 463 20.53 -22.93 11.75
C ARG A 463 19.39 -22.79 10.75
N VAL A 464 18.20 -22.49 11.29
CA VAL A 464 17.01 -22.28 10.48
C VAL A 464 16.34 -21.00 10.97
N ASP A 465 15.94 -20.14 10.04
CA ASP A 465 15.17 -18.94 10.36
C ASP A 465 14.01 -18.84 9.40
N CYS A 466 12.80 -18.75 9.95
CA CYS A 466 11.59 -18.76 9.13
C CYS A 466 10.44 -18.15 9.91
N THR A 467 9.31 -17.99 9.24
CA THR A 467 8.10 -17.55 9.89
C THR A 467 7.57 -18.67 10.80
N PRO A 468 6.84 -18.32 11.86
CA PRO A 468 6.36 -19.36 12.79
C PRO A 468 5.49 -20.41 12.13
N LEU A 469 4.78 -20.06 11.06
CA LEU A 469 3.94 -21.03 10.36
C LEU A 469 4.74 -22.23 9.87
N MET A 470 6.05 -22.08 9.72
CA MET A 470 6.91 -23.15 9.27
C MET A 470 7.37 -24.07 10.40
N TYR A 471 7.40 -23.57 11.65
CA TYR A 471 8.18 -24.23 12.71
C TYR A 471 7.85 -25.72 12.79
N SER A 472 6.57 -26.06 12.92
CA SER A 472 6.19 -27.44 13.14
C SER A 472 6.72 -28.35 12.05
N LEU A 473 6.55 -27.94 10.78
CA LEU A 473 6.99 -28.79 9.68
C LEU A 473 8.47 -29.09 9.78
N VAL A 474 9.26 -28.11 10.21
CA VAL A 474 10.70 -28.34 10.33
C VAL A 474 10.97 -29.46 11.33
N HIS A 475 10.28 -29.42 12.47
CA HIS A 475 10.43 -30.48 13.46
C HIS A 475 10.00 -31.83 12.88
N ASN A 476 9.04 -31.82 11.96
CA ASN A 476 8.66 -33.05 11.29
C ASN A 476 9.68 -33.45 10.22
N LEU A 477 10.30 -32.47 9.57
CA LEU A 477 11.23 -32.77 8.49
C LEU A 477 12.55 -33.29 9.02
N THR A 478 13.08 -32.67 10.07
CA THR A 478 14.40 -33.05 10.56
C THR A 478 14.40 -34.38 11.30
N LYS A 479 13.25 -34.88 11.70
CA LYS A 479 13.20 -36.17 12.39
C LYS A 479 13.40 -37.34 11.44
N GLU A 480 13.34 -37.12 10.13
CA GLU A 480 13.56 -38.17 9.15
C GLU A 480 14.97 -38.17 8.57
N LEU A 481 15.52 -37.00 8.27
CA LEU A 481 16.84 -36.92 7.68
C LEU A 481 17.90 -37.32 8.70
N LYS A 482 18.98 -37.93 8.21
CA LYS A 482 20.06 -38.40 9.05
C LYS A 482 20.99 -37.25 9.42
N SER A 483 21.42 -37.23 10.68
CA SER A 483 22.35 -36.23 11.15
C SER A 483 23.76 -36.51 10.61
N PRO A 484 24.38 -35.56 9.92
CA PRO A 484 25.74 -35.76 9.42
C PRO A 484 26.85 -35.37 10.39
N ASP A 485 26.51 -34.85 11.57
CA ASP A 485 27.51 -34.31 12.48
C ASP A 485 28.43 -35.40 12.97
N GLU A 486 29.62 -34.99 13.43
CA GLU A 486 30.54 -35.91 14.08
C GLU A 486 29.92 -36.39 15.38
N GLY A 487 30.05 -37.69 15.63
CA GLY A 487 29.26 -38.28 16.69
C GLY A 487 27.81 -38.35 16.26
N PHE A 488 26.94 -38.62 17.24
CA PHE A 488 25.50 -38.69 17.00
C PHE A 488 25.17 -39.65 15.86
N GLU A 489 25.98 -40.70 15.70
CA GLU A 489 25.84 -41.60 14.57
C GLU A 489 24.62 -42.50 14.75
N GLY A 490 23.85 -42.66 13.68
CA GLY A 490 22.60 -43.39 13.72
C GLY A 490 21.40 -42.56 14.12
N LYS A 491 21.59 -41.32 14.51
CA LYS A 491 20.50 -40.48 14.98
C LYS A 491 19.98 -39.57 13.86
N SER A 492 18.75 -39.12 14.02
CA SER A 492 18.16 -38.21 13.06
C SER A 492 18.75 -36.82 13.20
N LEU A 493 18.59 -36.02 12.15
CA LEU A 493 19.07 -34.64 12.18
C LEU A 493 18.42 -33.83 13.30
N TYR A 494 17.16 -34.14 13.60
CA TYR A 494 16.46 -33.39 14.64
C TYR A 494 17.14 -33.53 15.99
N GLU A 495 17.57 -34.76 16.33
CA GLU A 495 18.19 -34.98 17.63
C GLU A 495 19.48 -34.19 17.77
N SER A 496 20.35 -34.25 16.75
CA SER A 496 21.60 -33.52 16.81
C SER A 496 21.37 -32.01 16.83
N TRP A 497 20.43 -31.53 16.02
CA TRP A 497 20.14 -30.10 16.00
C TRP A 497 19.63 -29.63 17.35
N THR A 498 18.73 -30.40 17.97
CA THR A 498 18.23 -30.03 19.29
C THR A 498 19.34 -30.06 20.34
N LYS A 499 20.22 -31.07 20.27
CA LYS A 499 21.29 -31.17 21.25
C LYS A 499 22.28 -30.02 21.13
N LYS A 500 22.62 -29.62 19.91
CA LYS A 500 23.65 -28.61 19.69
C LYS A 500 23.09 -27.20 19.57
N SER A 501 21.77 -27.02 19.61
CA SER A 501 21.20 -25.68 19.56
C SER A 501 19.83 -25.67 20.20
N PRO A 502 19.75 -25.82 21.53
CA PRO A 502 18.45 -25.90 22.18
C PRO A 502 17.74 -24.56 22.22
N SER A 503 16.41 -24.61 22.25
CA SER A 503 15.63 -23.39 22.43
C SER A 503 15.54 -23.03 23.90
N PRO A 504 15.66 -21.75 24.25
CA PRO A 504 15.56 -21.36 25.66
C PRO A 504 14.20 -21.68 26.27
N GLU A 505 13.12 -21.57 25.49
CA GLU A 505 11.78 -21.77 26.04
C GLU A 505 11.50 -23.25 26.30
N PHE A 506 11.90 -24.13 25.38
CA PHE A 506 11.65 -25.56 25.49
C PHE A 506 12.96 -26.31 25.36
N SER A 507 13.28 -27.13 26.36
CA SER A 507 14.55 -27.84 26.36
C SER A 507 14.63 -28.86 25.22
N GLY A 508 13.54 -29.57 24.97
CA GLY A 508 13.52 -30.61 23.95
C GLY A 508 13.25 -30.16 22.55
N MET A 509 13.13 -28.86 22.32
CA MET A 509 12.83 -28.32 21.01
C MET A 509 14.00 -27.48 20.51
N PRO A 510 14.42 -27.64 19.26
CA PRO A 510 15.51 -26.82 18.73
C PRO A 510 15.07 -25.38 18.54
N ARG A 511 16.05 -24.49 18.59
CA ARG A 511 15.79 -23.06 18.44
C ARG A 511 15.73 -22.68 16.97
N ILE A 512 14.71 -21.92 16.60
CA ILE A 512 14.57 -21.36 15.27
C ILE A 512 14.58 -19.85 15.40
N SER A 513 15.52 -19.20 14.70
CA SER A 513 15.70 -17.77 14.85
C SER A 513 14.71 -17.00 13.98
N LYS A 514 14.55 -15.72 14.30
CA LYS A 514 13.66 -14.86 13.53
C LYS A 514 14.25 -14.58 12.16
N LEU A 515 13.37 -14.28 11.21
CA LEU A 515 13.77 -14.02 9.83
C LEU A 515 14.14 -12.56 9.68
N GLY A 516 15.31 -12.22 10.21
CA GLY A 516 15.81 -10.87 10.08
C GLY A 516 16.22 -10.55 8.65
N SER A 517 16.02 -9.30 8.27
CA SER A 517 16.26 -8.88 6.89
C SER A 517 17.75 -8.88 6.58
N GLY A 518 18.06 -8.81 5.27
CA GLY A 518 19.43 -8.73 4.83
C GLY A 518 19.75 -9.55 3.59
N ASN A 519 18.78 -10.31 3.09
CA ASN A 519 19.04 -11.19 1.96
C ASN A 519 17.82 -11.20 1.05
N ASP A 520 17.77 -12.18 0.14
CA ASP A 520 16.80 -12.16 -0.95
C ASP A 520 15.36 -12.32 -0.50
N PHE A 521 15.13 -12.93 0.67
CA PHE A 521 13.76 -13.15 1.13
C PHE A 521 13.04 -11.86 1.49
N GLU A 522 13.77 -10.75 1.61
CA GLU A 522 13.20 -9.48 2.07
C GLU A 522 11.90 -9.15 1.35
N VAL A 523 11.98 -8.98 0.03
CA VAL A 523 10.82 -8.54 -0.74
C VAL A 523 9.69 -9.56 -0.66
N PHE A 524 10.01 -10.83 -0.42
CA PHE A 524 8.98 -11.85 -0.31
C PHE A 524 8.38 -11.94 1.08
N PHE A 525 9.01 -11.33 2.07
CA PHE A 525 8.52 -11.43 3.45
C PHE A 525 8.25 -10.07 4.08
N GLN A 526 9.05 -9.06 3.78
CA GLN A 526 8.85 -7.74 4.36
C GLN A 526 7.91 -6.86 3.56
N ARG A 527 7.68 -7.18 2.28
CA ARG A 527 6.77 -6.39 1.46
C ARG A 527 5.55 -7.18 1.02
N LEU A 528 5.74 -8.33 0.37
CA LEU A 528 4.59 -9.09 -0.11
C LEU A 528 3.91 -9.87 1.01
N GLY A 529 4.69 -10.39 1.96
CA GLY A 529 4.12 -11.15 3.06
C GLY A 529 3.89 -12.60 2.73
N ILE A 530 4.91 -13.25 2.17
CA ILE A 530 4.85 -14.67 1.83
C ILE A 530 5.77 -15.43 2.77
N ALA A 531 5.27 -16.54 3.31
CA ALA A 531 6.01 -17.31 4.31
C ALA A 531 7.36 -17.76 3.78
N SER A 532 8.43 -17.22 4.35
CA SER A 532 9.78 -17.48 3.85
C SER A 532 10.60 -18.21 4.90
N GLY A 533 11.53 -19.03 4.43
CA GLY A 533 12.38 -19.81 5.31
C GLY A 533 13.78 -19.94 4.75
N ARG A 534 14.73 -20.14 5.67
CA ARG A 534 16.13 -20.29 5.31
C ARG A 534 16.77 -21.31 6.23
N ALA A 535 17.62 -22.16 5.66
CA ALA A 535 18.36 -23.16 6.41
C ALA A 535 19.80 -23.18 5.93
N ARG A 536 20.74 -23.32 6.88
CA ARG A 536 22.15 -23.35 6.53
C ARG A 536 22.90 -24.05 7.65
N TYR A 537 24.19 -24.29 7.42
CA TYR A 537 25.09 -24.77 8.47
C TYR A 537 25.99 -23.64 8.93
N THR A 538 26.08 -23.47 10.24
CA THR A 538 26.83 -22.38 10.84
C THR A 538 27.65 -22.92 12.01
N LYS A 539 28.35 -22.00 12.67
CA LYS A 539 29.31 -22.33 13.72
C LYS A 539 28.67 -22.16 15.11
N ASN A 540 29.46 -22.41 16.14
CA ASN A 540 29.03 -22.18 17.51
C ASN A 540 28.97 -20.69 17.80
N TRP A 541 27.99 -20.29 18.61
CA TRP A 541 27.87 -18.89 18.99
C TRP A 541 28.40 -18.60 20.39
N GLU A 542 28.44 -19.60 21.27
CA GLU A 542 28.95 -19.39 22.62
C GLU A 542 30.47 -19.44 22.70
N THR A 543 31.14 -19.94 21.66
CA THR A 543 32.59 -20.04 21.65
C THR A 543 33.26 -19.25 20.54
N ASN A 544 32.59 -19.02 19.43
CA ASN A 544 33.14 -18.25 18.31
C ASN A 544 32.60 -16.83 18.40
N LYS A 545 33.43 -15.91 18.87
CA LYS A 545 33.00 -14.53 19.05
C LYS A 545 32.84 -13.80 17.73
N PHE A 546 33.68 -14.11 16.75
CA PHE A 546 33.67 -13.39 15.48
C PHE A 546 32.37 -13.62 14.73
N SER A 547 32.01 -12.65 13.90
CA SER A 547 30.76 -12.68 13.13
C SER A 547 31.04 -13.20 11.72
N GLY A 548 30.20 -14.14 11.27
CA GLY A 548 30.40 -14.71 9.96
C GLY A 548 31.68 -15.52 9.88
N TYR A 549 32.23 -15.62 8.68
CA TYR A 549 33.51 -16.28 8.52
C TYR A 549 34.60 -15.27 8.18
N PRO A 550 35.84 -15.52 8.58
CA PRO A 550 36.89 -14.50 8.39
C PRO A 550 37.07 -14.09 6.94
N LEU A 551 36.99 -15.04 6.00
CA LEU A 551 37.17 -14.74 4.58
C LEU A 551 35.84 -14.43 3.92
N TYR A 552 35.16 -13.42 4.47
CA TYR A 552 33.87 -12.99 3.96
C TYR A 552 34.07 -11.84 3.00
N HIS A 553 33.53 -11.97 1.79
CA HIS A 553 33.65 -10.98 0.72
C HIS A 553 35.10 -10.70 0.37
N SER A 554 35.99 -11.62 0.68
CA SER A 554 37.42 -11.48 0.38
C SER A 554 37.73 -12.13 -0.96
N VAL A 555 39.02 -12.18 -1.31
CA VAL A 555 39.43 -12.83 -2.55
C VAL A 555 39.70 -14.32 -2.37
N TYR A 556 39.72 -14.81 -1.13
CA TYR A 556 40.09 -16.18 -0.83
C TYR A 556 38.89 -17.09 -0.62
N GLU A 557 37.72 -16.71 -1.14
CA GLU A 557 36.54 -17.58 -1.12
C GLU A 557 36.63 -18.54 -2.31
N THR A 558 37.57 -19.47 -2.22
CA THR A 558 37.88 -20.36 -3.31
C THR A 558 37.28 -21.75 -3.07
N TYR A 559 37.25 -22.54 -4.15
CA TYR A 559 36.77 -23.92 -4.05
C TYR A 559 37.65 -24.74 -3.11
N GLU A 560 38.96 -24.49 -3.14
CA GLU A 560 39.88 -25.21 -2.26
C GLU A 560 39.58 -24.93 -0.80
N LEU A 561 39.15 -23.71 -0.48
CA LEU A 561 38.81 -23.40 0.91
C LEU A 561 37.71 -24.32 1.43
N VAL A 562 36.62 -24.44 0.67
CA VAL A 562 35.52 -25.31 1.08
C VAL A 562 35.95 -26.77 1.07
N GLU A 563 36.69 -27.18 0.03
CA GLU A 563 37.04 -28.59 -0.12
C GLU A 563 38.07 -29.04 0.92
N LYS A 564 38.82 -28.11 1.52
CA LYS A 564 39.87 -28.48 2.46
C LYS A 564 39.51 -28.20 3.91
N PHE A 565 38.95 -27.03 4.22
CA PHE A 565 38.75 -26.64 5.61
C PHE A 565 37.30 -26.65 6.07
N TYR A 566 36.33 -26.69 5.16
CA TYR A 566 34.93 -26.60 5.54
C TYR A 566 34.17 -27.91 5.31
N ASP A 567 34.16 -28.42 4.08
CA ASP A 567 33.36 -29.58 3.72
C ASP A 567 34.21 -30.57 2.92
N PRO A 568 35.12 -31.29 3.57
CA PRO A 568 35.97 -32.24 2.83
C PRO A 568 35.18 -33.31 2.10
N MET A 569 34.08 -33.80 2.69
CA MET A 569 33.27 -34.84 2.08
C MET A 569 31.93 -34.35 1.56
N PHE A 570 31.66 -33.05 1.69
CA PHE A 570 30.41 -32.45 1.21
C PHE A 570 29.18 -33.12 1.84
N LYS A 571 29.28 -33.45 3.13
CA LYS A 571 28.15 -34.06 3.83
C LYS A 571 27.21 -33.00 4.39
N TYR A 572 27.75 -31.91 4.93
CA TYR A 572 26.90 -30.80 5.36
C TYR A 572 26.13 -30.21 4.19
N HIS A 573 26.79 -30.11 3.03
CA HIS A 573 26.09 -29.69 1.83
C HIS A 573 24.95 -30.65 1.51
N LEU A 574 25.21 -31.96 1.64
CA LEU A 574 24.18 -32.95 1.37
C LEU A 574 22.99 -32.80 2.29
N THR A 575 23.25 -32.59 3.59
CA THR A 575 22.14 -32.51 4.52
C THR A 575 21.40 -31.18 4.40
N VAL A 576 22.08 -30.10 4.03
CA VAL A 576 21.39 -28.83 3.79
C VAL A 576 20.51 -28.94 2.55
N ALA A 577 21.02 -29.60 1.51
CA ALA A 577 20.20 -29.87 0.34
C ALA A 577 19.00 -30.73 0.70
N GLN A 578 19.19 -31.73 1.56
CA GLN A 578 18.08 -32.56 1.99
C GLN A 578 17.03 -31.73 2.73
N VAL A 579 17.46 -30.84 3.63
CA VAL A 579 16.52 -30.01 4.37
C VAL A 579 15.72 -29.13 3.41
N ARG A 580 16.41 -28.41 2.53
CA ARG A 580 15.70 -27.51 1.62
C ARG A 580 14.79 -28.27 0.67
N GLY A 581 15.27 -29.38 0.12
CA GLY A 581 14.47 -30.16 -0.80
C GLY A 581 13.26 -30.78 -0.13
N GLY A 582 13.41 -31.27 1.10
CA GLY A 582 12.27 -31.77 1.83
C GLY A 582 11.25 -30.69 2.10
N MET A 583 11.73 -29.49 2.48
CA MET A 583 10.81 -28.37 2.67
C MET A 583 9.99 -28.11 1.41
N VAL A 584 10.67 -27.97 0.27
CA VAL A 584 9.95 -27.68 -0.98
C VAL A 584 9.04 -28.83 -1.38
N PHE A 585 9.51 -30.06 -1.25
CA PHE A 585 8.73 -31.23 -1.65
C PHE A 585 7.45 -31.34 -0.84
N GLU A 586 7.55 -31.18 0.48
CA GLU A 586 6.36 -31.34 1.30
C GLU A 586 5.44 -30.13 1.17
N LEU A 587 6.00 -28.94 0.91
CA LEU A 587 5.14 -27.79 0.70
C LEU A 587 4.42 -27.85 -0.65
N ALA A 588 4.97 -28.57 -1.62
CA ALA A 588 4.33 -28.69 -2.92
C ALA A 588 3.57 -30.00 -3.11
N ASN A 589 3.65 -30.93 -2.16
CA ASN A 589 3.03 -32.24 -2.33
C ASN A 589 2.11 -32.64 -1.18
N SER A 590 2.01 -31.86 -0.11
CA SER A 590 1.13 -32.19 1.00
C SER A 590 -0.31 -31.86 0.64
N ILE A 591 -1.24 -32.68 1.13
CA ILE A 591 -2.65 -32.40 0.95
C ILE A 591 -3.06 -31.16 1.73
N VAL A 592 -2.62 -31.07 2.98
CA VAL A 592 -2.88 -29.92 3.83
C VAL A 592 -1.56 -29.19 4.04
N LEU A 593 -1.56 -27.88 3.84
CA LEU A 593 -0.36 -27.09 3.99
C LEU A 593 0.18 -27.21 5.41
N PRO A 594 1.47 -27.48 5.59
CA PRO A 594 2.05 -27.68 6.93
C PRO A 594 2.22 -26.38 7.71
N PHE A 595 1.15 -25.58 7.76
CA PHE A 595 1.14 -24.32 8.48
C PHE A 595 0.36 -24.50 9.77
N ASP A 596 0.88 -23.92 10.87
CA ASP A 596 0.26 -24.02 12.18
C ASP A 596 0.19 -22.63 12.79
N CYS A 597 -1.02 -22.07 12.88
CA CYS A 597 -1.19 -20.73 13.44
C CYS A 597 -0.95 -20.71 14.95
N ARG A 598 -1.15 -21.85 15.62
CA ARG A 598 -0.88 -21.93 17.05
C ARG A 598 0.59 -21.67 17.35
N ASP A 599 1.47 -21.89 16.37
CA ASP A 599 2.86 -21.48 16.53
C ASP A 599 3.01 -19.97 16.43
N TYR A 600 2.20 -19.34 15.59
CA TYR A 600 2.25 -17.88 15.45
C TYR A 600 1.75 -17.19 16.71
N ALA A 601 0.75 -17.79 17.37
CA ALA A 601 0.17 -17.17 18.55
C ALA A 601 1.20 -17.02 19.67
N VAL A 602 2.03 -18.04 19.88
CA VAL A 602 3.00 -18.02 20.97
C VAL A 602 4.00 -16.90 20.75
N VAL A 603 4.51 -16.78 19.53
CA VAL A 603 5.49 -15.75 19.24
C VAL A 603 4.84 -14.37 19.29
N LEU A 604 3.56 -14.28 18.94
CA LEU A 604 2.86 -13.00 19.07
C LEU A 604 2.79 -12.57 20.54
N ARG A 605 2.48 -13.51 21.43
CA ARG A 605 2.46 -13.21 22.85
C ARG A 605 3.85 -12.77 23.33
N LYS A 606 4.89 -13.48 22.88
CA LYS A 606 6.24 -13.14 23.29
C LYS A 606 6.64 -11.75 22.82
N TYR A 607 6.34 -11.43 21.56
CA TYR A 607 6.68 -10.12 21.03
C TYR A 607 5.92 -9.01 21.74
N ALA A 608 4.64 -9.24 22.04
CA ALA A 608 3.88 -8.23 22.77
C ALA A 608 4.46 -8.00 24.16
N ASP A 609 4.81 -9.08 24.86
CA ASP A 609 5.45 -8.94 26.16
C ASP A 609 6.77 -8.21 26.08
N LYS A 610 7.52 -8.38 24.98
CA LYS A 610 8.78 -7.69 24.83
C LYS A 610 8.59 -6.19 24.55
N ILE A 611 7.67 -5.86 23.64
CA ILE A 611 7.48 -4.45 23.29
C ILE A 611 6.90 -3.69 24.47
N TYR A 612 6.03 -4.33 25.25
CA TYR A 612 5.50 -3.70 26.45
C TYR A 612 6.61 -3.40 27.45
N SER A 613 7.54 -4.35 27.63
N SER A 613 7.54 -4.35 27.63
CA SER A 613 8.65 -4.13 28.55
CA SER A 613 8.65 -4.13 28.55
C SER A 613 9.57 -3.02 28.05
C SER A 613 9.57 -3.02 28.05
N ILE A 614 9.79 -2.95 26.74
CA ILE A 614 10.61 -1.87 26.20
C ILE A 614 9.94 -0.52 26.45
N SER A 615 8.63 -0.44 26.23
CA SER A 615 7.92 0.80 26.49
C SER A 615 7.91 1.16 27.96
N MET A 616 7.92 0.17 28.85
CA MET A 616 7.84 0.42 30.28
C MET A 616 9.15 0.89 30.89
N LYS A 617 10.09 1.36 30.07
CA LYS A 617 11.29 1.97 30.61
C LYS A 617 10.98 3.24 31.39
N HIS A 618 9.88 3.92 31.05
CA HIS A 618 9.47 5.16 31.72
C HIS A 618 8.02 5.02 32.17
N PRO A 619 7.76 4.24 33.22
CA PRO A 619 6.37 4.06 33.67
C PRO A 619 5.67 5.35 34.06
N GLN A 620 6.38 6.29 34.68
CA GLN A 620 5.76 7.55 35.05
C GLN A 620 5.39 8.37 33.81
N GLU A 621 6.19 8.24 32.75
CA GLU A 621 5.83 8.90 31.50
C GLU A 621 4.62 8.23 30.84
N MET A 622 4.53 6.90 30.91
CA MET A 622 3.35 6.24 30.38
C MET A 622 2.10 6.66 31.15
N LYS A 623 2.20 6.75 32.47
CA LYS A 623 1.07 7.17 33.28
C LYS A 623 0.69 8.63 33.05
N THR A 624 1.69 9.50 32.92
CA THR A 624 1.41 10.92 32.75
C THR A 624 0.66 11.20 31.45
N TYR A 625 1.07 10.57 30.35
CA TYR A 625 0.45 10.79 29.05
C TYR A 625 -0.60 9.74 28.72
N SER A 626 -0.88 8.81 29.64
CA SER A 626 -1.93 7.81 29.48
C SER A 626 -1.67 6.92 28.25
N VAL A 627 -0.58 6.16 28.36
CA VAL A 627 -0.22 5.16 27.35
C VAL A 627 -0.61 3.79 27.88
N SER A 628 -1.38 3.04 27.08
CA SER A 628 -1.86 1.73 27.49
C SER A 628 -1.69 0.74 26.34
N PHE A 629 -1.34 -0.50 26.69
CA PHE A 629 -1.15 -1.58 25.72
C PHE A 629 -2.30 -2.58 25.72
N ASP A 630 -3.42 -2.25 26.35
CA ASP A 630 -4.49 -3.23 26.53
C ASP A 630 -5.08 -3.69 25.20
N SER A 631 -5.14 -2.80 24.21
CA SER A 631 -5.68 -3.18 22.90
C SER A 631 -4.83 -4.26 22.25
N LEU A 632 -3.51 -4.12 22.32
CA LEU A 632 -2.61 -5.12 21.74
C LEU A 632 -2.76 -6.46 22.45
N PHE A 633 -2.83 -6.44 23.79
CA PHE A 633 -3.00 -7.67 24.54
C PHE A 633 -4.31 -8.36 24.19
N SER A 634 -5.39 -7.58 24.07
CA SER A 634 -6.68 -8.14 23.70
C SER A 634 -6.63 -8.75 22.30
N ALA A 635 -5.98 -8.07 21.36
CA ALA A 635 -5.87 -8.61 20.01
C ALA A 635 -5.09 -9.91 20.00
N VAL A 636 -4.01 -10.00 20.77
CA VAL A 636 -3.24 -11.23 20.83
C VAL A 636 -4.05 -12.36 21.45
N LYS A 637 -4.81 -12.06 22.51
CA LYS A 637 -5.66 -13.08 23.12
C LYS A 637 -6.70 -13.59 22.14
N ASN A 638 -7.32 -12.68 21.38
CA ASN A 638 -8.25 -13.08 20.35
C ASN A 638 -7.57 -13.96 19.31
N PHE A 639 -6.32 -13.62 18.95
CA PHE A 639 -5.58 -14.43 18.00
C PHE A 639 -5.42 -15.85 18.51
N THR A 640 -5.04 -16.00 19.77
CA THR A 640 -4.87 -17.34 20.33
C THR A 640 -6.17 -18.13 20.29
N GLU A 641 -7.27 -17.50 20.71
CA GLU A 641 -8.54 -18.23 20.75
C GLU A 641 -9.01 -18.62 19.36
N ILE A 642 -8.93 -17.69 18.40
CA ILE A 642 -9.39 -17.97 17.05
C ILE A 642 -8.52 -19.01 16.39
N ALA A 643 -7.20 -18.97 16.63
CA ALA A 643 -6.32 -19.99 16.08
C ALA A 643 -6.65 -21.36 16.64
N SER A 644 -6.96 -21.44 17.95
CA SER A 644 -7.37 -22.71 18.53
C SER A 644 -8.62 -23.24 17.83
N LYS A 645 -9.63 -22.38 17.67
CA LYS A 645 -10.87 -22.83 17.03
C LYS A 645 -10.60 -23.30 15.59
N PHE A 646 -9.77 -22.55 14.87
CA PHE A 646 -9.48 -22.89 13.48
C PHE A 646 -8.73 -24.22 13.38
N SER A 647 -7.78 -24.46 14.30
CA SER A 647 -7.04 -25.72 14.26
C SER A 647 -7.94 -26.91 14.55
N GLU A 648 -8.81 -26.79 15.55
CA GLU A 648 -9.79 -27.85 15.80
C GLU A 648 -10.71 -28.06 14.60
N ARG A 649 -11.14 -26.98 13.95
CA ARG A 649 -11.97 -27.12 12.76
C ARG A 649 -11.22 -27.86 11.65
N LEU A 650 -9.94 -27.52 11.46
CA LEU A 650 -9.13 -28.19 10.44
C LEU A 650 -8.99 -29.68 10.73
N GLN A 651 -8.75 -30.03 12.00
CA GLN A 651 -8.65 -31.44 12.36
C GLN A 651 -9.96 -32.17 12.13
N ASP A 652 -11.08 -31.56 12.52
CA ASP A 652 -12.39 -32.18 12.27
C ASP A 652 -12.66 -32.28 10.77
N PHE A 653 -12.30 -31.23 10.03
CA PHE A 653 -12.51 -31.13 8.59
C PHE A 653 -12.18 -32.43 7.85
N ASP A 654 -13.10 -32.82 6.96
CA ASP A 654 -12.88 -33.98 6.10
C ASP A 654 -12.26 -33.54 4.78
N LYS A 655 -11.24 -34.27 4.33
CA LYS A 655 -10.40 -33.87 3.22
C LYS A 655 -10.91 -34.37 1.87
N SER A 656 -12.09 -35.00 1.83
CA SER A 656 -12.58 -35.57 0.57
C SER A 656 -13.01 -34.49 -0.41
N ASN A 657 -13.71 -33.47 0.07
CA ASN A 657 -14.24 -32.43 -0.81
C ASN A 657 -13.14 -31.48 -1.24
N PRO A 658 -12.89 -31.31 -2.54
CA PRO A 658 -11.81 -30.40 -2.95
C PRO A 658 -12.19 -28.94 -2.85
N ILE A 659 -13.44 -28.58 -3.15
CA ILE A 659 -13.83 -27.18 -3.21
C ILE A 659 -13.74 -26.51 -1.84
N VAL A 660 -13.93 -27.28 -0.77
CA VAL A 660 -13.82 -26.72 0.58
C VAL A 660 -12.40 -26.91 1.13
N LEU A 661 -11.69 -27.94 0.67
CA LEU A 661 -10.28 -28.08 1.01
C LEU A 661 -9.49 -26.89 0.50
N ARG A 662 -9.85 -26.37 -0.68
CA ARG A 662 -9.17 -25.18 -1.20
C ARG A 662 -9.38 -23.99 -0.27
N MET A 663 -10.60 -23.81 0.25
CA MET A 663 -10.84 -22.72 1.20
C MET A 663 -10.05 -22.93 2.48
N MET A 664 -9.99 -24.17 2.96
CA MET A 664 -9.25 -24.45 4.18
C MET A 664 -7.77 -24.15 4.01
N ASN A 665 -7.23 -24.43 2.82
CA ASN A 665 -5.83 -24.11 2.54
C ASN A 665 -5.63 -22.62 2.32
N ASP A 666 -6.61 -21.92 1.73
CA ASP A 666 -6.49 -20.48 1.53
C ASP A 666 -6.47 -19.74 2.86
N GLN A 667 -7.26 -20.20 3.84
CA GLN A 667 -7.22 -19.56 5.15
C GLN A 667 -5.84 -19.69 5.78
N LEU A 668 -5.14 -20.79 5.52
CA LEU A 668 -3.77 -20.94 6.01
C LEU A 668 -2.80 -20.08 5.21
N MET A 669 -2.98 -20.04 3.89
CA MET A 669 -2.04 -19.33 3.03
C MET A 669 -2.07 -17.82 3.30
N PHE A 670 -3.26 -17.23 3.33
CA PHE A 670 -3.38 -15.78 3.45
C PHE A 670 -3.21 -15.29 4.88
N LEU A 671 -2.86 -16.16 5.83
CA LEU A 671 -2.62 -15.72 7.19
C LEU A 671 -1.41 -14.80 7.26
N GLU A 672 -0.35 -15.11 6.50
CA GLU A 672 0.84 -14.27 6.50
C GLU A 672 0.58 -12.91 5.85
N ARG A 673 -0.26 -12.87 4.82
CA ARG A 673 -0.59 -11.61 4.18
C ARG A 673 -1.37 -10.67 5.08
N ALA A 674 -2.00 -11.20 6.14
CA ALA A 674 -2.81 -10.39 7.03
C ALA A 674 -1.98 -9.49 7.93
N PHE A 675 -0.66 -9.68 7.98
CA PHE A 675 0.23 -8.87 8.80
C PHE A 675 0.88 -7.75 8.00
N ILE A 676 0.40 -7.48 6.79
CA ILE A 676 0.99 -6.48 5.91
C ILE A 676 0.15 -5.21 5.98
N ASP A 677 0.79 -4.10 6.32
CA ASP A 677 0.14 -2.80 6.35
C ASP A 677 0.34 -2.12 5.00
N PRO A 678 -0.73 -1.80 4.27
CA PRO A 678 -0.56 -1.19 2.94
C PRO A 678 0.17 0.15 2.95
N LEU A 679 0.19 0.85 4.09
CA LEU A 679 0.89 2.12 4.21
C LEU A 679 2.34 1.95 4.66
N GLY A 680 2.72 0.78 5.16
CA GLY A 680 4.09 0.54 5.56
C GLY A 680 4.46 1.28 6.84
N LEU A 681 5.72 1.08 7.24
CA LEU A 681 6.25 1.75 8.41
C LEU A 681 6.49 3.22 8.10
N PRO A 682 6.59 4.07 9.13
CA PRO A 682 6.79 5.50 8.88
C PRO A 682 8.08 5.76 8.09
N ASP A 683 7.93 6.52 7.00
CA ASP A 683 9.00 6.94 6.10
C ASP A 683 9.65 5.78 5.35
N ARG A 684 9.13 4.56 5.50
CA ARG A 684 9.67 3.38 4.82
C ARG A 684 8.51 2.64 4.15
N PRO A 685 8.09 3.10 2.97
CA PRO A 685 6.92 2.50 2.33
C PRO A 685 7.07 1.02 2.02
N PHE A 686 8.29 0.53 1.80
CA PHE A 686 8.50 -0.83 1.33
C PHE A 686 8.76 -1.83 2.46
N TYR A 687 8.78 -1.38 3.70
CA TYR A 687 8.78 -2.26 4.87
C TYR A 687 7.37 -2.28 5.41
N ARG A 688 6.65 -3.39 5.20
CA ARG A 688 5.23 -3.43 5.47
C ARG A 688 4.80 -4.48 6.48
N HIS A 689 5.59 -5.54 6.69
CA HIS A 689 5.21 -6.56 7.66
C HIS A 689 5.20 -5.97 9.07
N VAL A 690 4.01 -5.87 9.67
CA VAL A 690 3.88 -5.18 10.95
C VAL A 690 4.68 -5.87 12.04
N ILE A 691 4.90 -7.18 11.92
CA ILE A 691 5.55 -7.92 12.98
C ILE A 691 7.06 -7.99 12.77
N TYR A 692 7.53 -8.24 11.54
CA TYR A 692 8.92 -8.57 11.31
C TYR A 692 9.64 -7.57 10.41
N ALA A 693 9.08 -6.40 10.15
CA ALA A 693 9.78 -5.44 9.30
C ALA A 693 11.05 -4.96 10.00
N PRO A 694 12.09 -4.64 9.24
CA PRO A 694 13.33 -4.14 9.85
C PRO A 694 13.09 -2.82 10.56
N SER A 695 13.79 -2.64 11.67
CA SER A 695 13.71 -1.40 12.43
C SER A 695 14.67 -0.37 11.85
N SER A 696 14.40 0.90 12.14
CA SER A 696 15.31 1.96 11.72
C SER A 696 16.65 1.89 12.44
N HIS A 697 16.75 1.07 13.48
CA HIS A 697 17.96 0.84 14.24
C HIS A 697 18.25 -0.66 14.31
N ASN A 698 18.16 -1.33 13.16
CA ASN A 698 18.17 -2.77 13.10
C ASN A 698 19.54 -3.34 13.50
N LYS A 699 19.54 -4.62 13.82
CA LYS A 699 20.73 -5.30 14.29
C LYS A 699 21.36 -6.16 13.20
N GLU A 703 14.19 -5.59 17.26
CA GLU A 703 13.09 -6.28 17.90
C GLU A 703 11.86 -6.28 17.01
N SER A 704 10.88 -7.13 17.35
CA SER A 704 9.63 -7.17 16.60
C SER A 704 8.80 -5.92 16.91
N PHE A 705 7.70 -5.78 16.16
CA PHE A 705 6.88 -4.58 16.19
C PHE A 705 7.75 -3.36 15.92
N PRO A 706 8.25 -3.22 14.68
CA PRO A 706 9.18 -2.12 14.41
C PRO A 706 8.61 -0.73 14.63
N GLY A 707 7.30 -0.54 14.45
CA GLY A 707 6.74 0.79 14.62
C GLY A 707 6.83 1.30 16.05
N ILE A 708 6.46 0.45 17.01
CA ILE A 708 6.50 0.85 18.41
C ILE A 708 7.94 1.01 18.87
N TYR A 709 8.83 0.14 18.40
CA TYR A 709 10.25 0.28 18.74
C TYR A 709 10.82 1.58 18.19
N ASP A 710 10.48 1.93 16.94
CA ASP A 710 10.96 3.16 16.36
C ASP A 710 10.43 4.37 17.11
N ALA A 711 9.14 4.35 17.48
CA ALA A 711 8.56 5.47 18.22
C ALA A 711 9.12 5.56 19.63
N LEU A 712 9.67 4.48 20.17
CA LEU A 712 10.19 4.46 21.53
C LEU A 712 11.70 4.64 21.61
N PHE A 713 12.38 4.81 20.47
CA PHE A 713 13.83 4.95 20.49
C PHE A 713 14.19 6.42 20.70
N ASP A 714 14.97 6.66 21.75
CA ASP A 714 15.40 8.01 22.14
C ASP A 714 14.15 8.90 22.25
N ILE A 715 13.34 8.57 23.24
CA ILE A 715 12.22 9.44 23.61
C ILE A 715 12.61 10.36 24.76
N GLU A 716 13.68 10.04 25.49
CA GLU A 716 14.16 10.91 26.55
C GLU A 716 14.64 12.24 25.99
N SER A 717 15.37 12.20 24.88
CA SER A 717 15.91 13.41 24.26
C SER A 717 14.97 13.89 23.15
N LYS A 718 13.77 14.28 23.59
CA LYS A 718 12.75 14.81 22.69
C LYS A 718 12.31 16.17 23.18
N VAL A 719 12.18 17.11 22.26
CA VAL A 719 11.78 18.47 22.63
C VAL A 719 10.34 18.49 23.11
N ASP A 720 9.46 17.74 22.45
CA ASP A 720 8.04 17.70 22.79
C ASP A 720 7.65 16.28 23.19
N PRO A 721 7.65 15.96 24.48
CA PRO A 721 7.30 14.59 24.89
C PRO A 721 5.89 14.18 24.50
N SER A 722 4.94 15.12 24.49
CA SER A 722 3.55 14.77 24.20
C SER A 722 3.40 14.23 22.78
N LYS A 723 4.07 14.86 21.81
CA LYS A 723 3.99 14.38 20.44
C LYS A 723 4.60 12.99 20.30
N ALA A 724 5.74 12.76 20.95
CA ALA A 724 6.39 11.46 20.88
C ALA A 724 5.51 10.37 21.47
N TRP A 725 4.91 10.63 22.63
CA TRP A 725 4.06 9.62 23.24
C TRP A 725 2.77 9.43 22.45
N GLY A 726 2.27 10.48 21.79
CA GLY A 726 1.16 10.30 20.88
C GLY A 726 1.51 9.41 19.71
N GLU A 727 2.73 9.54 19.19
CA GLU A 727 3.19 8.64 18.14
C GLU A 727 3.28 7.21 18.66
N VAL A 728 3.73 7.03 19.90
CA VAL A 728 3.77 5.70 20.49
C VAL A 728 2.36 5.10 20.56
N LYS A 729 1.38 5.90 21.00
CA LYS A 729 0.00 5.44 21.06
C LYS A 729 -0.53 5.08 19.69
N ARG A 730 -0.21 5.89 18.68
CA ARG A 730 -0.64 5.60 17.32
C ARG A 730 -0.07 4.27 16.84
N GLN A 731 1.20 4.02 17.14
CA GLN A 731 1.80 2.74 16.74
C GLN A 731 1.18 1.57 17.48
N ILE A 732 0.87 1.75 18.76
CA ILE A 732 0.19 0.70 19.52
C ILE A 732 -1.16 0.39 18.89
N TYR A 733 -1.91 1.43 18.52
CA TYR A 733 -3.21 1.25 17.89
C TYR A 733 -3.08 0.51 16.56
N VAL A 734 -2.09 0.89 15.76
CA VAL A 734 -1.88 0.23 14.47
C VAL A 734 -1.58 -1.25 14.67
N ALA A 735 -0.68 -1.56 15.60
CA ALA A 735 -0.31 -2.95 15.84
C ALA A 735 -1.49 -3.76 16.34
N ALA A 736 -2.27 -3.19 17.26
CA ALA A 736 -3.43 -3.92 17.79
C ALA A 736 -4.44 -4.20 16.70
N PHE A 737 -4.72 -3.20 15.86
CA PHE A 737 -5.68 -3.41 14.77
C PHE A 737 -5.19 -4.47 13.81
N THR A 738 -3.89 -4.44 13.46
CA THR A 738 -3.38 -5.43 12.51
C THR A 738 -3.45 -6.83 13.08
N VAL A 739 -3.10 -7.00 14.36
CA VAL A 739 -3.17 -8.32 14.98
C VAL A 739 -4.61 -8.81 15.02
N GLN A 740 -5.56 -7.93 15.36
CA GLN A 740 -6.96 -8.35 15.42
C GLN A 740 -7.47 -8.73 14.03
N ALA A 741 -7.10 -7.98 13.00
CA ALA A 741 -7.55 -8.32 11.65
C ALA A 741 -6.97 -9.65 11.20
N ALA A 742 -5.70 -9.90 11.52
CA ALA A 742 -5.10 -11.19 11.19
C ALA A 742 -5.84 -12.31 11.90
N ALA A 743 -6.20 -12.10 13.17
CA ALA A 743 -6.98 -13.11 13.89
C ALA A 743 -8.33 -13.34 13.23
N GLU A 744 -9.00 -12.26 12.81
CA GLU A 744 -10.33 -12.38 12.24
C GLU A 744 -10.32 -13.07 10.89
N THR A 745 -9.21 -12.99 10.15
CA THR A 745 -9.14 -13.71 8.88
C THR A 745 -9.29 -15.21 9.07
N LEU A 746 -8.91 -15.73 10.23
CA LEU A 746 -8.97 -17.16 10.51
C LEU A 746 -10.29 -17.61 11.13
N SER A 747 -11.20 -16.68 11.40
CA SER A 747 -12.47 -17.06 12.00
C SER A 747 -13.36 -17.77 10.98
N GLU A 748 -14.51 -18.25 11.46
CA GLU A 748 -15.45 -18.97 10.60
C GLU A 748 -15.89 -18.09 9.45
N VAL A 749 -15.50 -18.46 8.23
CA VAL A 749 -15.86 -17.68 7.06
C VAL A 749 -17.37 -17.73 6.84
N ALA A 750 -17.96 -16.58 6.56
CA ALA A 750 -19.40 -16.45 6.34
C ALA A 750 -20.20 -16.91 7.57
N HIS B 56 -35.85 -23.41 -7.59
CA HIS B 56 -35.62 -22.05 -7.13
C HIS B 56 -34.62 -21.33 -8.04
N ASN B 57 -35.01 -21.15 -9.30
CA ASN B 57 -34.17 -20.50 -10.28
C ASN B 57 -34.25 -18.99 -10.11
N MET B 58 -33.76 -18.24 -11.10
CA MET B 58 -33.82 -16.79 -11.06
C MET B 58 -35.26 -16.30 -10.92
N LYS B 59 -36.19 -16.89 -11.68
CA LYS B 59 -37.57 -16.44 -11.66
C LYS B 59 -38.21 -16.60 -10.30
N ALA B 60 -37.83 -17.64 -9.55
CA ALA B 60 -38.42 -17.86 -8.24
C ALA B 60 -38.15 -16.69 -7.31
N PHE B 61 -36.91 -16.20 -7.31
CA PHE B 61 -36.59 -15.02 -6.51
C PHE B 61 -37.14 -13.75 -7.13
N LEU B 62 -37.17 -13.69 -8.47
CA LEU B 62 -37.53 -12.46 -9.16
C LEU B 62 -39.03 -12.17 -9.05
N ASP B 63 -39.86 -13.20 -8.95
CA ASP B 63 -41.30 -13.01 -8.87
C ASP B 63 -41.80 -12.76 -7.45
N GLU B 64 -40.93 -12.84 -6.45
CA GLU B 64 -41.31 -12.51 -5.09
C GLU B 64 -41.18 -11.03 -4.78
N LEU B 65 -40.68 -10.24 -5.73
CA LEU B 65 -40.58 -8.79 -5.56
C LEU B 65 -41.93 -8.16 -5.89
N LYS B 66 -42.47 -7.41 -4.94
CA LYS B 66 -43.77 -6.77 -5.09
C LYS B 66 -43.65 -5.29 -4.76
N ALA B 67 -44.38 -4.46 -5.52
CA ALA B 67 -44.30 -3.02 -5.35
C ALA B 67 -44.95 -2.56 -4.05
N GLU B 68 -45.99 -3.28 -3.59
CA GLU B 68 -46.69 -2.87 -2.37
C GLU B 68 -45.78 -2.93 -1.16
N ASN B 69 -44.94 -3.96 -1.07
CA ASN B 69 -44.00 -4.05 0.03
C ASN B 69 -43.00 -2.90 0.00
N ILE B 70 -42.52 -2.55 -1.20
CA ILE B 70 -41.62 -1.40 -1.32
C ILE B 70 -42.31 -0.13 -0.86
N LYS B 71 -43.57 0.05 -1.26
CA LYS B 71 -44.32 1.24 -0.87
C LYS B 71 -44.47 1.33 0.64
N LYS B 72 -44.84 0.22 1.27
CA LYS B 72 -45.06 0.26 2.73
C LYS B 72 -43.74 0.46 3.47
N PHE B 73 -42.65 -0.13 2.98
CA PHE B 73 -41.35 0.08 3.61
C PHE B 73 -40.91 1.53 3.48
N LEU B 74 -41.08 2.13 2.30
CA LEU B 74 -40.70 3.53 2.13
C LEU B 74 -41.56 4.44 3.00
N TYR B 75 -42.85 4.13 3.13
CA TYR B 75 -43.69 4.90 4.04
C TYR B 75 -43.19 4.77 5.48
N ASN B 76 -42.79 3.57 5.87
CA ASN B 76 -42.30 3.37 7.23
C ASN B 76 -41.04 4.19 7.49
N PHE B 77 -40.11 4.21 6.53
CA PHE B 77 -38.81 4.81 6.80
C PHE B 77 -38.88 6.33 6.87
N THR B 78 -39.64 6.96 5.98
CA THR B 78 -39.60 8.42 5.82
C THR B 78 -40.69 9.11 6.64
N GLN B 79 -40.63 8.93 7.95
N GLN B 79 -40.63 8.90 7.95
CA GLN B 79 -41.58 9.59 8.85
CA GLN B 79 -41.58 9.52 8.87
C GLN B 79 -40.91 10.48 9.88
C GLN B 79 -40.91 10.46 9.87
N ILE B 80 -39.87 9.99 10.55
CA ILE B 80 -39.19 10.80 11.56
C ILE B 80 -37.80 11.15 11.05
N PRO B 81 -37.18 12.23 11.52
CA PRO B 81 -35.82 12.54 11.09
C PRO B 81 -34.85 11.44 11.45
N HIS B 82 -33.93 11.14 10.53
CA HIS B 82 -32.91 10.11 10.71
C HIS B 82 -31.57 10.72 10.37
N LEU B 83 -30.96 11.38 11.35
CA LEU B 83 -29.66 12.01 11.18
C LEU B 83 -28.58 11.13 11.79
N ALA B 84 -27.41 11.11 11.17
CA ALA B 84 -26.29 10.34 11.69
C ALA B 84 -25.92 10.84 13.08
N GLY B 85 -25.76 9.90 14.02
CA GLY B 85 -25.44 10.24 15.39
C GLY B 85 -26.63 10.61 16.26
N THR B 86 -27.84 10.51 15.74
CA THR B 86 -29.05 10.79 16.52
C THR B 86 -29.70 9.49 16.98
N GLU B 87 -30.58 9.62 17.98
CA GLU B 87 -31.22 8.44 18.55
C GLU B 87 -32.16 7.77 17.56
N GLN B 88 -32.88 8.56 16.76
CA GLN B 88 -33.83 7.99 15.82
C GLN B 88 -33.14 7.10 14.80
N ASN B 89 -31.92 7.47 14.40
CA ASN B 89 -31.16 6.61 13.49
C ASN B 89 -30.83 5.28 14.15
N PHE B 90 -30.50 5.31 15.44
CA PHE B 90 -30.25 4.07 16.17
C PHE B 90 -31.49 3.20 16.24
N GLN B 91 -32.65 3.81 16.49
CA GLN B 91 -33.90 3.05 16.51
C GLN B 91 -34.20 2.45 15.15
N LEU B 92 -33.96 3.21 14.08
CA LEU B 92 -34.17 2.68 12.73
C LEU B 92 -33.23 1.51 12.44
N ALA B 93 -31.98 1.61 12.90
CA ALA B 93 -31.04 0.51 12.73
C ALA B 93 -31.50 -0.74 13.46
N LYS B 94 -32.00 -0.57 14.69
CA LYS B 94 -32.52 -1.72 15.43
C LYS B 94 -33.71 -2.34 14.70
N GLN B 95 -34.62 -1.50 14.20
CA GLN B 95 -35.77 -2.01 13.47
C GLN B 95 -35.34 -2.78 12.22
N ILE B 96 -34.37 -2.24 11.49
CA ILE B 96 -33.88 -2.92 10.28
C ILE B 96 -33.26 -4.26 10.64
N GLN B 97 -32.46 -4.29 11.72
CA GLN B 97 -31.85 -5.53 12.15
C GLN B 97 -32.90 -6.58 12.49
N SER B 98 -33.92 -6.18 13.25
CA SER B 98 -34.97 -7.12 13.63
C SER B 98 -35.74 -7.62 12.41
N GLN B 99 -36.05 -6.72 11.47
CA GLN B 99 -36.79 -7.12 10.29
C GLN B 99 -35.97 -8.07 9.42
N TRP B 100 -34.66 -7.84 9.31
CA TRP B 100 -33.82 -8.74 8.54
C TRP B 100 -33.69 -10.10 9.22
N LYS B 101 -33.61 -10.12 10.56
CA LYS B 101 -33.63 -11.39 11.25
C LYS B 101 -34.92 -12.14 10.99
N GLU B 102 -36.04 -11.42 10.96
CA GLU B 102 -37.33 -12.05 10.64
C GLU B 102 -37.30 -12.61 9.22
N PHE B 103 -36.77 -11.83 8.27
CA PHE B 103 -36.84 -12.21 6.86
C PHE B 103 -36.20 -13.57 6.60
N GLY B 104 -35.11 -13.89 7.30
CA GLY B 104 -34.53 -15.21 7.17
C GLY B 104 -33.02 -15.29 7.23
N LEU B 105 -32.33 -14.15 7.28
CA LEU B 105 -30.87 -14.16 7.31
C LEU B 105 -30.36 -14.89 8.55
N ASP B 106 -29.24 -15.61 8.37
CA ASP B 106 -28.70 -16.43 9.45
C ASP B 106 -28.27 -15.58 10.64
N SER B 107 -27.58 -14.46 10.38
CA SER B 107 -27.08 -13.63 11.47
C SER B 107 -27.04 -12.18 11.01
N VAL B 108 -27.62 -11.31 11.82
CA VAL B 108 -27.59 -9.86 11.60
C VAL B 108 -27.00 -9.20 12.82
N GLU B 109 -26.01 -8.33 12.61
CA GLU B 109 -25.27 -7.73 13.71
C GLU B 109 -25.03 -6.25 13.43
N LEU B 110 -24.64 -5.54 14.48
CA LEU B 110 -24.40 -4.10 14.43
C LEU B 110 -22.92 -3.83 14.67
N ALA B 111 -22.35 -2.98 13.81
CA ALA B 111 -20.95 -2.56 13.95
C ALA B 111 -20.92 -1.05 14.19
N HIS B 112 -20.34 -0.64 15.31
CA HIS B 112 -20.37 0.76 15.71
C HIS B 112 -18.97 1.36 15.67
N TYR B 113 -18.90 2.61 15.21
CA TYR B 113 -17.65 3.35 15.11
C TYR B 113 -17.84 4.76 15.65
N ASP B 114 -16.85 5.25 16.40
CA ASP B 114 -16.88 6.61 16.94
C ASP B 114 -16.13 7.52 15.97
N VAL B 115 -16.87 8.38 15.27
CA VAL B 115 -16.30 9.25 14.25
C VAL B 115 -16.70 10.68 14.54
N LEU B 116 -15.97 11.61 13.93
CA LEU B 116 -16.20 13.03 14.13
C LEU B 116 -17.33 13.51 13.24
N LEU B 117 -18.37 14.09 13.83
CA LEU B 117 -19.47 14.71 13.12
C LEU B 117 -19.58 16.16 13.57
N SER B 118 -20.47 16.91 12.91
CA SER B 118 -20.68 18.32 13.22
C SER B 118 -22.17 18.62 13.28
N TYR B 119 -22.56 19.42 14.26
CA TYR B 119 -23.95 19.80 14.45
C TYR B 119 -24.06 21.30 14.71
N PRO B 120 -25.16 21.92 14.32
CA PRO B 120 -25.41 23.31 14.71
C PRO B 120 -25.69 23.41 16.19
N ASN B 121 -25.43 24.59 16.75
CA ASN B 121 -25.76 24.87 18.15
C ASN B 121 -27.21 25.33 18.18
N LYS B 122 -28.09 24.47 18.70
CA LYS B 122 -29.52 24.79 18.71
C LYS B 122 -29.82 26.01 19.57
N THR B 123 -29.08 26.19 20.66
CA THR B 123 -29.30 27.35 21.52
C THR B 123 -28.90 28.64 20.83
N HIS B 124 -27.88 28.59 19.97
CA HIS B 124 -27.35 29.77 19.28
C HIS B 124 -27.33 29.47 17.80
N PRO B 125 -28.49 29.54 17.13
CA PRO B 125 -28.58 29.09 15.74
C PRO B 125 -27.75 29.94 14.80
N ASN B 126 -27.29 29.32 13.72
CA ASN B 126 -26.47 29.98 12.73
C ASN B 126 -27.32 30.82 11.80
N TYR B 127 -26.79 31.97 11.39
CA TYR B 127 -27.47 32.83 10.42
C TYR B 127 -26.47 33.84 9.88
N ILE B 128 -26.87 34.52 8.81
CA ILE B 128 -26.08 35.57 8.19
C ILE B 128 -26.87 36.86 8.31
N SER B 129 -26.22 37.92 8.77
CA SER B 129 -26.89 39.19 9.01
C SER B 129 -26.15 40.31 8.29
N ILE B 130 -26.83 41.45 8.17
CA ILE B 130 -26.25 42.68 7.63
C ILE B 130 -26.30 43.73 8.72
N ILE B 131 -25.14 44.28 9.08
CA ILE B 131 -25.01 45.27 10.13
C ILE B 131 -24.61 46.60 9.51
N ASN B 132 -25.30 47.66 9.93
CA ASN B 132 -24.99 49.01 9.46
C ASN B 132 -23.79 49.55 10.23
N GLU B 133 -23.55 50.86 10.11
CA GLU B 133 -22.35 51.46 10.69
C GLU B 133 -22.38 51.46 12.21
N ASP B 134 -23.57 51.52 12.82
CA ASP B 134 -23.70 51.67 14.26
C ASP B 134 -24.18 50.39 14.95
N GLY B 135 -23.83 49.24 14.39
CA GLY B 135 -24.11 47.96 15.05
C GLY B 135 -25.57 47.58 15.19
N ASN B 136 -26.36 47.74 14.13
CA ASN B 136 -27.75 47.31 14.11
C ASN B 136 -27.93 46.23 13.07
N GLU B 137 -28.61 45.14 13.44
CA GLU B 137 -28.92 44.05 12.53
C GLU B 137 -30.14 44.44 11.70
N ILE B 138 -29.90 45.17 10.61
CA ILE B 138 -30.99 45.60 9.73
C ILE B 138 -31.47 44.49 8.82
N PHE B 139 -30.91 43.29 8.92
CA PHE B 139 -31.18 42.23 7.97
C PHE B 139 -30.72 40.89 8.53
N ASN B 140 -31.63 39.92 8.62
CA ASN B 140 -31.32 38.57 9.06
C ASN B 140 -31.83 37.58 8.02
N THR B 141 -31.09 36.49 7.85
CA THR B 141 -31.57 35.41 6.99
C THR B 141 -32.47 34.47 7.80
N SER B 142 -33.14 33.57 7.08
CA SER B 142 -34.05 32.63 7.71
C SER B 142 -33.29 31.71 8.67
N LEU B 143 -33.86 31.49 9.84
CA LEU B 143 -33.26 30.62 10.84
C LEU B 143 -33.63 29.16 10.66
N PHE B 144 -34.65 28.86 9.87
CA PHE B 144 -35.07 27.49 9.67
C PHE B 144 -35.90 27.40 8.39
N GLU B 145 -35.73 26.30 7.67
CA GLU B 145 -36.53 26.05 6.47
C GLU B 145 -37.99 25.83 6.86
N PRO B 146 -38.94 26.44 6.16
CA PRO B 146 -40.36 26.24 6.50
C PRO B 146 -40.74 24.77 6.36
N PRO B 147 -41.34 24.19 7.40
CA PRO B 147 -41.64 22.76 7.35
C PRO B 147 -42.69 22.46 6.29
N PRO B 148 -42.62 21.30 5.66
CA PRO B 148 -43.62 20.93 4.65
C PRO B 148 -44.96 20.64 5.30
N PRO B 149 -46.05 20.74 4.55
CA PRO B 149 -47.37 20.43 5.13
C PRO B 149 -47.43 18.99 5.62
N GLY B 150 -48.12 18.80 6.75
CA GLY B 150 -48.22 17.50 7.38
C GLY B 150 -47.08 17.15 8.29
N TYR B 151 -46.06 18.01 8.41
CA TYR B 151 -44.92 17.74 9.26
C TYR B 151 -44.62 18.90 10.21
N GLU B 152 -45.61 19.77 10.47
CA GLU B 152 -45.37 20.91 11.34
C GLU B 152 -45.02 20.48 12.76
N ASN B 153 -45.72 19.47 13.28
CA ASN B 153 -45.45 18.98 14.63
C ASN B 153 -44.21 18.13 14.73
N VAL B 154 -43.59 17.76 13.59
CA VAL B 154 -42.38 16.97 13.62
C VAL B 154 -41.24 17.79 14.21
N SER B 155 -40.52 17.22 15.16
N SER B 155 -40.52 17.22 15.16
CA SER B 155 -39.42 17.88 15.83
CA SER B 155 -39.42 17.88 15.83
C SER B 155 -38.10 17.27 15.39
C SER B 155 -38.10 17.27 15.39
N ASP B 156 -37.01 17.70 16.04
CA ASP B 156 -35.65 17.24 15.72
C ASP B 156 -35.29 17.47 14.25
N ILE B 157 -35.73 18.60 13.70
CA ILE B 157 -35.35 19.00 12.34
C ILE B 157 -34.25 20.04 12.48
N VAL B 158 -33.01 19.63 12.20
CA VAL B 158 -31.89 20.56 12.27
C VAL B 158 -32.02 21.58 11.16
N PRO B 159 -31.74 22.85 11.41
CA PRO B 159 -31.80 23.86 10.34
C PRO B 159 -30.72 23.60 9.31
N PRO B 160 -30.85 24.15 8.11
CA PRO B 160 -29.81 23.94 7.09
C PRO B 160 -28.46 24.45 7.58
N PHE B 161 -27.42 23.68 7.28
CA PHE B 161 -26.07 24.02 7.70
C PHE B 161 -25.08 23.21 6.88
N SER B 162 -23.83 23.67 6.90
CA SER B 162 -22.73 22.97 6.24
C SER B 162 -21.91 22.25 7.30
N ALA B 163 -21.79 20.92 7.17
CA ALA B 163 -21.10 20.13 8.16
C ALA B 163 -19.61 20.44 8.19
N PHE B 164 -19.04 20.44 9.39
CA PHE B 164 -17.62 20.68 9.65
C PHE B 164 -17.19 22.10 9.33
N SER B 165 -18.13 23.02 9.15
CA SER B 165 -17.77 24.42 8.92
C SER B 165 -17.14 24.99 10.19
N PRO B 166 -15.97 25.61 10.10
CA PRO B 166 -15.34 26.13 11.31
C PRO B 166 -16.14 27.25 11.95
N GLN B 167 -16.09 27.29 13.27
CA GLN B 167 -16.80 28.31 14.04
C GLN B 167 -16.11 29.66 13.91
N GLY B 168 -16.92 30.71 13.88
CA GLY B 168 -16.37 32.05 13.82
C GLY B 168 -17.45 33.08 13.59
N MET B 169 -17.04 34.34 13.61
CA MET B 169 -17.93 35.47 13.36
C MET B 169 -17.30 36.41 12.33
N PRO B 170 -17.08 35.94 11.10
CA PRO B 170 -16.45 36.80 10.10
C PRO B 170 -17.35 37.96 9.72
N GLU B 171 -16.72 39.06 9.35
CA GLU B 171 -17.45 40.26 8.93
C GLU B 171 -16.63 40.98 7.88
N GLY B 172 -17.27 41.30 6.75
CA GLY B 172 -16.56 41.98 5.68
C GLY B 172 -17.47 42.19 4.49
N ASP B 173 -16.90 42.75 3.44
CA ASP B 173 -17.64 43.00 2.22
C ASP B 173 -17.90 41.69 1.47
N LEU B 174 -18.83 41.75 0.53
CA LEU B 174 -19.22 40.59 -0.26
C LEU B 174 -18.66 40.69 -1.67
N VAL B 175 -18.40 39.53 -2.27
CA VAL B 175 -17.93 39.43 -3.65
C VAL B 175 -18.57 38.19 -4.28
N TYR B 176 -18.94 38.32 -5.54
CA TYR B 176 -19.58 37.22 -6.27
C TYR B 176 -18.52 36.45 -7.06
N VAL B 177 -18.50 35.13 -6.89
CA VAL B 177 -17.49 34.28 -7.50
C VAL B 177 -18.12 33.19 -8.38
N ASN B 178 -19.40 33.31 -8.70
CA ASN B 178 -20.12 32.37 -9.58
C ASN B 178 -20.01 30.97 -8.98
N TYR B 179 -19.61 29.96 -9.75
CA TYR B 179 -19.59 28.59 -9.27
C TYR B 179 -18.39 28.28 -8.37
N ALA B 180 -17.52 29.26 -8.12
CA ALA B 180 -16.37 29.11 -7.24
C ALA B 180 -15.40 28.04 -7.73
N ARG B 181 -15.36 27.79 -9.03
CA ARG B 181 -14.33 26.93 -9.58
C ARG B 181 -13.02 27.69 -9.68
N THR B 182 -11.95 26.95 -9.99
CA THR B 182 -10.64 27.59 -10.13
C THR B 182 -10.64 28.62 -11.25
N GLU B 183 -11.32 28.31 -12.35
N GLU B 183 -11.32 28.31 -12.36
CA GLU B 183 -11.43 29.25 -13.46
CA GLU B 183 -11.39 29.27 -13.46
C GLU B 183 -12.16 30.52 -13.05
C GLU B 183 -12.16 30.54 -13.06
N ASP B 184 -13.12 30.41 -12.13
CA ASP B 184 -13.83 31.59 -11.67
C ASP B 184 -12.91 32.55 -10.95
N PHE B 185 -12.06 32.04 -10.04
CA PHE B 185 -11.10 32.90 -9.38
C PHE B 185 -10.05 33.43 -10.36
N PHE B 186 -9.66 32.57 -11.32
CA PHE B 186 -8.75 32.98 -12.39
C PHE B 186 -9.27 34.23 -13.09
N LYS B 187 -10.54 34.19 -13.52
CA LYS B 187 -11.14 35.35 -14.17
C LYS B 187 -11.31 36.51 -13.21
N LEU B 188 -11.67 36.24 -11.96
CA LEU B 188 -11.91 37.29 -10.98
C LEU B 188 -10.66 38.14 -10.75
N GLU B 189 -9.61 37.53 -10.17
CA GLU B 189 -8.51 38.36 -9.69
C GLU B 189 -7.38 38.50 -10.70
N ARG B 190 -7.05 37.46 -11.45
CA ARG B 190 -5.97 37.56 -12.41
C ARG B 190 -6.33 38.39 -13.63
N ASP B 191 -7.62 38.64 -13.89
CA ASP B 191 -8.04 39.38 -15.07
C ASP B 191 -8.69 40.71 -14.73
N MET B 192 -9.73 40.72 -13.90
CA MET B 192 -10.42 41.95 -13.55
C MET B 192 -9.83 42.66 -12.35
N LYS B 193 -8.73 42.12 -11.79
CA LYS B 193 -7.98 42.77 -10.71
C LYS B 193 -8.89 43.03 -9.49
N ILE B 194 -9.46 41.96 -8.96
CA ILE B 194 -10.31 42.01 -7.78
C ILE B 194 -9.78 40.97 -6.81
N ASN B 195 -8.97 41.40 -5.85
CA ASN B 195 -8.45 40.48 -4.84
C ASN B 195 -9.56 40.07 -3.89
N CYS B 196 -9.67 38.76 -3.66
CA CYS B 196 -10.68 38.21 -2.77
C CYS B 196 -10.20 38.09 -1.33
N SER B 197 -8.97 38.51 -1.04
CA SER B 197 -8.45 38.41 0.31
C SER B 197 -9.20 39.34 1.26
N GLY B 198 -9.52 38.83 2.44
CA GLY B 198 -10.24 39.61 3.43
C GLY B 198 -11.66 39.98 3.01
N LYS B 199 -12.32 39.12 2.24
CA LYS B 199 -13.68 39.35 1.79
C LYS B 199 -14.51 38.09 2.01
N ILE B 200 -15.82 38.25 1.90
CA ILE B 200 -16.77 37.14 1.99
C ILE B 200 -17.27 36.85 0.58
N VAL B 201 -16.96 35.67 0.08
CA VAL B 201 -17.35 35.28 -1.28
C VAL B 201 -18.73 34.65 -1.24
N ILE B 202 -19.48 34.82 -2.32
CA ILE B 202 -20.78 34.19 -2.50
C ILE B 202 -20.71 33.33 -3.74
N ALA B 203 -21.10 32.07 -3.60
CA ALA B 203 -21.03 31.11 -4.69
C ALA B 203 -22.35 30.37 -4.80
N ARG B 204 -22.60 29.84 -6.00
CA ARG B 204 -23.77 29.02 -6.26
C ARG B 204 -23.38 27.55 -6.29
N TYR B 205 -24.32 26.68 -5.92
CA TYR B 205 -24.12 25.26 -6.12
C TYR B 205 -24.02 24.95 -7.61
N GLY B 206 -23.14 24.01 -7.94
CA GLY B 206 -22.91 23.73 -9.33
C GLY B 206 -22.25 22.40 -9.56
N LYS B 207 -21.57 22.30 -10.71
CA LYS B 207 -21.02 21.03 -11.16
C LYS B 207 -19.91 20.54 -10.23
N VAL B 208 -19.04 21.43 -9.80
CA VAL B 208 -17.92 21.03 -8.95
C VAL B 208 -18.41 20.76 -7.54
N PHE B 209 -17.78 19.80 -6.87
CA PHE B 209 -18.16 19.44 -5.52
C PHE B 209 -17.87 20.59 -4.56
N ARG B 210 -18.72 20.71 -3.52
CA ARG B 210 -18.69 21.88 -2.65
C ARG B 210 -17.38 21.99 -1.87
N GLY B 211 -16.76 20.85 -1.53
CA GLY B 211 -15.46 20.90 -0.87
C GLY B 211 -14.40 21.56 -1.74
N ASN B 212 -14.43 21.30 -3.05
CA ASN B 212 -13.54 22.00 -3.96
C ASN B 212 -13.84 23.49 -3.97
N LYS B 213 -15.12 23.86 -3.90
CA LYS B 213 -15.48 25.28 -3.84
C LYS B 213 -14.87 25.94 -2.60
N VAL B 214 -15.00 25.29 -1.45
CA VAL B 214 -14.51 25.91 -0.22
C VAL B 214 -12.98 25.97 -0.23
N LYS B 215 -12.31 24.95 -0.78
CA LYS B 215 -10.85 25.00 -0.84
C LYS B 215 -10.38 26.08 -1.82
N ASN B 216 -11.10 26.25 -2.93
CA ASN B 216 -10.75 27.31 -3.87
C ASN B 216 -10.93 28.68 -3.24
N ALA B 217 -12.00 28.86 -2.46
CA ALA B 217 -12.16 30.12 -1.74
C ALA B 217 -11.09 30.29 -0.67
N GLN B 218 -10.64 29.19 -0.06
CA GLN B 218 -9.60 29.27 0.95
C GLN B 218 -8.28 29.75 0.36
N LEU B 219 -7.88 29.17 -0.78
CA LEU B 219 -6.60 29.56 -1.37
C LEU B 219 -6.59 30.99 -1.87
N ALA B 220 -7.76 31.61 -2.04
CA ALA B 220 -7.87 32.99 -2.45
C ALA B 220 -7.94 33.96 -1.27
N GLY B 221 -7.85 33.46 -0.05
CA GLY B 221 -7.84 34.33 1.12
C GLY B 221 -9.18 34.87 1.53
N ALA B 222 -10.27 34.27 1.08
CA ALA B 222 -11.61 34.76 1.42
C ALA B 222 -11.90 34.53 2.90
N LYS B 223 -12.56 35.51 3.52
CA LYS B 223 -12.93 35.37 4.93
C LYS B 223 -13.97 34.27 5.12
N GLY B 224 -14.95 34.19 4.22
CA GLY B 224 -16.00 33.20 4.34
C GLY B 224 -16.71 32.99 3.03
N VAL B 225 -17.42 31.86 2.95
CA VAL B 225 -18.11 31.45 1.74
C VAL B 225 -19.60 31.35 2.05
N ILE B 226 -20.42 31.76 1.09
CA ILE B 226 -21.87 31.65 1.19
C ILE B 226 -22.36 30.89 -0.04
N LEU B 227 -22.90 29.70 0.16
CA LEU B 227 -23.37 28.86 -0.93
C LEU B 227 -24.89 28.91 -0.99
N TYR B 228 -25.42 29.19 -2.18
CA TYR B 228 -26.85 29.22 -2.41
C TYR B 228 -27.19 28.40 -3.64
N SER B 229 -28.37 27.80 -3.64
CA SER B 229 -28.83 26.98 -4.76
C SER B 229 -29.58 27.90 -5.73
N ASP B 230 -28.93 28.25 -6.82
CA ASP B 230 -29.54 29.16 -7.78
C ASP B 230 -30.71 28.49 -8.48
N PRO B 231 -31.79 29.22 -8.75
CA PRO B 231 -32.91 28.63 -9.50
C PRO B 231 -32.51 28.13 -10.88
N ALA B 232 -31.52 28.77 -11.52
CA ALA B 232 -31.10 28.34 -12.85
C ALA B 232 -30.52 26.93 -12.81
N ASP B 233 -29.94 26.52 -11.69
CA ASP B 233 -29.34 25.20 -11.57
C ASP B 233 -30.27 24.18 -10.91
N TYR B 234 -31.32 24.62 -10.25
CA TYR B 234 -32.18 23.66 -9.56
C TYR B 234 -33.65 23.80 -9.91
N PHE B 235 -34.15 25.02 -10.12
CA PHE B 235 -35.57 25.23 -10.41
C PHE B 235 -35.83 24.80 -11.85
N ALA B 236 -36.47 23.64 -12.02
CA ALA B 236 -36.81 23.16 -13.34
C ALA B 236 -37.89 24.03 -13.97
N PRO B 237 -37.83 24.24 -15.28
CA PRO B 237 -38.86 25.05 -15.94
C PRO B 237 -40.23 24.38 -15.91
N GLY B 238 -41.26 25.20 -15.87
CA GLY B 238 -42.63 24.71 -15.96
C GLY B 238 -43.24 24.07 -14.73
N VAL B 239 -42.51 23.13 -14.10
CA VAL B 239 -43.05 22.42 -12.96
C VAL B 239 -43.20 23.37 -11.78
N LYS B 240 -44.30 23.22 -11.04
CA LYS B 240 -44.56 24.06 -9.88
C LYS B 240 -43.61 23.70 -8.75
N SER B 241 -43.61 24.55 -7.73
CA SER B 241 -42.79 24.34 -6.54
C SER B 241 -43.53 23.45 -5.55
N TYR B 242 -42.77 22.84 -4.65
CA TYR B 242 -43.36 21.97 -3.65
C TYR B 242 -44.27 22.78 -2.73
N PRO B 243 -45.41 22.23 -2.29
CA PRO B 243 -45.92 20.88 -2.52
C PRO B 243 -46.79 20.74 -3.76
N ASP B 244 -46.92 21.78 -4.58
CA ASP B 244 -47.68 21.66 -5.81
C ASP B 244 -46.95 20.81 -6.84
N GLY B 245 -45.65 21.02 -6.99
CA GLY B 245 -44.84 20.22 -7.90
C GLY B 245 -43.69 19.57 -7.18
N TRP B 246 -42.49 19.63 -7.77
CA TRP B 246 -41.30 19.11 -7.11
C TRP B 246 -40.11 20.05 -7.22
N ASN B 247 -40.34 21.33 -7.47
CA ASN B 247 -39.28 22.32 -7.54
C ASN B 247 -38.92 22.83 -6.16
N LEU B 248 -37.70 23.34 -6.05
CA LEU B 248 -37.23 23.89 -4.78
C LEU B 248 -37.83 25.27 -4.55
N PRO B 249 -38.55 25.47 -3.47
CA PRO B 249 -39.08 26.81 -3.16
C PRO B 249 -37.97 27.72 -2.64
N GLY B 250 -38.33 28.99 -2.49
CA GLY B 250 -37.35 29.97 -2.04
C GLY B 250 -36.82 29.67 -0.64
N GLY B 251 -37.66 29.13 0.23
CA GLY B 251 -37.18 28.72 1.54
C GLY B 251 -36.28 27.51 1.49
N GLY B 252 -36.33 26.74 0.41
CA GLY B 252 -35.51 25.55 0.28
C GLY B 252 -34.02 25.80 0.31
N VAL B 253 -33.31 25.07 1.17
CA VAL B 253 -31.86 25.18 1.30
C VAL B 253 -31.27 23.77 1.24
N GLN B 254 -30.15 23.63 0.54
CA GLN B 254 -29.51 22.34 0.35
C GLN B 254 -28.38 22.17 1.34
N ARG B 255 -28.44 21.10 2.14
CA ARG B 255 -27.41 20.79 3.13
C ARG B 255 -26.30 19.95 2.50
N GLY B 256 -25.17 19.91 3.20
CA GLY B 256 -24.06 19.11 2.71
C GLY B 256 -22.82 19.34 3.55
N ASN B 257 -21.84 18.47 3.33
CA ASN B 257 -20.55 18.52 4.00
C ASN B 257 -19.49 19.09 3.07
N ILE B 258 -18.55 19.83 3.64
CA ILE B 258 -17.64 20.66 2.85
C ILE B 258 -16.18 20.32 3.09
N LEU B 259 -15.88 19.06 3.38
CA LEU B 259 -14.50 18.64 3.62
C LEU B 259 -13.92 17.98 2.37
N ASN B 260 -12.61 17.78 2.40
CA ASN B 260 -11.87 17.13 1.32
C ASN B 260 -11.12 15.95 1.91
N LEU B 261 -11.80 14.81 1.99
CA LEU B 261 -11.25 13.63 2.64
C LEU B 261 -10.23 12.90 1.77
N ASN B 262 -10.41 12.94 0.45
CA ASN B 262 -9.58 12.17 -0.49
C ASN B 262 -9.61 10.69 -0.15
N GLY B 263 -10.80 10.19 0.20
CA GLY B 263 -10.98 8.78 0.47
C GLY B 263 -10.43 8.30 1.79
N ALA B 264 -10.22 9.19 2.76
CA ALA B 264 -9.61 8.81 4.02
C ALA B 264 -10.62 8.31 5.05
N GLY B 265 -11.90 8.58 4.86
CA GLY B 265 -12.89 8.18 5.85
C GLY B 265 -12.92 9.15 7.01
N ASP B 266 -12.86 8.63 8.23
CA ASP B 266 -12.86 9.47 9.41
C ASP B 266 -11.67 10.42 9.38
N PRO B 267 -11.89 11.73 9.48
CA PRO B 267 -10.76 12.67 9.38
C PRO B 267 -9.71 12.48 10.47
N LEU B 268 -10.06 11.85 11.58
CA LEU B 268 -9.12 11.67 12.67
C LEU B 268 -8.43 10.31 12.67
N THR B 269 -8.94 9.34 11.91
CA THR B 269 -8.33 8.02 11.81
C THR B 269 -8.22 7.62 10.34
N PRO B 270 -7.32 8.24 9.59
CA PRO B 270 -7.17 7.88 8.17
C PRO B 270 -6.41 6.57 8.01
N GLY B 271 -7.02 5.62 7.30
CA GLY B 271 -6.40 4.36 6.99
C GLY B 271 -6.70 3.23 7.96
N TYR B 272 -7.21 3.52 9.15
CA TYR B 272 -7.48 2.49 10.13
C TYR B 272 -8.86 2.73 10.73
N PRO B 273 -9.53 1.67 11.18
CA PRO B 273 -10.90 1.82 11.68
C PRO B 273 -10.95 2.63 12.97
N ALA B 274 -12.06 3.37 13.13
CA ALA B 274 -12.26 4.19 14.32
C ALA B 274 -12.95 3.36 15.40
N ASN B 275 -12.17 2.45 15.97
CA ASN B 275 -12.66 1.56 17.01
C ASN B 275 -12.71 2.30 18.35
N GLU B 276 -12.93 1.56 19.43
CA GLU B 276 -12.98 2.16 20.75
C GLU B 276 -11.59 2.43 21.32
N TYR B 277 -10.54 1.87 20.73
CA TYR B 277 -9.18 2.10 21.15
C TYR B 277 -8.37 2.89 20.12
N ALA B 278 -9.03 3.49 19.15
CA ALA B 278 -8.33 4.24 18.12
C ALA B 278 -7.69 5.49 18.69
N TYR B 279 -6.55 5.87 18.12
CA TYR B 279 -5.88 7.11 18.46
C TYR B 279 -6.23 8.16 17.42
N ARG B 280 -6.78 9.28 17.85
CA ARG B 280 -7.27 10.32 16.96
C ARG B 280 -6.35 11.52 17.01
N ARG B 281 -5.97 12.02 15.83
CA ARG B 281 -5.07 13.16 15.75
C ARG B 281 -5.77 14.43 16.24
N GLY B 282 -4.97 15.48 16.40
CA GLY B 282 -5.52 16.76 16.78
C GLY B 282 -6.38 17.36 15.68
N ILE B 283 -7.27 18.26 16.09
CA ILE B 283 -8.18 18.88 15.13
C ILE B 283 -7.41 19.75 14.15
N ALA B 284 -6.32 20.39 14.60
CA ALA B 284 -5.53 21.24 13.71
C ALA B 284 -4.91 20.43 12.57
N GLU B 285 -4.41 19.24 12.88
CA GLU B 285 -3.76 18.38 11.88
C GLU B 285 -4.74 17.42 11.21
N ALA B 286 -6.03 17.74 11.21
CA ALA B 286 -7.01 16.85 10.61
C ALA B 286 -6.89 16.85 9.09
N VAL B 287 -7.67 15.98 8.46
CA VAL B 287 -7.61 15.77 7.01
C VAL B 287 -8.84 16.40 6.38
N GLY B 288 -8.63 17.42 5.56
CA GLY B 288 -9.69 18.02 4.78
C GLY B 288 -10.58 19.00 5.52
N LEU B 289 -10.30 19.28 6.79
CA LEU B 289 -11.15 20.19 7.55
C LEU B 289 -11.01 21.61 7.01
N PRO B 290 -12.11 22.31 6.75
CA PRO B 290 -12.01 23.66 6.21
C PRO B 290 -11.47 24.64 7.24
N SER B 291 -11.17 25.85 6.76
CA SER B 291 -10.59 26.89 7.60
C SER B 291 -11.40 28.18 7.66
N ILE B 292 -12.40 28.34 6.80
CA ILE B 292 -13.22 29.55 6.81
C ILE B 292 -14.69 29.16 6.87
N PRO B 293 -15.53 29.95 7.54
CA PRO B 293 -16.93 29.54 7.73
C PRO B 293 -17.71 29.52 6.42
N VAL B 294 -18.65 28.59 6.33
CA VAL B 294 -19.51 28.41 5.17
C VAL B 294 -20.93 28.13 5.67
N HIS B 295 -21.93 28.71 4.98
CA HIS B 295 -23.31 28.51 5.37
C HIS B 295 -24.22 28.45 4.15
N PRO B 296 -25.08 27.45 4.05
CA PRO B 296 -26.00 27.38 2.91
C PRO B 296 -27.20 28.28 3.08
N ILE B 297 -27.71 28.78 1.96
CA ILE B 297 -28.76 29.79 1.94
C ILE B 297 -29.71 29.51 0.77
N GLY B 298 -31.02 29.64 1.03
CA GLY B 298 -32.00 29.51 -0.04
C GLY B 298 -32.06 30.76 -0.90
N TYR B 299 -32.62 30.61 -2.10
CA TYR B 299 -32.55 31.70 -3.06
C TYR B 299 -33.49 32.86 -2.75
N TYR B 300 -34.49 32.67 -1.91
CA TYR B 300 -35.27 33.82 -1.44
C TYR B 300 -34.40 34.75 -0.61
N ASP B 301 -33.57 34.19 0.27
CA ASP B 301 -32.65 35.00 1.05
C ASP B 301 -31.61 35.67 0.16
N ALA B 302 -31.09 34.93 -0.82
CA ALA B 302 -30.04 35.47 -1.69
C ALA B 302 -30.57 36.59 -2.57
N GLN B 303 -31.68 36.34 -3.27
CA GLN B 303 -32.25 37.36 -4.16
C GLN B 303 -32.48 38.64 -3.39
N LYS B 304 -32.96 38.52 -2.16
CA LYS B 304 -33.16 39.67 -1.29
C LYS B 304 -31.86 40.09 -0.58
N LEU B 305 -30.75 39.41 -0.86
CA LEU B 305 -29.44 39.75 -0.32
C LEU B 305 -28.55 40.53 -1.29
N LEU B 306 -28.39 40.08 -2.53
CA LEU B 306 -27.42 40.68 -3.44
C LEU B 306 -28.02 41.75 -4.35
N GLU B 307 -29.11 42.40 -3.94
CA GLU B 307 -29.60 43.52 -4.75
C GLU B 307 -28.64 44.70 -4.64
N LYS B 308 -28.23 45.03 -3.41
CA LYS B 308 -27.39 46.21 -3.20
C LYS B 308 -25.96 45.98 -3.65
N MET B 309 -25.53 44.73 -3.82
CA MET B 309 -24.18 44.44 -4.26
C MET B 309 -23.85 45.20 -5.53
N GLY B 310 -22.86 46.08 -5.44
CA GLY B 310 -22.48 46.91 -6.56
C GLY B 310 -20.99 46.82 -6.85
N GLY B 311 -20.66 47.02 -8.11
CA GLY B 311 -19.27 46.95 -8.55
C GLY B 311 -19.15 46.75 -10.04
N SER B 312 -18.22 45.89 -10.45
CA SER B 312 -18.01 45.64 -11.87
C SER B 312 -19.14 44.80 -12.44
N ALA B 313 -19.37 44.96 -13.75
CA ALA B 313 -20.37 44.17 -14.44
C ALA B 313 -19.92 42.71 -14.54
N PRO B 314 -20.86 41.78 -14.67
CA PRO B 314 -20.49 40.36 -14.80
C PRO B 314 -19.62 40.13 -16.02
N PRO B 315 -18.63 39.25 -15.92
CA PRO B 315 -17.77 38.99 -17.08
C PRO B 315 -18.51 38.44 -18.29
N ASP B 316 -19.56 37.65 -18.08
CA ASP B 316 -20.31 37.06 -19.17
C ASP B 316 -21.67 36.63 -18.64
N SER B 317 -22.50 36.10 -19.53
CA SER B 317 -23.80 35.58 -19.11
C SER B 317 -23.68 34.34 -18.24
N SER B 318 -22.52 33.68 -18.26
CA SER B 318 -22.34 32.50 -17.42
C SER B 318 -22.42 32.84 -15.94
N TRP B 319 -21.83 33.97 -15.54
CA TRP B 319 -21.87 34.37 -14.14
C TRP B 319 -23.30 34.67 -13.69
N ARG B 320 -24.07 35.35 -14.54
CA ARG B 320 -25.45 35.68 -14.20
C ARG B 320 -26.30 34.41 -14.12
N GLY B 321 -27.14 34.34 -13.10
CA GLY B 321 -28.01 33.19 -12.92
C GLY B 321 -29.41 33.43 -13.46
N SER B 322 -30.43 33.22 -12.63
CA SER B 322 -31.81 33.41 -13.02
C SER B 322 -32.59 34.35 -12.13
N LEU B 323 -32.05 34.72 -10.96
CA LEU B 323 -32.75 35.61 -10.06
C LEU B 323 -32.80 37.03 -10.64
N LYS B 324 -33.67 37.86 -10.07
CA LYS B 324 -33.75 39.26 -10.47
C LYS B 324 -32.70 40.07 -9.72
N VAL B 325 -31.44 39.66 -9.84
CA VAL B 325 -30.33 40.28 -9.12
C VAL B 325 -29.39 40.89 -10.16
N PRO B 326 -28.89 42.10 -9.93
CA PRO B 326 -27.90 42.67 -10.87
C PRO B 326 -26.66 41.83 -11.01
N TYR B 327 -26.32 41.02 -10.00
CA TYR B 327 -25.17 40.12 -10.03
C TYR B 327 -23.87 40.88 -10.28
N ASN B 328 -23.76 42.06 -9.67
CA ASN B 328 -22.51 42.81 -9.73
C ASN B 328 -21.41 42.02 -9.03
N VAL B 329 -20.22 42.02 -9.65
CA VAL B 329 -19.14 41.19 -9.16
C VAL B 329 -18.22 41.95 -8.20
N GLY B 330 -18.04 43.24 -8.42
CA GLY B 330 -17.14 44.03 -7.61
C GLY B 330 -17.59 44.16 -6.17
N PRO B 331 -16.64 44.32 -5.25
CA PRO B 331 -16.99 44.51 -3.84
C PRO B 331 -17.70 45.83 -3.62
N GLY B 332 -18.59 45.85 -2.63
CA GLY B 332 -19.32 47.06 -2.29
C GLY B 332 -20.82 46.90 -2.41
N PHE B 333 -21.56 47.55 -1.51
CA PHE B 333 -23.00 47.49 -1.49
C PHE B 333 -23.64 48.74 -2.08
N THR B 334 -22.87 49.58 -2.77
CA THR B 334 -23.36 50.80 -3.40
C THR B 334 -24.08 51.70 -2.40
N PHE B 337 -25.91 53.31 0.31
CA PHE B 337 -26.14 52.14 1.15
C PHE B 337 -24.99 51.16 1.04
N SER B 338 -23.77 51.62 1.34
CA SER B 338 -22.59 50.79 1.24
C SER B 338 -21.76 50.72 2.51
N THR B 339 -22.04 51.56 3.51
CA THR B 339 -21.26 51.50 4.75
C THR B 339 -21.54 50.21 5.52
N GLN B 340 -22.71 49.63 5.36
CA GLN B 340 -23.05 48.39 6.07
C GLN B 340 -22.30 47.21 5.46
N LYS B 341 -22.10 46.18 6.28
CA LYS B 341 -21.39 44.98 5.86
C LYS B 341 -22.05 43.75 6.49
N VAL B 342 -21.79 42.61 5.88
CA VAL B 342 -22.41 41.36 6.33
C VAL B 342 -21.54 40.71 7.39
N LYS B 343 -22.17 39.87 8.20
CA LYS B 343 -21.50 39.13 9.26
C LYS B 343 -22.17 37.77 9.42
N MET B 344 -21.36 36.73 9.53
CA MET B 344 -21.85 35.37 9.67
C MET B 344 -21.72 34.91 11.12
N HIS B 345 -22.66 34.07 11.54
CA HIS B 345 -22.78 33.64 12.92
C HIS B 345 -22.75 32.12 13.03
N ILE B 346 -21.76 31.51 12.40
CA ILE B 346 -21.62 30.06 12.46
C ILE B 346 -21.21 29.65 13.87
N HIS B 347 -22.07 28.89 14.54
CA HIS B 347 -21.77 28.36 15.87
C HIS B 347 -21.71 26.84 15.85
N SER B 348 -21.42 26.25 14.70
CA SER B 348 -21.39 24.80 14.58
C SER B 348 -20.29 24.21 15.44
N THR B 349 -20.56 23.02 15.98
CA THR B 349 -19.63 22.32 16.86
C THR B 349 -19.33 20.95 16.29
N ASN B 350 -18.07 20.55 16.37
CA ASN B 350 -17.62 19.23 15.93
C ASN B 350 -17.34 18.37 17.15
N GLU B 351 -17.91 17.16 17.17
CA GLU B 351 -17.73 16.25 18.28
C GLU B 351 -17.69 14.82 17.77
N VAL B 352 -17.12 13.94 18.58
CA VAL B 352 -17.03 12.52 18.25
C VAL B 352 -18.31 11.83 18.74
N THR B 353 -19.04 11.23 17.80
CA THR B 353 -20.27 10.51 18.12
C THR B 353 -20.23 9.14 17.45
N ARG B 354 -21.11 8.25 17.91
CA ARG B 354 -21.11 6.87 17.48
C ARG B 354 -22.11 6.65 16.36
N ILE B 355 -21.69 5.86 15.36
CA ILE B 355 -22.53 5.49 14.23
C ILE B 355 -22.60 3.97 14.17
N TYR B 356 -23.72 3.46 13.64
CA TYR B 356 -24.01 2.04 13.63
C TYR B 356 -24.32 1.58 12.22
N ASN B 357 -23.68 0.49 11.79
CA ASN B 357 -23.94 -0.15 10.51
C ASN B 357 -24.55 -1.52 10.75
N VAL B 358 -25.47 -1.90 9.88
CA VAL B 358 -26.18 -3.18 9.97
C VAL B 358 -25.61 -4.14 8.95
N ILE B 359 -25.18 -5.32 9.40
CA ILE B 359 -24.59 -6.32 8.51
C ILE B 359 -25.33 -7.62 8.71
N GLY B 360 -25.95 -8.13 7.64
CA GLY B 360 -26.66 -9.40 7.68
C GLY B 360 -26.02 -10.39 6.72
N THR B 361 -26.02 -11.66 7.10
CA THR B 361 -25.30 -12.71 6.40
C THR B 361 -26.25 -13.77 5.89
N LEU B 362 -26.07 -14.17 4.64
CA LEU B 362 -26.70 -15.35 4.05
C LEU B 362 -25.57 -16.24 3.56
N ARG B 363 -25.20 -17.22 4.37
CA ARG B 363 -24.03 -18.04 4.09
C ARG B 363 -24.25 -18.89 2.85
N GLY B 364 -23.20 -19.00 2.03
CA GLY B 364 -23.28 -19.84 0.84
C GLY B 364 -23.25 -21.31 1.17
N ALA B 365 -23.70 -22.11 0.21
CA ALA B 365 -23.77 -23.55 0.39
C ALA B 365 -22.51 -24.27 -0.12
N VAL B 366 -22.03 -23.88 -1.29
CA VAL B 366 -20.88 -24.55 -1.90
C VAL B 366 -19.59 -23.77 -1.69
N GLU B 367 -19.64 -22.44 -1.84
CA GLU B 367 -18.46 -21.58 -1.74
C GLU B 367 -18.70 -20.51 -0.69
N PRO B 368 -18.61 -20.86 0.60
CA PRO B 368 -18.75 -19.86 1.66
C PRO B 368 -17.65 -18.82 1.66
N ASP B 369 -16.54 -19.06 0.96
CA ASP B 369 -15.40 -18.16 0.96
C ASP B 369 -15.61 -16.93 0.09
N ARG B 370 -16.69 -16.86 -0.68
CA ARG B 370 -16.90 -15.80 -1.65
C ARG B 370 -17.99 -14.86 -1.14
N TYR B 371 -17.68 -13.57 -1.08
CA TYR B 371 -18.57 -12.56 -0.53
C TYR B 371 -19.13 -11.69 -1.65
N VAL B 372 -20.46 -11.66 -1.77
CA VAL B 372 -21.16 -10.73 -2.65
C VAL B 372 -21.98 -9.81 -1.76
N ILE B 373 -21.69 -8.51 -1.83
CA ILE B 373 -22.19 -7.54 -0.87
C ILE B 373 -23.19 -6.62 -1.54
N LEU B 374 -24.33 -6.42 -0.90
CA LEU B 374 -25.33 -5.45 -1.31
C LEU B 374 -25.52 -4.46 -0.16
N GLY B 375 -25.40 -3.16 -0.46
CA GLY B 375 -25.43 -2.20 0.63
C GLY B 375 -25.88 -0.82 0.22
N GLY B 376 -26.08 0.01 1.23
CA GLY B 376 -26.46 1.40 1.05
C GLY B 376 -26.51 2.05 2.40
N HIS B 377 -26.71 3.36 2.40
CA HIS B 377 -26.70 4.08 3.67
C HIS B 377 -28.12 4.32 4.17
N ARG B 378 -28.21 4.61 5.47
CA ARG B 378 -29.47 4.74 6.17
C ARG B 378 -29.71 6.13 6.74
N ASP B 379 -28.66 6.91 6.98
CA ASP B 379 -28.80 8.26 7.50
C ASP B 379 -29.50 9.16 6.49
N SER B 380 -29.91 10.33 6.96
CA SER B 380 -30.49 11.35 6.10
C SER B 380 -30.32 12.70 6.77
N TRP B 381 -30.46 13.76 5.97
CA TRP B 381 -30.36 15.09 6.54
C TRP B 381 -31.60 15.42 7.37
N VAL B 382 -32.79 15.31 6.77
CA VAL B 382 -34.02 15.47 7.53
C VAL B 382 -34.95 14.27 7.37
N PHE B 383 -35.41 14.00 6.15
CA PHE B 383 -36.37 12.92 5.92
C PHE B 383 -35.82 11.86 4.98
N GLY B 384 -35.33 12.25 3.80
CA GLY B 384 -34.77 11.29 2.88
C GLY B 384 -35.80 10.50 2.10
N GLY B 385 -36.82 11.16 1.56
CA GLY B 385 -37.78 10.46 0.74
C GLY B 385 -37.15 9.85 -0.50
N ILE B 386 -36.04 10.41 -0.96
CA ILE B 386 -35.28 9.87 -2.08
C ILE B 386 -33.92 9.36 -1.62
N ASP B 387 -33.10 10.24 -1.03
CA ASP B 387 -31.79 9.86 -0.56
C ASP B 387 -31.85 9.64 0.94
N PRO B 388 -31.73 8.41 1.44
CA PRO B 388 -31.53 7.15 0.70
C PRO B 388 -32.67 6.16 0.83
N GLN B 389 -33.77 6.49 1.53
CA GLN B 389 -34.73 5.46 1.92
C GLN B 389 -35.43 4.83 0.72
N SER B 390 -35.47 5.52 -0.43
CA SER B 390 -36.01 4.90 -1.63
C SER B 390 -35.16 3.72 -2.08
N GLY B 391 -33.92 3.63 -1.62
CA GLY B 391 -33.08 2.47 -1.88
C GLY B 391 -33.08 1.50 -0.72
N ALA B 392 -33.27 2.02 0.50
CA ALA B 392 -33.35 1.16 1.67
C ALA B 392 -34.59 0.26 1.60
N ALA B 393 -35.71 0.80 1.10
CA ALA B 393 -36.90 -0.02 0.91
C ALA B 393 -36.64 -1.13 -0.11
N VAL B 394 -35.91 -0.79 -1.18
CA VAL B 394 -35.56 -1.79 -2.19
C VAL B 394 -34.70 -2.89 -1.56
N VAL B 395 -33.73 -2.50 -0.74
CA VAL B 395 -32.87 -3.48 -0.08
C VAL B 395 -33.71 -4.36 0.85
N HIS B 396 -34.66 -3.76 1.57
CA HIS B 396 -35.53 -4.53 2.44
C HIS B 396 -36.32 -5.57 1.66
N GLU B 397 -36.89 -5.18 0.52
CA GLU B 397 -37.66 -6.12 -0.29
C GLU B 397 -36.78 -7.23 -0.84
N ILE B 398 -35.58 -6.89 -1.29
CA ILE B 398 -34.65 -7.90 -1.80
C ILE B 398 -34.28 -8.88 -0.70
N VAL B 399 -34.01 -8.37 0.51
CA VAL B 399 -33.65 -9.24 1.62
C VAL B 399 -34.81 -10.14 1.99
N ARG B 400 -36.04 -9.62 1.98
CA ARG B 400 -37.20 -10.45 2.28
C ARG B 400 -37.36 -11.56 1.25
N SER B 401 -37.17 -11.23 -0.03
CA SER B 401 -37.28 -12.23 -1.08
C SER B 401 -36.23 -13.32 -0.91
N PHE B 402 -34.98 -12.92 -0.65
CA PHE B 402 -33.93 -13.91 -0.43
C PHE B 402 -34.21 -14.74 0.81
N GLY B 403 -34.79 -14.13 1.84
CA GLY B 403 -35.09 -14.87 3.05
C GLY B 403 -36.16 -15.92 2.86
N THR B 404 -37.25 -15.57 2.15
CA THR B 404 -38.26 -16.59 1.89
C THR B 404 -37.73 -17.64 0.93
N LEU B 405 -36.85 -17.26 0.00
CA LEU B 405 -36.20 -18.25 -0.85
C LEU B 405 -35.41 -19.24 -0.02
N LYS B 406 -34.67 -18.74 0.97
CA LYS B 406 -33.93 -19.62 1.87
C LYS B 406 -34.89 -20.49 2.67
N LYS B 407 -36.01 -19.92 3.12
CA LYS B 407 -36.94 -20.65 3.95
C LYS B 407 -37.59 -21.81 3.21
N GLU B 408 -37.84 -21.67 1.91
CA GLU B 408 -38.30 -22.84 1.17
C GLU B 408 -37.24 -23.92 1.08
N GLY B 409 -35.98 -23.60 1.33
CA GLY B 409 -34.93 -24.61 1.37
C GLY B 409 -33.73 -24.29 0.50
N TRP B 410 -33.83 -23.25 -0.31
CA TRP B 410 -32.76 -22.88 -1.22
C TRP B 410 -31.64 -22.15 -0.49
N ARG B 411 -30.44 -22.22 -1.07
CA ARG B 411 -29.26 -21.59 -0.51
C ARG B 411 -28.25 -21.35 -1.63
N PRO B 412 -27.68 -20.15 -1.74
CA PRO B 412 -26.76 -19.87 -2.84
C PRO B 412 -25.40 -20.51 -2.63
N ARG B 413 -24.64 -20.59 -3.72
CA ARG B 413 -23.28 -21.13 -3.63
C ARG B 413 -22.39 -20.23 -2.79
N ARG B 414 -22.50 -18.92 -2.96
CA ARG B 414 -21.60 -17.96 -2.34
C ARG B 414 -22.33 -17.17 -1.26
N THR B 415 -21.55 -16.58 -0.37
CA THR B 415 -22.10 -15.77 0.70
C THR B 415 -22.66 -14.46 0.17
N ILE B 416 -23.75 -14.01 0.76
CA ILE B 416 -24.35 -12.72 0.45
C ILE B 416 -24.38 -11.89 1.72
N LEU B 417 -23.79 -10.70 1.67
CA LEU B 417 -23.78 -9.77 2.79
C LEU B 417 -24.65 -8.57 2.46
N PHE B 418 -25.58 -8.27 3.35
CA PHE B 418 -26.47 -7.12 3.20
C PHE B 418 -26.04 -6.05 4.19
N ALA B 419 -25.89 -4.82 3.71
CA ALA B 419 -25.28 -3.75 4.49
C ALA B 419 -26.19 -2.53 4.53
N SER B 420 -26.26 -1.92 5.70
CA SER B 420 -26.90 -0.62 5.90
C SER B 420 -25.87 0.29 6.54
N TRP B 421 -25.44 1.31 5.80
CA TRP B 421 -24.35 2.19 6.19
C TRP B 421 -24.85 3.40 6.97
N ASP B 422 -23.95 3.99 7.74
CA ASP B 422 -24.24 5.16 8.55
C ASP B 422 -23.23 6.26 8.26
N ALA B 423 -23.61 7.50 8.58
CA ALA B 423 -22.73 8.66 8.46
C ALA B 423 -22.19 8.83 7.05
N GLU B 424 -22.97 8.42 6.04
CA GLU B 424 -22.52 8.57 4.66
C GLU B 424 -22.61 10.01 4.20
N GLU B 425 -23.66 10.73 4.63
CA GLU B 425 -23.80 12.13 4.26
C GLU B 425 -22.76 13.00 4.93
N PHE B 426 -22.01 12.47 5.90
CA PHE B 426 -20.94 13.20 6.57
C PHE B 426 -19.57 12.86 6.03
N GLY B 427 -19.48 12.18 4.90
CA GLY B 427 -18.19 11.86 4.32
C GLY B 427 -17.91 10.37 4.17
N LEU B 428 -18.96 9.58 3.96
CA LEU B 428 -18.83 8.12 3.78
C LEU B 428 -18.14 7.48 4.98
N LEU B 429 -18.49 7.93 6.18
CA LEU B 429 -17.80 7.50 7.38
C LEU B 429 -18.23 6.12 7.87
N GLY B 430 -19.26 5.52 7.27
CA GLY B 430 -19.69 4.21 7.71
C GLY B 430 -19.11 3.07 6.90
N SER B 431 -19.25 3.16 5.57
CA SER B 431 -18.71 2.12 4.71
C SER B 431 -17.19 2.08 4.76
N THR B 432 -16.55 3.25 4.77
CA THR B 432 -15.10 3.30 4.75
C THR B 432 -14.51 2.65 6.00
N GLU B 433 -15.07 2.93 7.17
CA GLU B 433 -14.54 2.35 8.40
C GLU B 433 -14.75 0.85 8.44
N TRP B 434 -15.91 0.37 7.98
CA TRP B 434 -16.17 -1.07 7.96
C TRP B 434 -15.22 -1.77 7.00
N ALA B 435 -14.95 -1.17 5.84
CA ALA B 435 -14.01 -1.78 4.91
C ALA B 435 -12.58 -1.73 5.45
N GLU B 436 -12.23 -0.67 6.17
CA GLU B 436 -10.90 -0.61 6.78
C GLU B 436 -10.74 -1.68 7.83
N GLU B 437 -11.79 -1.95 8.62
CA GLU B 437 -11.72 -3.05 9.58
C GLU B 437 -11.59 -4.39 8.88
N ASN B 438 -12.32 -4.58 7.79
CA ASN B 438 -12.36 -5.85 7.06
C ASN B 438 -11.59 -5.78 5.75
N SER B 439 -10.45 -5.07 5.76
CA SER B 439 -9.68 -4.90 4.52
C SER B 439 -9.16 -6.23 4.01
N ARG B 440 -8.62 -7.07 4.90
CA ARG B 440 -8.00 -8.32 4.48
C ARG B 440 -9.05 -9.32 3.98
N LEU B 441 -10.17 -9.45 4.70
CA LEU B 441 -11.21 -10.38 4.31
C LEU B 441 -11.75 -10.04 2.93
N LEU B 442 -12.03 -8.75 2.68
CA LEU B 442 -12.56 -8.35 1.39
C LEU B 442 -11.50 -8.45 0.31
N GLN B 443 -10.25 -8.13 0.63
CA GLN B 443 -9.18 -8.20 -0.35
C GLN B 443 -8.98 -9.63 -0.84
N GLU B 444 -9.00 -10.60 0.07
CA GLU B 444 -8.77 -11.99 -0.32
C GLU B 444 -10.05 -12.75 -0.66
N ARG B 445 -11.23 -12.18 -0.42
CA ARG B 445 -12.47 -12.92 -0.60
C ARG B 445 -13.57 -12.17 -1.34
N GLY B 446 -13.54 -10.85 -1.39
CA GLY B 446 -14.66 -10.10 -1.96
C GLY B 446 -14.78 -10.32 -3.45
N VAL B 447 -15.91 -10.86 -3.90
CA VAL B 447 -16.15 -11.03 -5.33
C VAL B 447 -16.60 -9.73 -5.96
N ALA B 448 -17.66 -9.13 -5.42
CA ALA B 448 -18.22 -7.92 -5.98
C ALA B 448 -19.05 -7.23 -4.91
N TYR B 449 -19.34 -5.95 -5.17
CA TYR B 449 -20.14 -5.13 -4.27
C TYR B 449 -21.20 -4.40 -5.09
N ILE B 450 -22.42 -4.39 -4.58
CA ILE B 450 -23.53 -3.69 -5.23
C ILE B 450 -24.07 -2.66 -4.26
N ASN B 451 -24.16 -1.42 -4.71
CA ASN B 451 -24.60 -0.31 -3.89
C ASN B 451 -26.02 0.08 -4.28
N ALA B 452 -26.92 0.12 -3.31
CA ALA B 452 -28.30 0.51 -3.52
C ALA B 452 -28.56 1.80 -2.75
N ASP B 453 -28.91 2.85 -3.47
CA ASP B 453 -29.14 4.16 -2.86
C ASP B 453 -29.91 5.03 -3.84
N SER B 454 -31.02 5.61 -3.37
CA SER B 454 -31.83 6.50 -4.19
C SER B 454 -32.24 5.82 -5.49
N SER B 455 -33.06 4.78 -5.33
CA SER B 455 -33.53 4.00 -6.48
C SER B 455 -34.19 4.89 -7.53
N ILE B 456 -34.79 5.99 -7.09
CA ILE B 456 -35.46 6.92 -8.00
C ILE B 456 -34.73 8.26 -7.98
N GLU B 457 -34.49 8.80 -9.16
CA GLU B 457 -34.13 10.19 -9.34
C GLU B 457 -34.87 10.80 -10.52
N GLY B 458 -35.77 10.04 -11.13
CA GLY B 458 -36.48 10.48 -12.32
C GLY B 458 -37.36 9.34 -12.79
N ASN B 459 -37.97 9.53 -13.95
CA ASN B 459 -38.83 8.48 -14.49
C ASN B 459 -38.60 8.32 -15.99
N TYR B 460 -37.35 8.41 -16.42
CA TYR B 460 -37.02 8.35 -17.84
C TYR B 460 -36.19 7.13 -18.20
N THR B 461 -35.01 6.95 -17.59
CA THR B 461 -34.10 5.89 -18.00
C THR B 461 -33.58 5.16 -16.77
N LEU B 462 -32.98 3.99 -17.02
CA LEU B 462 -32.26 3.24 -16.00
C LEU B 462 -30.77 3.41 -16.27
N ARG B 463 -30.10 4.15 -15.39
CA ARG B 463 -28.66 4.35 -15.50
C ARG B 463 -27.94 3.28 -14.68
N VAL B 464 -26.85 2.75 -15.25
CA VAL B 464 -26.01 1.77 -14.59
C VAL B 464 -24.56 2.23 -14.74
N ASP B 465 -23.82 2.19 -13.64
CA ASP B 465 -22.39 2.47 -13.66
C ASP B 465 -21.67 1.38 -12.89
N CYS B 466 -20.70 0.75 -13.53
CA CYS B 466 -20.03 -0.41 -12.93
C CYS B 466 -18.68 -0.60 -13.61
N THR B 467 -17.91 -1.53 -13.07
CA THR B 467 -16.67 -1.93 -13.70
C THR B 467 -16.97 -2.68 -15.00
N PRO B 468 -16.05 -2.67 -15.96
CA PRO B 468 -16.33 -3.33 -17.25
C PRO B 468 -16.60 -4.82 -17.13
N LEU B 469 -16.06 -5.47 -16.09
CA LEU B 469 -16.27 -6.91 -15.93
C LEU B 469 -17.75 -7.27 -15.85
N MET B 470 -18.59 -6.34 -15.41
CA MET B 470 -20.02 -6.59 -15.27
C MET B 470 -20.80 -6.29 -16.55
N TYR B 471 -20.17 -5.67 -17.55
CA TYR B 471 -20.90 -5.15 -18.70
C TYR B 471 -21.79 -6.23 -19.34
N SER B 472 -21.23 -7.41 -19.57
CA SER B 472 -22.01 -8.47 -20.19
C SER B 472 -23.15 -8.92 -19.29
N LEU B 473 -22.88 -9.08 -17.99
CA LEU B 473 -23.87 -9.64 -17.08
C LEU B 473 -25.14 -8.81 -17.09
N VAL B 474 -25.00 -7.49 -17.00
CA VAL B 474 -26.17 -6.60 -17.02
C VAL B 474 -26.95 -6.80 -18.31
N HIS B 475 -26.24 -6.91 -19.44
CA HIS B 475 -26.92 -7.12 -20.72
C HIS B 475 -27.71 -8.42 -20.72
N ASN B 476 -27.24 -9.43 -19.99
CA ASN B 476 -28.02 -10.65 -19.83
C ASN B 476 -29.15 -10.48 -18.83
N LEU B 477 -28.95 -9.66 -17.80
CA LEU B 477 -29.97 -9.50 -16.78
C LEU B 477 -31.15 -8.69 -17.30
N THR B 478 -30.87 -7.58 -17.98
CA THR B 478 -31.95 -6.70 -18.44
C THR B 478 -32.75 -7.31 -19.58
N LYS B 479 -32.22 -8.34 -20.25
CA LYS B 479 -32.96 -8.97 -21.34
C LYS B 479 -34.12 -9.83 -20.85
N GLU B 480 -34.21 -10.10 -19.54
CA GLU B 480 -35.28 -10.91 -18.99
C GLU B 480 -36.32 -10.12 -18.22
N LEU B 481 -35.89 -9.10 -17.46
CA LEU B 481 -36.83 -8.32 -16.68
C LEU B 481 -37.72 -7.48 -17.59
N LYS B 482 -38.97 -7.30 -17.17
CA LYS B 482 -39.95 -6.56 -17.96
C LYS B 482 -39.73 -5.06 -17.82
N SER B 483 -39.83 -4.35 -18.93
CA SER B 483 -39.67 -2.90 -18.92
C SER B 483 -40.88 -2.23 -18.28
N PRO B 484 -40.68 -1.39 -17.26
CA PRO B 484 -41.81 -0.68 -16.65
C PRO B 484 -42.12 0.67 -17.28
N ASP B 485 -41.36 1.11 -18.27
CA ASP B 485 -41.52 2.43 -18.83
C ASP B 485 -42.87 2.58 -19.51
N GLU B 486 -43.36 3.82 -19.59
CA GLU B 486 -44.58 4.10 -20.31
C GLU B 486 -44.42 3.75 -21.78
N GLY B 487 -45.45 3.17 -22.37
CA GLY B 487 -45.26 2.58 -23.68
C GLY B 487 -44.37 1.35 -23.53
N PHE B 488 -43.77 0.95 -24.65
CA PHE B 488 -42.81 -0.16 -24.66
C PHE B 488 -43.42 -1.41 -24.02
N GLU B 489 -44.70 -1.64 -24.28
CA GLU B 489 -45.42 -2.72 -23.63
C GLU B 489 -45.01 -4.06 -24.23
N GLY B 490 -44.76 -5.04 -23.35
CA GLY B 490 -44.32 -6.35 -23.77
C GLY B 490 -42.83 -6.48 -24.01
N LYS B 491 -42.08 -5.40 -23.88
CA LYS B 491 -40.65 -5.41 -24.14
C LYS B 491 -39.88 -5.70 -22.84
N SER B 492 -38.69 -6.26 -23.00
CA SER B 492 -37.80 -6.45 -21.87
C SER B 492 -37.19 -5.12 -21.46
N LEU B 493 -36.64 -5.09 -20.23
CA LEU B 493 -35.98 -3.88 -19.77
C LEU B 493 -34.80 -3.50 -20.65
N TYR B 494 -34.13 -4.50 -21.23
CA TYR B 494 -32.99 -4.22 -22.09
C TYR B 494 -33.39 -3.38 -23.29
N GLU B 495 -34.53 -3.70 -23.91
CA GLU B 495 -34.97 -2.97 -25.10
C GLU B 495 -35.23 -1.50 -24.78
N SER B 496 -35.98 -1.25 -23.70
CA SER B 496 -36.28 0.13 -23.33
C SER B 496 -35.03 0.88 -22.93
N TRP B 497 -34.14 0.24 -22.17
CA TRP B 497 -32.90 0.89 -21.75
C TRP B 497 -32.04 1.24 -22.94
N THR B 498 -31.92 0.33 -23.91
CA THR B 498 -31.16 0.62 -25.12
C THR B 498 -31.80 1.74 -25.93
N LYS B 499 -33.13 1.73 -26.05
CA LYS B 499 -33.80 2.75 -26.85
C LYS B 499 -33.65 4.13 -26.23
N LYS B 500 -33.78 4.23 -24.91
CA LYS B 500 -33.78 5.53 -24.25
C LYS B 500 -32.41 5.98 -23.77
N SER B 501 -31.37 5.16 -23.94
CA SER B 501 -30.04 5.56 -23.55
C SER B 501 -28.99 4.79 -24.35
N PRO B 502 -28.87 5.05 -25.64
CA PRO B 502 -27.94 4.26 -26.46
C PRO B 502 -26.48 4.61 -26.17
N SER B 503 -25.61 3.63 -26.40
CA SER B 503 -24.18 3.88 -26.28
C SER B 503 -23.66 4.52 -27.56
N PRO B 504 -22.77 5.52 -27.45
CA PRO B 504 -22.22 6.14 -28.66
C PRO B 504 -21.44 5.17 -29.54
N GLU B 505 -20.74 4.21 -28.94
CA GLU B 505 -19.91 3.30 -29.72
C GLU B 505 -20.74 2.28 -30.49
N PHE B 506 -21.75 1.71 -29.84
CA PHE B 506 -22.60 0.69 -30.44
C PHE B 506 -24.06 1.13 -30.36
N SER B 507 -24.72 1.17 -31.51
CA SER B 507 -26.11 1.63 -31.55
C SER B 507 -27.04 0.69 -30.80
N GLY B 508 -26.84 -0.62 -30.96
CA GLY B 508 -27.71 -1.60 -30.34
C GLY B 508 -27.39 -1.96 -28.91
N MET B 509 -26.41 -1.30 -28.31
CA MET B 509 -26.01 -1.59 -26.95
C MET B 509 -26.30 -0.41 -26.04
N PRO B 510 -26.87 -0.64 -24.86
CA PRO B 510 -27.10 0.46 -23.92
C PRO B 510 -25.79 0.99 -23.35
N ARG B 511 -25.81 2.26 -22.97
CA ARG B 511 -24.64 2.92 -22.43
C ARG B 511 -24.53 2.65 -20.93
N ILE B 512 -23.33 2.28 -20.50
CA ILE B 512 -23.01 2.09 -19.08
C ILE B 512 -21.93 3.09 -18.72
N SER B 513 -22.20 3.93 -17.74
CA SER B 513 -21.28 5.00 -17.39
C SER B 513 -20.17 4.48 -16.49
N LYS B 514 -19.10 5.27 -16.40
CA LYS B 514 -17.98 4.94 -15.52
C LYS B 514 -18.38 5.08 -14.06
N LEU B 515 -17.70 4.33 -13.21
CA LEU B 515 -18.01 4.33 -11.78
C LEU B 515 -17.24 5.47 -11.09
N GLY B 516 -17.70 6.68 -11.37
CA GLY B 516 -17.10 7.85 -10.74
C GLY B 516 -17.36 7.87 -9.25
N SER B 517 -16.34 8.28 -8.50
CA SER B 517 -16.39 8.23 -7.05
C SER B 517 -17.39 9.24 -6.50
N GLY B 518 -17.72 9.08 -5.22
CA GLY B 518 -18.61 10.01 -4.55
C GLY B 518 -19.64 9.38 -3.65
N ASN B 519 -19.62 8.05 -3.51
CA ASN B 519 -20.62 7.35 -2.73
C ASN B 519 -19.94 6.17 -2.03
N ASP B 520 -20.77 5.26 -1.49
CA ASP B 520 -20.28 4.21 -0.61
C ASP B 520 -19.36 3.21 -1.29
N PHE B 521 -19.43 3.09 -2.62
CA PHE B 521 -18.60 2.12 -3.33
C PHE B 521 -17.14 2.50 -3.37
N GLU B 522 -16.79 3.72 -2.94
CA GLU B 522 -15.43 4.24 -3.11
C GLU B 522 -14.40 3.32 -2.48
N VAL B 523 -14.58 2.99 -1.21
CA VAL B 523 -13.57 2.21 -0.51
C VAL B 523 -13.49 0.79 -1.06
N PHE B 524 -14.58 0.29 -1.64
CA PHE B 524 -14.57 -1.04 -2.23
C PHE B 524 -14.02 -1.07 -3.64
N PHE B 525 -13.91 0.09 -4.30
CA PHE B 525 -13.45 0.13 -5.68
C PHE B 525 -12.21 0.99 -5.87
N GLN B 526 -12.01 2.02 -5.07
CA GLN B 526 -10.84 2.88 -5.23
C GLN B 526 -9.68 2.49 -4.33
N ARG B 527 -9.94 1.71 -3.28
CA ARG B 527 -8.88 1.30 -2.37
C ARG B 527 -8.67 -0.20 -2.35
N LEU B 528 -9.74 -0.98 -2.23
CA LEU B 528 -9.61 -2.44 -2.19
C LEU B 528 -9.56 -3.06 -3.57
N GLY B 529 -10.29 -2.51 -4.54
CA GLY B 529 -10.28 -3.05 -5.88
C GLY B 529 -11.25 -4.21 -6.07
N ILE B 530 -12.48 -4.03 -5.61
CA ILE B 530 -13.53 -5.04 -5.74
C ILE B 530 -14.56 -4.53 -6.73
N ALA B 531 -14.95 -5.40 -7.67
CA ALA B 531 -15.86 -5.03 -8.74
C ALA B 531 -17.18 -4.49 -8.20
N SER B 532 -17.44 -3.21 -8.40
CA SER B 532 -18.61 -2.55 -7.84
C SER B 532 -19.55 -2.09 -8.95
N GLY B 533 -20.85 -2.09 -8.64
CA GLY B 533 -21.85 -1.68 -9.60
C GLY B 533 -22.99 -0.95 -8.94
N ARG B 534 -23.66 -0.12 -9.72
CA ARG B 534 -24.80 0.66 -9.25
C ARG B 534 -25.81 0.80 -10.37
N ALA B 535 -27.09 0.68 -10.02
CA ALA B 535 -28.18 0.84 -10.97
C ALA B 535 -29.30 1.64 -10.31
N ARG B 536 -29.84 2.60 -11.05
CA ARG B 536 -30.90 3.44 -10.50
C ARG B 536 -31.63 4.13 -11.64
N TYR B 537 -32.90 4.46 -11.40
CA TYR B 537 -33.68 5.22 -12.36
C TYR B 537 -33.37 6.70 -12.25
N THR B 538 -33.17 7.34 -13.41
CA THR B 538 -32.81 8.74 -13.49
C THR B 538 -33.55 9.38 -14.65
N LYS B 539 -33.27 10.67 -14.87
CA LYS B 539 -33.99 11.51 -15.81
C LYS B 539 -33.24 11.58 -17.15
N ASN B 540 -33.82 12.33 -18.08
CA ASN B 540 -33.17 12.61 -19.35
C ASN B 540 -32.04 13.62 -19.16
N TRP B 541 -30.95 13.43 -19.92
CA TRP B 541 -29.83 14.35 -19.83
C TRP B 541 -29.79 15.36 -20.98
N GLU B 542 -30.36 15.03 -22.13
CA GLU B 542 -30.35 15.95 -23.26
C GLU B 542 -31.39 17.06 -23.12
N THR B 543 -32.40 16.88 -22.26
CA THR B 543 -33.45 17.87 -22.10
C THR B 543 -33.49 18.50 -20.72
N ASN B 544 -33.06 17.79 -19.68
CA ASN B 544 -33.04 18.32 -18.31
C ASN B 544 -31.64 18.83 -18.02
N LYS B 545 -31.49 20.15 -18.02
CA LYS B 545 -30.17 20.75 -17.82
C LYS B 545 -29.72 20.67 -16.36
N PHE B 546 -30.67 20.75 -15.43
CA PHE B 546 -30.32 20.79 -14.02
C PHE B 546 -29.69 19.48 -13.56
N SER B 547 -28.88 19.57 -12.51
CA SER B 547 -28.15 18.43 -11.98
C SER B 547 -28.91 17.84 -10.80
N GLY B 548 -29.07 16.52 -10.79
CA GLY B 548 -29.80 15.88 -9.72
C GLY B 548 -31.26 16.27 -9.74
N TYR B 549 -31.89 16.21 -8.58
CA TYR B 549 -33.26 16.66 -8.46
C TYR B 549 -33.33 17.95 -7.65
N PRO B 550 -34.31 18.82 -7.94
CA PRO B 550 -34.33 20.14 -7.27
C PRO B 550 -34.37 20.07 -5.76
N LEU B 551 -35.10 19.12 -5.19
CA LEU B 551 -35.21 18.99 -3.75
C LEU B 551 -34.14 18.04 -3.20
N TYR B 552 -32.89 18.30 -3.56
CA TYR B 552 -31.78 17.48 -3.10
C TYR B 552 -31.25 18.04 -1.78
N HIS B 553 -31.17 17.18 -0.77
CA HIS B 553 -30.70 17.54 0.56
C HIS B 553 -31.53 18.64 1.20
N SER B 554 -32.77 18.81 0.72
CA SER B 554 -33.67 19.82 1.24
C SER B 554 -34.53 19.21 2.35
N VAL B 555 -35.53 19.98 2.82
CA VAL B 555 -36.44 19.47 3.85
C VAL B 555 -37.67 18.81 3.25
N TYR B 556 -37.86 18.89 1.93
CA TYR B 556 -39.07 18.41 1.28
C TYR B 556 -38.89 17.04 0.63
N GLU B 557 -37.84 16.30 1.01
CA GLU B 557 -37.66 14.92 0.56
C GLU B 557 -38.56 14.01 1.40
N THR B 558 -39.86 14.09 1.11
CA THR B 558 -40.87 13.41 1.90
C THR B 558 -41.46 12.24 1.11
N TYR B 559 -42.16 11.37 1.84
CA TYR B 559 -42.85 10.24 1.21
C TYR B 559 -43.93 10.72 0.25
N GLU B 560 -44.54 11.88 0.54
CA GLU B 560 -45.54 12.42 -0.35
C GLU B 560 -44.94 12.77 -1.71
N LEU B 561 -43.71 13.29 -1.72
CA LEU B 561 -43.05 13.61 -2.99
C LEU B 561 -42.95 12.38 -3.88
N VAL B 562 -42.45 11.27 -3.34
CA VAL B 562 -42.30 10.04 -4.11
C VAL B 562 -43.66 9.49 -4.51
N GLU B 563 -44.62 9.50 -3.59
CA GLU B 563 -45.92 8.90 -3.88
C GLU B 563 -46.70 9.69 -4.91
N LYS B 564 -46.47 11.00 -5.01
CA LYS B 564 -47.26 11.86 -5.88
C LYS B 564 -46.58 12.14 -7.22
N PHE B 565 -45.32 12.58 -7.21
CA PHE B 565 -44.69 13.10 -8.41
C PHE B 565 -43.63 12.20 -9.01
N TYR B 566 -43.16 11.19 -8.29
CA TYR B 566 -42.07 10.35 -8.78
C TYR B 566 -42.50 8.93 -9.09
N ASP B 567 -43.05 8.20 -8.12
CA ASP B 567 -43.38 6.79 -8.27
C ASP B 567 -44.78 6.52 -7.72
N PRO B 568 -45.82 6.96 -8.42
CA PRO B 568 -47.18 6.72 -7.91
C PRO B 568 -47.52 5.25 -7.71
N MET B 569 -47.05 4.38 -8.59
CA MET B 569 -47.34 2.95 -8.50
C MET B 569 -46.15 2.13 -8.00
N PHE B 570 -45.01 2.77 -7.73
CA PHE B 570 -43.81 2.09 -7.25
C PHE B 570 -43.37 0.98 -8.21
N LYS B 571 -43.49 1.25 -9.52
CA LYS B 571 -43.06 0.29 -10.52
C LYS B 571 -41.58 0.45 -10.86
N TYR B 572 -41.08 1.69 -10.94
CA TYR B 572 -39.65 1.89 -11.13
C TYR B 572 -38.86 1.35 -9.95
N HIS B 573 -39.39 1.53 -8.73
CA HIS B 573 -38.78 0.90 -7.56
C HIS B 573 -38.73 -0.61 -7.73
N LEU B 574 -39.83 -1.19 -8.22
CA LEU B 574 -39.88 -2.63 -8.42
C LEU B 574 -38.82 -3.10 -9.41
N THR B 575 -38.68 -2.38 -10.52
CA THR B 575 -37.72 -2.82 -11.54
C THR B 575 -36.28 -2.56 -11.11
N VAL B 576 -36.04 -1.52 -10.31
CA VAL B 576 -34.69 -1.29 -9.79
C VAL B 576 -34.33 -2.37 -8.78
N ALA B 577 -35.29 -2.75 -7.94
CA ALA B 577 -35.08 -3.88 -7.03
C ALA B 577 -34.81 -5.15 -7.81
N GLN B 578 -35.55 -5.37 -8.91
CA GLN B 578 -35.33 -6.54 -9.74
C GLN B 578 -33.91 -6.54 -10.32
N VAL B 579 -33.45 -5.38 -10.81
CA VAL B 579 -32.11 -5.30 -11.37
C VAL B 579 -31.06 -5.64 -10.31
N ARG B 580 -31.15 -4.99 -9.15
CA ARG B 580 -30.15 -5.23 -8.11
C ARG B 580 -30.19 -6.67 -7.61
N GLY B 581 -31.40 -7.20 -7.40
CA GLY B 581 -31.52 -8.56 -6.92
C GLY B 581 -31.03 -9.58 -7.92
N GLY B 582 -31.32 -9.36 -9.21
CA GLY B 582 -30.79 -10.24 -10.24
C GLY B 582 -29.27 -10.18 -10.30
N MET B 583 -28.70 -8.98 -10.16
CA MET B 583 -27.26 -8.85 -10.09
C MET B 583 -26.69 -9.72 -8.98
N VAL B 584 -27.23 -9.58 -7.76
CA VAL B 584 -26.71 -10.32 -6.63
C VAL B 584 -26.95 -11.82 -6.80
N PHE B 585 -28.12 -12.21 -7.31
CA PHE B 585 -28.43 -13.62 -7.47
C PHE B 585 -27.52 -14.27 -8.50
N GLU B 586 -27.28 -13.61 -9.63
CA GLU B 586 -26.36 -14.14 -10.62
C GLU B 586 -24.95 -14.21 -10.06
N LEU B 587 -24.52 -13.18 -9.33
CA LEU B 587 -23.16 -13.16 -8.81
C LEU B 587 -22.94 -14.18 -7.71
N ALA B 588 -23.99 -14.59 -7.01
CA ALA B 588 -23.86 -15.54 -5.91
C ALA B 588 -24.28 -16.96 -6.27
N ASN B 589 -24.91 -17.17 -7.42
CA ASN B 589 -25.42 -18.49 -7.77
C ASN B 589 -24.92 -19.03 -9.09
N SER B 590 -24.23 -18.23 -9.90
CA SER B 590 -23.70 -18.73 -11.17
C SER B 590 -22.54 -19.69 -10.91
N ILE B 591 -22.44 -20.71 -11.76
CA ILE B 591 -21.32 -21.64 -11.68
C ILE B 591 -20.02 -20.93 -12.06
N VAL B 592 -20.05 -20.18 -13.15
CA VAL B 592 -18.91 -19.39 -13.61
C VAL B 592 -19.23 -17.92 -13.36
N LEU B 593 -18.30 -17.21 -12.75
CA LEU B 593 -18.51 -15.80 -12.45
C LEU B 593 -18.79 -15.02 -13.73
N PRO B 594 -19.83 -14.20 -13.77
CA PRO B 594 -20.20 -13.46 -14.98
C PRO B 594 -19.28 -12.28 -15.29
N PHE B 595 -17.98 -12.54 -15.27
CA PHE B 595 -16.97 -11.53 -15.56
C PHE B 595 -16.38 -11.79 -16.94
N ASP B 596 -16.14 -10.71 -17.69
CA ASP B 596 -15.60 -10.80 -19.04
C ASP B 596 -14.47 -9.78 -19.19
N CYS B 597 -13.24 -10.27 -19.31
CA CYS B 597 -12.09 -9.38 -19.43
C CYS B 597 -12.03 -8.70 -20.80
N ARG B 598 -12.60 -9.35 -21.82
CA ARG B 598 -12.65 -8.73 -23.14
C ARG B 598 -13.43 -7.42 -23.13
N ASP B 599 -14.33 -7.24 -22.16
CA ASP B 599 -14.96 -5.95 -21.98
C ASP B 599 -14.00 -4.93 -21.36
N TYR B 600 -13.09 -5.39 -20.50
CA TYR B 600 -12.11 -4.50 -19.90
C TYR B 600 -11.09 -4.02 -20.93
N ALA B 601 -10.75 -4.88 -21.88
CA ALA B 601 -9.74 -4.55 -22.88
C ALA B 601 -10.17 -3.34 -23.72
N VAL B 602 -11.43 -3.32 -24.14
CA VAL B 602 -11.93 -2.25 -25.01
C VAL B 602 -11.85 -0.92 -24.29
N VAL B 603 -12.30 -0.88 -23.03
CA VAL B 603 -12.26 0.37 -22.29
C VAL B 603 -10.84 0.78 -21.99
N LEU B 604 -9.93 -0.19 -21.82
CA LEU B 604 -8.52 0.15 -21.63
C LEU B 604 -7.97 0.85 -22.87
N ARG B 605 -8.29 0.31 -24.05
CA ARG B 605 -7.87 0.95 -25.29
C ARG B 605 -8.43 2.36 -25.40
N LYS B 606 -9.71 2.53 -25.06
CA LYS B 606 -10.34 3.84 -25.15
C LYS B 606 -9.68 4.85 -24.21
N TYR B 607 -9.43 4.43 -22.96
CA TYR B 607 -8.81 5.32 -21.99
C TYR B 607 -7.40 5.70 -22.42
N ALA B 608 -6.64 4.73 -22.95
CA ALA B 608 -5.30 5.04 -23.43
C ALA B 608 -5.34 6.05 -24.57
N ASP B 609 -6.27 5.85 -25.50
CA ASP B 609 -6.42 6.80 -26.61
C ASP B 609 -6.78 8.19 -26.12
N LYS B 610 -7.61 8.30 -25.07
CA LYS B 610 -7.97 9.62 -24.56
C LYS B 610 -6.80 10.30 -23.85
N ILE B 611 -6.11 9.57 -22.98
CA ILE B 611 -5.02 10.17 -22.23
C ILE B 611 -3.87 10.54 -23.18
N TYR B 612 -3.72 9.79 -24.27
CA TYR B 612 -2.69 10.12 -25.25
C TYR B 612 -2.95 11.47 -25.89
N SER B 613 -4.21 11.76 -26.22
N SER B 613 -4.22 11.76 -26.21
CA SER B 613 -4.56 13.06 -26.78
CA SER B 613 -4.54 13.06 -26.79
C SER B 613 -4.40 14.17 -25.75
C SER B 613 -4.40 14.17 -25.75
N ILE B 614 -4.78 13.90 -24.50
CA ILE B 614 -4.64 14.89 -23.45
C ILE B 614 -3.17 15.28 -23.31
N SER B 615 -2.27 14.30 -23.41
CA SER B 615 -0.84 14.62 -23.40
C SER B 615 -0.40 15.31 -24.70
N MET B 616 -0.81 14.80 -25.86
CA MET B 616 -0.42 15.34 -27.16
C MET B 616 -0.97 16.72 -27.41
N LYS B 617 -1.75 17.24 -26.47
CA LYS B 617 -2.08 18.66 -26.49
C LYS B 617 -0.86 19.54 -26.80
N HIS B 618 0.35 19.14 -26.39
CA HIS B 618 1.58 19.89 -26.66
C HIS B 618 2.60 19.00 -27.36
N PRO B 619 2.40 18.73 -28.65
CA PRO B 619 3.32 17.82 -29.36
C PRO B 619 4.77 18.27 -29.36
N GLN B 620 5.03 19.56 -29.51
CA GLN B 620 6.41 20.03 -29.54
C GLN B 620 7.07 19.88 -28.19
N GLU B 621 6.31 20.04 -27.10
CA GLU B 621 6.87 19.78 -25.78
C GLU B 621 7.12 18.31 -25.56
N MET B 622 6.25 17.43 -26.07
CA MET B 622 6.53 16.00 -25.96
C MET B 622 7.79 15.63 -26.74
N LYS B 623 7.97 16.20 -27.93
CA LYS B 623 9.16 15.91 -28.73
C LYS B 623 10.42 16.48 -28.09
N THR B 624 10.35 17.67 -27.51
CA THR B 624 11.54 18.30 -26.94
C THR B 624 12.08 17.50 -25.77
N TYR B 625 11.20 17.02 -24.89
CA TYR B 625 11.61 16.28 -23.70
C TYR B 625 11.52 14.78 -23.88
N SER B 626 11.19 14.30 -25.08
CA SER B 626 11.15 12.87 -25.40
C SER B 626 10.16 12.12 -24.50
N VAL B 627 8.89 12.46 -24.68
CA VAL B 627 7.79 11.79 -24.00
C VAL B 627 7.14 10.82 -24.99
N SER B 628 7.02 9.56 -24.59
CA SER B 628 6.46 8.52 -25.45
C SER B 628 5.48 7.67 -24.67
N PHE B 629 4.42 7.23 -25.36
CA PHE B 629 3.38 6.39 -24.78
C PHE B 629 3.44 4.95 -25.26
N ASP B 630 4.52 4.55 -25.92
CA ASP B 630 4.57 3.23 -26.55
C ASP B 630 4.46 2.11 -25.52
N SER B 631 5.00 2.30 -24.33
CA SER B 631 4.89 1.26 -23.30
C SER B 631 3.45 1.00 -22.91
N LEU B 632 2.66 2.06 -22.74
CA LEU B 632 1.25 1.90 -22.40
C LEU B 632 0.49 1.20 -23.51
N PHE B 633 0.75 1.58 -24.76
CA PHE B 633 0.08 0.94 -25.89
C PHE B 633 0.43 -0.54 -25.98
N SER B 634 1.70 -0.87 -25.78
CA SER B 634 2.12 -2.27 -25.79
C SER B 634 1.45 -3.06 -24.67
N ALA B 635 1.37 -2.47 -23.47
CA ALA B 635 0.73 -3.15 -22.36
C ALA B 635 -0.74 -3.41 -22.66
N VAL B 636 -1.44 -2.43 -23.25
CA VAL B 636 -2.85 -2.62 -23.56
C VAL B 636 -3.02 -3.70 -24.62
N LYS B 637 -2.16 -3.71 -25.64
CA LYS B 637 -2.25 -4.74 -26.68
C LYS B 637 -2.03 -6.13 -26.09
N ASN B 638 -1.05 -6.27 -25.20
CA ASN B 638 -0.83 -7.54 -24.53
C ASN B 638 -2.03 -7.92 -23.69
N PHE B 639 -2.67 -6.94 -23.05
CA PHE B 639 -3.88 -7.22 -22.29
C PHE B 639 -4.96 -7.82 -23.19
N THR B 640 -5.16 -7.22 -24.36
CA THR B 640 -6.18 -7.74 -25.27
C THR B 640 -5.87 -9.19 -25.67
N GLU B 641 -4.61 -9.45 -26.03
CA GLU B 641 -4.25 -10.80 -26.48
C GLU B 641 -4.42 -11.83 -25.36
N ILE B 642 -3.93 -11.50 -24.16
CA ILE B 642 -4.02 -12.44 -23.05
C ILE B 642 -5.48 -12.67 -22.65
N ALA B 643 -6.30 -11.61 -22.68
CA ALA B 643 -7.71 -11.78 -22.38
C ALA B 643 -8.40 -12.67 -23.39
N SER B 644 -8.04 -12.53 -24.67
CA SER B 644 -8.60 -13.43 -25.68
C SER B 644 -8.24 -14.89 -25.38
N LYS B 645 -6.97 -15.14 -25.08
CA LYS B 645 -6.56 -16.51 -24.78
C LYS B 645 -7.29 -17.04 -23.55
N PHE B 646 -7.45 -16.20 -22.52
CA PHE B 646 -8.13 -16.63 -21.30
C PHE B 646 -9.60 -16.95 -21.57
N SER B 647 -10.26 -16.15 -22.40
CA SER B 647 -11.66 -16.41 -22.73
C SER B 647 -11.81 -17.73 -23.48
N GLU B 648 -10.94 -17.98 -24.45
CA GLU B 648 -10.97 -19.27 -25.14
C GLU B 648 -10.69 -20.42 -24.17
N ARG B 649 -9.79 -20.22 -23.21
CA ARG B 649 -9.53 -21.26 -22.22
C ARG B 649 -10.78 -21.54 -21.38
N LEU B 650 -11.49 -20.50 -20.98
CA LEU B 650 -12.74 -20.69 -20.23
C LEU B 650 -13.77 -21.44 -21.06
N GLN B 651 -13.91 -21.08 -22.34
CA GLN B 651 -14.88 -21.77 -23.18
C GLN B 651 -14.52 -23.24 -23.35
N ASP B 652 -13.24 -23.55 -23.55
CA ASP B 652 -12.82 -24.95 -23.66
C ASP B 652 -13.00 -25.65 -22.32
N PHE B 653 -12.72 -24.95 -21.22
CA PHE B 653 -12.75 -25.49 -19.86
C PHE B 653 -13.95 -26.38 -19.58
N ASP B 654 -13.70 -27.48 -18.89
CA ASP B 654 -14.75 -28.35 -18.37
C ASP B 654 -15.06 -27.97 -16.93
N LYS B 655 -16.34 -27.98 -16.58
CA LYS B 655 -16.81 -27.47 -15.30
C LYS B 655 -17.04 -28.55 -14.25
N SER B 656 -16.76 -29.82 -14.58
CA SER B 656 -17.03 -30.89 -13.63
C SER B 656 -16.02 -30.91 -12.49
N ASN B 657 -14.75 -30.68 -12.79
CA ASN B 657 -13.70 -30.72 -11.78
C ASN B 657 -13.77 -29.48 -10.90
N PRO B 658 -13.93 -29.63 -9.58
CA PRO B 658 -14.16 -28.44 -8.74
C PRO B 658 -12.92 -27.59 -8.52
N ILE B 659 -11.76 -28.20 -8.26
CA ILE B 659 -10.59 -27.43 -7.87
C ILE B 659 -10.14 -26.50 -9.00
N VAL B 660 -10.11 -27.01 -10.23
N VAL B 660 -10.11 -27.01 -10.23
CA VAL B 660 -9.70 -26.16 -11.36
CA VAL B 660 -9.70 -26.16 -11.36
C VAL B 660 -10.76 -25.10 -11.64
C VAL B 660 -10.76 -25.10 -11.64
N LEU B 661 -12.03 -25.41 -11.36
CA LEU B 661 -13.07 -24.40 -11.46
C LEU B 661 -12.82 -23.27 -10.47
N ARG B 662 -12.40 -23.61 -9.25
CA ARG B 662 -12.04 -22.59 -8.28
C ARG B 662 -10.84 -21.77 -8.75
N MET B 663 -9.84 -22.43 -9.35
CA MET B 663 -8.70 -21.68 -9.90
C MET B 663 -9.15 -20.70 -10.97
N MET B 664 -10.01 -21.13 -11.89
CA MET B 664 -10.46 -20.26 -12.96
C MET B 664 -11.27 -19.10 -12.41
N ASN B 665 -12.13 -19.36 -11.42
CA ASN B 665 -12.90 -18.29 -10.79
C ASN B 665 -12.00 -17.34 -10.02
N ASP B 666 -10.91 -17.84 -9.43
CA ASP B 666 -9.95 -16.95 -8.77
C ASP B 666 -9.26 -16.05 -9.79
N GLN B 667 -8.90 -16.60 -10.94
CA GLN B 667 -8.31 -15.76 -11.99
C GLN B 667 -9.28 -14.69 -12.43
N LEU B 668 -10.57 -15.05 -12.57
CA LEU B 668 -11.58 -14.05 -12.91
C LEU B 668 -11.71 -12.99 -11.80
N MET B 669 -11.72 -13.43 -10.55
CA MET B 669 -11.97 -12.53 -9.42
C MET B 669 -10.84 -11.52 -9.24
N PHE B 670 -9.60 -12.00 -9.19
CA PHE B 670 -8.47 -11.15 -8.84
C PHE B 670 -8.03 -10.24 -9.97
N LEU B 671 -8.76 -10.21 -11.09
CA LEU B 671 -8.42 -9.31 -12.18
C LEU B 671 -8.56 -7.85 -11.77
N GLU B 672 -9.60 -7.54 -10.99
CA GLU B 672 -9.81 -6.16 -10.55
C GLU B 672 -8.76 -5.71 -9.55
N ARG B 673 -8.30 -6.62 -8.68
CA ARG B 673 -7.25 -6.28 -7.72
C ARG B 673 -5.92 -5.97 -8.39
N ALA B 674 -5.73 -6.42 -9.63
CA ALA B 674 -4.47 -6.21 -10.32
C ALA B 674 -4.27 -4.77 -10.77
N PHE B 675 -5.29 -3.93 -10.69
CA PHE B 675 -5.21 -2.53 -11.06
C PHE B 675 -4.97 -1.62 -9.87
N ILE B 676 -4.61 -2.19 -8.71
CA ILE B 676 -4.42 -1.43 -7.48
C ILE B 676 -2.93 -1.22 -7.27
N ASP B 677 -2.53 0.05 -7.13
CA ASP B 677 -1.14 0.38 -6.84
C ASP B 677 -0.98 0.51 -5.33
N PRO B 678 -0.13 -0.29 -4.69
CA PRO B 678 0.00 -0.22 -3.22
C PRO B 678 0.47 1.14 -2.71
N LEU B 679 1.11 1.95 -3.54
CA LEU B 679 1.56 3.28 -3.14
C LEU B 679 0.52 4.36 -3.42
N GLY B 680 -0.51 4.07 -4.20
CA GLY B 680 -1.56 5.03 -4.46
C GLY B 680 -1.10 6.16 -5.37
N LEU B 681 -2.04 7.07 -5.64
CA LEU B 681 -1.76 8.24 -6.43
C LEU B 681 -0.91 9.22 -5.64
N PRO B 682 -0.22 10.15 -6.32
CA PRO B 682 0.63 11.11 -5.59
C PRO B 682 -0.18 11.93 -4.59
N ASP B 683 0.31 11.94 -3.35
CA ASP B 683 -0.26 12.68 -2.21
C ASP B 683 -1.64 12.19 -1.80
N ARG B 684 -2.13 11.10 -2.40
CA ARG B 684 -3.44 10.54 -2.08
C ARG B 684 -3.27 9.05 -1.84
N PRO B 685 -2.84 8.65 -0.64
CA PRO B 685 -2.55 7.23 -0.40
C PRO B 685 -3.76 6.32 -0.57
N PHE B 686 -4.96 6.83 -0.36
CA PHE B 686 -6.15 5.99 -0.32
C PHE B 686 -6.88 5.92 -1.66
N TYR B 687 -6.40 6.61 -2.67
CA TYR B 687 -6.87 6.44 -4.04
C TYR B 687 -5.84 5.58 -4.77
N ARG B 688 -6.17 4.33 -5.02
CA ARG B 688 -5.20 3.37 -5.49
C ARG B 688 -5.51 2.73 -6.84
N HIS B 689 -6.77 2.72 -7.27
CA HIS B 689 -7.11 2.12 -8.55
C HIS B 689 -6.49 2.92 -9.68
N VAL B 690 -5.52 2.33 -10.38
CA VAL B 690 -4.75 3.08 -11.37
C VAL B 690 -5.64 3.58 -12.50
N ILE B 691 -6.74 2.89 -12.77
CA ILE B 691 -7.58 3.24 -13.91
C ILE B 691 -8.70 4.21 -13.52
N TYR B 692 -9.36 3.99 -12.39
CA TYR B 692 -10.59 4.70 -12.06
C TYR B 692 -10.48 5.55 -10.79
N ALA B 693 -9.29 5.80 -10.29
CA ALA B 693 -9.17 6.63 -9.10
C ALA B 693 -9.62 8.06 -9.41
N PRO B 694 -10.20 8.76 -8.44
CA PRO B 694 -10.61 10.14 -8.68
C PRO B 694 -9.40 11.03 -8.96
N SER B 695 -9.60 11.99 -9.85
CA SER B 695 -8.56 12.95 -10.17
C SER B 695 -8.58 14.10 -9.17
N SER B 696 -7.44 14.78 -9.05
CA SER B 696 -7.36 15.95 -8.19
C SER B 696 -8.21 17.11 -8.71
N HIS B 697 -8.69 17.01 -9.94
CA HIS B 697 -9.57 17.99 -10.59
C HIS B 697 -10.81 17.29 -11.12
N ASN B 698 -11.41 16.45 -10.28
CA ASN B 698 -12.47 15.55 -10.70
C ASN B 698 -13.74 16.32 -11.04
N LYS B 699 -14.64 15.63 -11.74
CA LYS B 699 -15.90 16.23 -12.18
C LYS B 699 -17.06 15.76 -11.32
N GLU B 703 -11.22 12.22 -15.93
CA GLU B 703 -10.84 11.22 -16.92
C GLU B 703 -10.12 10.05 -16.26
N SER B 704 -10.02 8.94 -16.99
CA SER B 704 -9.31 7.78 -16.49
C SER B 704 -7.80 8.05 -16.50
N PHE B 705 -7.05 7.11 -15.91
CA PHE B 705 -5.62 7.28 -15.69
C PHE B 705 -5.38 8.56 -14.91
N PRO B 706 -5.79 8.62 -13.64
CA PRO B 706 -5.68 9.88 -12.89
C PRO B 706 -4.27 10.40 -12.75
N GLY B 707 -3.25 9.52 -12.69
CA GLY B 707 -1.89 10.00 -12.51
C GLY B 707 -1.40 10.85 -13.67
N ILE B 708 -1.63 10.35 -14.89
CA ILE B 708 -1.17 11.08 -16.07
C ILE B 708 -1.97 12.37 -16.24
N TYR B 709 -3.27 12.32 -15.94
CA TYR B 709 -4.08 13.54 -15.99
C TYR B 709 -3.61 14.57 -14.99
N ASP B 710 -3.30 14.14 -13.76
CA ASP B 710 -2.81 15.05 -12.74
C ASP B 710 -1.47 15.66 -13.15
N ALA B 711 -0.57 14.84 -13.69
CA ALA B 711 0.72 15.36 -14.11
C ALA B 711 0.61 16.28 -15.32
N LEU B 712 -0.46 16.17 -16.11
CA LEU B 712 -0.64 16.95 -17.32
C LEU B 712 -1.51 18.18 -17.11
N PHE B 713 -2.00 18.42 -15.89
CA PHE B 713 -2.88 19.56 -15.65
C PHE B 713 -2.05 20.80 -15.35
N ASP B 714 -2.26 21.85 -16.13
CA ASP B 714 -1.54 23.11 -16.00
C ASP B 714 -0.04 22.82 -16.02
N ILE B 715 0.42 22.38 -17.19
CA ILE B 715 1.85 22.19 -17.40
C ILE B 715 2.47 23.40 -18.10
N GLU B 716 1.67 24.23 -18.76
CA GLU B 716 2.19 25.45 -19.36
C GLU B 716 2.66 26.42 -18.29
N SER B 717 1.90 26.56 -17.21
CA SER B 717 2.24 27.46 -16.12
C SER B 717 3.08 26.71 -15.08
N LYS B 718 4.26 26.28 -15.52
CA LYS B 718 5.21 25.59 -14.67
C LYS B 718 6.56 26.26 -14.76
N VAL B 719 7.22 26.43 -13.61
CA VAL B 719 8.52 27.09 -13.59
C VAL B 719 9.57 26.20 -14.24
N ASP B 720 9.53 24.90 -13.98
CA ASP B 720 10.51 23.94 -14.51
C ASP B 720 9.78 22.94 -15.39
N PRO B 721 9.75 23.18 -16.70
CA PRO B 721 9.07 22.22 -17.60
C PRO B 721 9.67 20.83 -17.58
N SER B 722 11.00 20.73 -17.41
CA SER B 722 11.64 19.43 -17.44
C SER B 722 11.15 18.54 -16.30
N LYS B 723 11.01 19.11 -15.10
CA LYS B 723 10.52 18.33 -13.97
C LYS B 723 9.09 17.85 -14.21
N ALA B 724 8.24 18.74 -14.74
CA ALA B 724 6.86 18.36 -15.01
C ALA B 724 6.77 17.23 -16.03
N TRP B 725 7.55 17.33 -17.11
CA TRP B 725 7.49 16.29 -18.12
C TRP B 725 8.12 14.99 -17.62
N GLY B 726 9.12 15.08 -16.73
CA GLY B 726 9.62 13.88 -16.09
C GLY B 726 8.56 13.21 -15.24
N GLU B 727 7.76 14.01 -14.54
CA GLU B 727 6.64 13.44 -13.78
C GLU B 727 5.63 12.78 -14.71
N VAL B 728 5.38 13.39 -15.87
CA VAL B 728 4.48 12.78 -16.85
C VAL B 728 5.03 11.43 -17.31
N LYS B 729 6.33 11.36 -17.59
CA LYS B 729 6.94 10.11 -18.00
C LYS B 729 6.86 9.06 -16.90
N ARG B 730 7.07 9.47 -15.65
CA ARG B 730 6.97 8.54 -14.53
C ARG B 730 5.56 7.98 -14.43
N GLN B 731 4.55 8.82 -14.61
CA GLN B 731 3.17 8.34 -14.57
C GLN B 731 2.87 7.39 -15.73
N ILE B 732 3.38 7.70 -16.92
CA ILE B 732 3.21 6.80 -18.05
C ILE B 732 3.81 5.44 -17.75
N TYR B 733 5.02 5.44 -17.17
CA TYR B 733 5.69 4.19 -16.83
C TYR B 733 4.89 3.40 -15.80
N VAL B 734 4.37 4.08 -14.78
CA VAL B 734 3.57 3.40 -13.76
C VAL B 734 2.33 2.77 -14.38
N ALA B 735 1.62 3.53 -15.22
CA ALA B 735 0.41 3.02 -15.84
C ALA B 735 0.70 1.82 -16.72
N ALA B 736 1.77 1.90 -17.53
CA ALA B 736 2.11 0.80 -18.42
C ALA B 736 2.45 -0.45 -17.63
N PHE B 737 3.24 -0.31 -16.57
CA PHE B 737 3.59 -1.47 -15.75
C PHE B 737 2.35 -2.09 -15.12
N THR B 738 1.44 -1.26 -14.59
CA THR B 738 0.26 -1.80 -13.95
C THR B 738 -0.63 -2.54 -14.95
N VAL B 739 -0.80 -1.97 -16.14
CA VAL B 739 -1.62 -2.64 -17.16
C VAL B 739 -0.99 -3.98 -17.56
N GLN B 740 0.34 -3.99 -17.73
CA GLN B 740 1.00 -5.24 -18.11
C GLN B 740 0.89 -6.29 -17.02
N ALA B 741 1.03 -5.88 -15.75
CA ALA B 741 0.90 -6.83 -14.65
C ALA B 741 -0.51 -7.40 -14.58
N ALA B 742 -1.52 -6.54 -14.77
CA ALA B 742 -2.90 -7.02 -14.81
C ALA B 742 -3.10 -8.02 -15.93
N ALA B 743 -2.51 -7.74 -17.10
CA ALA B 743 -2.60 -8.69 -18.21
C ALA B 743 -1.94 -10.01 -17.85
N GLU B 744 -0.77 -9.95 -17.21
CA GLU B 744 -0.03 -11.17 -16.90
C GLU B 744 -0.72 -12.02 -15.86
N THR B 745 -1.52 -11.42 -14.99
CA THR B 745 -2.26 -12.21 -14.02
C THR B 745 -3.23 -13.19 -14.70
N LEU B 746 -3.68 -12.86 -15.90
CA LEU B 746 -4.64 -13.69 -16.62
C LEU B 746 -3.98 -14.71 -17.53
N SER B 747 -2.65 -14.73 -17.62
CA SER B 747 -1.96 -15.67 -18.49
C SER B 747 -2.02 -17.08 -17.89
N GLU B 748 -1.49 -18.04 -18.64
CA GLU B 748 -1.46 -19.43 -18.21
C GLU B 748 -0.72 -19.58 -16.89
N VAL B 749 -1.44 -19.96 -15.84
CA VAL B 749 -0.81 -20.13 -14.53
C VAL B 749 0.21 -21.26 -14.62
N ALA B 750 1.25 -21.15 -13.78
CA ALA B 750 2.33 -22.14 -13.74
C ALA B 750 2.98 -22.32 -15.10
N GLN C 1 0.90 24.47 -26.71
CA GLN C 1 -0.45 24.66 -27.22
C GLN C 1 -0.46 24.92 -28.72
N VAL C 2 -1.21 24.11 -29.45
CA VAL C 2 -1.42 24.30 -30.88
C VAL C 2 -2.86 24.70 -31.10
N GLN C 3 -3.09 25.51 -32.14
CA GLN C 3 -4.39 26.09 -32.39
C GLN C 3 -5.03 25.62 -33.69
N LEU C 4 -4.52 24.55 -34.29
CA LEU C 4 -5.03 23.96 -35.53
C LEU C 4 -5.40 25.04 -36.54
N GLN C 5 -4.39 25.81 -36.94
CA GLN C 5 -4.60 26.87 -37.92
C GLN C 5 -5.36 26.35 -39.13
N GLU C 6 -6.59 26.84 -39.30
CA GLU C 6 -7.50 26.33 -40.32
C GLU C 6 -8.16 27.50 -41.04
N SER C 7 -8.51 27.26 -42.30
CA SER C 7 -9.13 28.29 -43.12
C SER C 7 -9.87 27.63 -44.28
N GLY C 8 -10.75 28.39 -44.90
CA GLY C 8 -11.53 27.87 -46.02
C GLY C 8 -12.98 28.29 -45.99
N GLY C 9 -13.34 29.14 -45.02
CA GLY C 9 -14.70 29.62 -44.92
C GLY C 9 -15.02 30.67 -45.96
N GLY C 10 -16.29 31.06 -46.00
CA GLY C 10 -16.73 32.05 -46.96
C GLY C 10 -18.24 32.26 -46.84
N SER C 11 -18.76 33.04 -47.78
CA SER C 11 -20.18 33.38 -47.82
C SER C 11 -20.61 33.49 -49.27
N VAL C 12 -21.34 32.49 -49.76
CA VAL C 12 -21.87 32.47 -51.11
C VAL C 12 -23.35 32.09 -51.07
N GLN C 13 -23.96 32.00 -52.24
CA GLN C 13 -25.36 31.62 -52.34
C GLN C 13 -25.53 30.13 -52.03
N ALA C 14 -26.78 29.75 -51.78
CA ALA C 14 -27.09 28.36 -51.47
C ALA C 14 -26.75 27.45 -52.66
N GLY C 15 -26.30 26.25 -52.36
CA GLY C 15 -25.91 25.30 -53.38
C GLY C 15 -24.48 25.42 -53.86
N GLY C 16 -23.69 26.31 -53.28
CA GLY C 16 -22.31 26.47 -53.71
C GLY C 16 -21.41 25.34 -53.22
N SER C 17 -20.23 25.28 -53.81
CA SER C 17 -19.23 24.28 -53.48
C SER C 17 -18.07 24.97 -52.77
N LEU C 18 -17.97 24.77 -51.45
CA LEU C 18 -16.94 25.37 -50.63
C LEU C 18 -15.96 24.31 -50.16
N ARG C 19 -14.84 24.79 -49.61
CA ARG C 19 -13.73 23.92 -49.24
C ARG C 19 -13.04 24.51 -48.01
N LEU C 20 -13.01 23.74 -46.92
CA LEU C 20 -12.43 24.19 -45.66
C LEU C 20 -11.33 23.23 -45.23
N SER C 21 -10.14 23.75 -44.98
CA SER C 21 -8.99 22.95 -44.59
C SER C 21 -8.71 23.10 -43.11
N CYS C 22 -8.15 22.05 -42.50
CA CYS C 22 -7.75 22.07 -41.10
C CYS C 22 -6.53 21.19 -40.93
N THR C 23 -5.46 21.77 -40.38
CA THR C 23 -4.21 21.07 -40.15
C THR C 23 -3.82 21.18 -38.70
N ALA C 24 -3.23 20.11 -38.16
CA ALA C 24 -2.80 20.06 -36.78
C ALA C 24 -1.28 19.95 -36.71
N PRO C 25 -0.55 21.05 -36.49
CA PRO C 25 0.91 20.95 -36.36
C PRO C 25 1.30 20.06 -35.20
N GLY C 26 2.38 19.31 -35.38
CA GLY C 26 2.80 18.33 -34.41
C GLY C 26 2.05 17.01 -34.46
N TYR C 27 1.10 16.87 -35.37
CA TYR C 27 0.30 15.65 -35.53
C TYR C 27 0.64 14.91 -36.81
N THR C 28 1.81 15.19 -37.39
CA THR C 28 2.17 14.57 -38.67
C THR C 28 2.49 13.08 -38.49
N ASP C 29 3.02 12.70 -37.34
CA ASP C 29 3.44 11.32 -37.09
C ASP C 29 2.51 10.61 -36.11
N SER C 30 1.20 10.88 -36.22
CA SER C 30 0.25 10.27 -35.31
C SER C 30 -1.13 10.20 -35.97
N ASN C 31 -1.92 9.26 -35.51
CA ASN C 31 -3.32 9.14 -35.89
C ASN C 31 -4.20 9.94 -34.92
N TYR C 32 -5.39 10.30 -35.38
CA TYR C 32 -6.25 11.14 -34.57
C TYR C 32 -7.69 11.00 -35.05
N TYR C 33 -8.58 11.70 -34.34
CA TYR C 33 -10.03 11.60 -34.51
C TYR C 33 -10.63 12.81 -35.23
N MET C 34 -9.94 13.32 -36.25
CA MET C 34 -10.33 14.52 -36.98
C MET C 34 -11.84 14.58 -37.23
N SER C 35 -12.49 15.65 -36.77
CA SER C 35 -13.93 15.79 -36.89
C SER C 35 -14.32 17.26 -36.85
N TRP C 36 -15.60 17.51 -37.12
CA TRP C 36 -16.13 18.86 -37.21
C TRP C 36 -17.47 18.97 -36.50
N PHE C 37 -17.76 20.18 -35.99
CA PHE C 37 -18.99 20.44 -35.27
C PHE C 37 -19.57 21.77 -35.75
N ARG C 38 -20.88 21.78 -36.02
CA ARG C 38 -21.52 23.01 -36.43
C ARG C 38 -22.03 23.78 -35.22
N GLN C 39 -22.14 25.11 -35.39
CA GLN C 39 -22.71 25.99 -34.37
C GLN C 39 -23.66 26.93 -35.11
N ALA C 40 -24.94 26.58 -35.12
CA ALA C 40 -25.95 27.44 -35.70
C ALA C 40 -26.17 28.65 -34.80
N PRO C 41 -26.58 29.79 -35.37
CA PRO C 41 -26.78 30.99 -34.55
C PRO C 41 -28.00 30.83 -33.64
N GLY C 42 -27.75 30.66 -32.35
CA GLY C 42 -28.79 30.43 -31.38
C GLY C 42 -29.02 28.98 -31.00
N LYS C 43 -28.51 28.03 -31.80
CA LYS C 43 -28.68 26.62 -31.51
C LYS C 43 -27.47 26.10 -30.73
N GLU C 44 -27.35 24.79 -30.60
CA GLU C 44 -26.23 24.15 -29.92
C GLU C 44 -25.25 23.58 -30.94
N ARG C 45 -24.17 22.99 -30.43
CA ARG C 45 -23.17 22.34 -31.26
C ARG C 45 -23.53 20.86 -31.43
N GLU C 46 -23.47 20.38 -32.67
CA GLU C 46 -23.77 18.98 -32.97
C GLU C 46 -22.72 18.43 -33.93
N TRP C 47 -22.58 17.11 -33.89
CA TRP C 47 -21.62 16.44 -34.75
C TRP C 47 -22.02 16.58 -36.22
N VAL C 48 -21.00 16.66 -37.08
CA VAL C 48 -21.22 16.88 -38.50
C VAL C 48 -20.57 15.78 -39.32
N ALA C 49 -19.24 15.66 -39.21
CA ALA C 49 -18.50 14.67 -39.96
C ALA C 49 -17.20 14.38 -39.22
N GLY C 50 -16.59 13.25 -39.56
CA GLY C 50 -15.34 12.90 -38.92
C GLY C 50 -14.65 11.77 -39.65
N VAL C 51 -13.37 11.59 -39.33
CA VAL C 51 -12.57 10.50 -39.88
C VAL C 51 -11.80 9.84 -38.76
N ASN C 52 -11.62 8.53 -38.88
CA ASN C 52 -10.76 7.74 -38.01
C ASN C 52 -9.58 7.31 -38.87
N THR C 53 -8.43 7.94 -38.63
CA THR C 53 -7.24 7.64 -39.42
C THR C 53 -6.64 6.30 -39.02
N GLY C 54 -6.86 5.86 -37.78
CA GLY C 54 -6.37 4.56 -37.37
C GLY C 54 -6.93 3.43 -38.23
N ARG C 55 -8.22 3.51 -38.56
CA ARG C 55 -8.84 2.60 -39.50
C ARG C 55 -9.16 3.25 -40.83
N GLY C 56 -8.98 4.56 -40.95
CA GLY C 56 -9.27 5.25 -42.21
C GLY C 56 -10.73 5.19 -42.60
N SER C 57 -11.64 5.32 -41.63
CA SER C 57 -13.07 5.26 -41.88
C SER C 57 -13.68 6.64 -41.67
N THR C 58 -14.39 7.14 -42.68
CA THR C 58 -14.99 8.46 -42.63
C THR C 58 -16.50 8.33 -42.47
N SER C 59 -17.05 9.08 -41.51
CA SER C 59 -18.46 9.03 -41.21
C SER C 59 -19.06 10.42 -41.28
N TYR C 60 -20.34 10.47 -41.66
CA TYR C 60 -21.09 11.71 -41.79
C TYR C 60 -22.42 11.58 -41.06
N ALA C 61 -23.00 12.71 -40.72
CA ALA C 61 -24.31 12.72 -40.08
C ALA C 61 -25.40 12.34 -41.09
N ASP C 62 -26.57 12.00 -40.55
CA ASP C 62 -27.68 11.59 -41.41
C ASP C 62 -28.09 12.70 -42.36
N SER C 63 -28.22 13.92 -41.85
CA SER C 63 -28.49 15.06 -42.72
C SER C 63 -27.27 15.41 -43.56
N VAL C 64 -26.08 15.33 -42.97
CA VAL C 64 -24.85 15.70 -43.66
C VAL C 64 -24.55 14.74 -44.80
N LYS C 65 -24.95 13.48 -44.65
CA LYS C 65 -24.60 12.44 -45.62
C LYS C 65 -25.03 12.83 -47.03
N GLY C 66 -24.16 12.57 -48.00
CA GLY C 66 -24.43 12.91 -49.39
C GLY C 66 -24.11 14.35 -49.76
N ARG C 67 -23.65 15.17 -48.81
CA ARG C 67 -23.34 16.56 -49.08
C ARG C 67 -21.93 16.97 -48.68
N PHE C 68 -21.30 16.29 -47.72
CA PHE C 68 -19.98 16.66 -47.24
C PHE C 68 -19.01 15.54 -47.59
N THR C 69 -17.78 15.90 -47.94
CA THR C 69 -16.76 14.88 -48.15
C THR C 69 -15.46 15.33 -47.49
N ILE C 70 -14.65 14.35 -47.07
CA ILE C 70 -13.38 14.61 -46.42
C ILE C 70 -12.26 14.06 -47.31
N SER C 71 -11.24 14.88 -47.54
CA SER C 71 -10.07 14.48 -48.32
C SER C 71 -8.81 14.72 -47.50
N GLN C 72 -7.90 13.76 -47.53
CA GLN C 72 -6.64 13.92 -46.81
C GLN C 72 -5.59 14.56 -47.70
N ASP C 73 -4.85 15.50 -47.14
CA ASP C 73 -3.80 16.21 -47.86
C ASP C 73 -2.55 15.34 -47.98
N ASN C 74 -1.57 15.85 -48.72
CA ASN C 74 -0.29 15.18 -48.83
C ASN C 74 0.38 15.05 -47.47
N ALA C 75 0.36 16.13 -46.69
CA ALA C 75 0.77 16.06 -45.30
C ALA C 75 -0.28 15.29 -44.50
N LYS C 76 0.18 14.39 -43.64
CA LYS C 76 -0.75 13.54 -42.89
C LYS C 76 -1.63 14.37 -41.96
N ASN C 77 -1.06 15.41 -41.33
CA ASN C 77 -1.78 16.17 -40.33
C ASN C 77 -2.62 17.28 -40.97
N THR C 78 -3.47 16.93 -41.93
CA THR C 78 -4.30 17.93 -42.59
C THR C 78 -5.46 17.24 -43.31
N MET C 79 -6.69 17.63 -42.98
CA MET C 79 -7.88 17.18 -43.70
C MET C 79 -8.70 18.35 -44.21
N PHE C 80 -9.40 18.08 -45.32
CA PHE C 80 -10.20 19.05 -46.05
C PHE C 80 -11.64 18.57 -46.06
N LEU C 81 -12.59 19.50 -45.93
CA LEU C 81 -13.98 19.22 -46.25
C LEU C 81 -14.32 19.91 -47.56
N GLN C 82 -14.97 19.19 -48.44
CA GLN C 82 -15.67 19.78 -49.57
C GLN C 82 -17.16 19.71 -49.28
N MET C 83 -17.81 20.88 -49.21
CA MET C 83 -19.26 20.98 -49.05
C MET C 83 -19.84 21.43 -50.38
N ASN C 84 -20.43 20.49 -51.11
CA ASN C 84 -21.08 20.78 -52.38
C ASN C 84 -22.59 20.73 -52.22
N SER C 85 -23.28 21.54 -53.03
CA SER C 85 -24.74 21.65 -52.99
C SER C 85 -25.23 22.01 -51.58
N LEU C 86 -24.71 23.12 -51.06
CA LEU C 86 -25.08 23.56 -49.72
C LEU C 86 -26.56 23.88 -49.65
N LYS C 87 -27.21 23.38 -48.60
CA LYS C 87 -28.63 23.66 -48.40
C LYS C 87 -28.82 25.14 -48.03
N PRO C 88 -30.00 25.69 -48.29
CA PRO C 88 -30.20 27.13 -48.01
C PRO C 88 -29.98 27.52 -46.56
N GLU C 89 -30.24 26.62 -45.61
CA GLU C 89 -30.23 26.96 -44.20
C GLU C 89 -29.23 26.13 -43.40
N ASP C 90 -28.02 25.93 -43.95
CA ASP C 90 -26.94 25.32 -43.18
C ASP C 90 -25.97 26.35 -42.62
N THR C 91 -26.37 27.62 -42.57
CA THR C 91 -25.49 28.67 -42.06
C THR C 91 -25.15 28.40 -40.61
N ALA C 92 -23.89 28.07 -40.34
CA ALA C 92 -23.44 27.76 -38.99
C ALA C 92 -21.92 27.86 -38.96
N ILE C 93 -21.40 28.43 -37.87
CA ILE C 93 -19.95 28.54 -37.72
C ILE C 93 -19.38 27.15 -37.49
N TYR C 94 -18.35 26.79 -38.26
CA TYR C 94 -17.76 25.48 -38.11
C TYR C 94 -16.65 25.50 -37.06
N TYR C 95 -16.56 24.40 -36.31
CA TYR C 95 -15.52 24.23 -35.30
C TYR C 95 -14.78 22.93 -35.63
N CYS C 96 -13.51 23.07 -36.01
CA CYS C 96 -12.65 21.90 -36.26
C CYS C 96 -12.15 21.36 -34.93
N ALA C 97 -12.37 20.07 -34.69
CA ALA C 97 -11.93 19.43 -33.46
C ALA C 97 -11.19 18.14 -33.79
N VAL C 98 -10.24 17.79 -32.94
CA VAL C 98 -9.38 16.64 -33.21
C VAL C 98 -8.74 16.19 -31.91
N ALA C 99 -8.68 14.88 -31.72
CA ALA C 99 -8.00 14.26 -30.58
C ALA C 99 -7.12 13.14 -31.11
N ALA C 100 -5.87 13.11 -30.65
CA ALA C 100 -4.93 12.09 -31.11
C ALA C 100 -5.33 10.71 -30.60
N CYS C 101 -5.21 9.71 -31.46
CA CYS C 101 -5.53 8.34 -31.10
C CYS C 101 -4.45 7.39 -31.61
N HIS C 102 -4.31 6.26 -30.92
CA HIS C 102 -3.38 5.21 -31.34
C HIS C 102 -4.13 3.94 -31.74
N PHE C 103 -4.96 3.39 -30.85
CA PHE C 103 -5.77 2.24 -31.22
C PHE C 103 -6.91 2.65 -32.15
N CYS C 104 -7.57 3.77 -31.85
CA CYS C 104 -8.55 4.39 -32.75
C CYS C 104 -9.71 3.44 -33.06
N ASP C 105 -10.32 2.90 -32.00
CA ASP C 105 -11.41 1.95 -32.19
C ASP C 105 -12.66 2.63 -32.77
N SER C 106 -13.22 3.58 -32.03
CA SER C 106 -14.45 4.25 -32.43
C SER C 106 -14.22 5.74 -32.57
N LEU C 107 -15.04 6.38 -33.40
CA LEU C 107 -14.94 7.80 -33.65
C LEU C 107 -15.90 8.56 -32.76
N PRO C 108 -15.43 9.39 -31.82
CA PRO C 108 -16.36 10.16 -31.00
C PRO C 108 -17.21 11.09 -31.85
N LYS C 109 -18.48 11.22 -31.47
CA LYS C 109 -19.41 12.13 -32.12
C LYS C 109 -19.96 13.18 -31.18
N THR C 110 -19.33 13.39 -30.03
CA THR C 110 -19.77 14.37 -29.04
C THR C 110 -18.70 15.44 -28.86
N GLN C 111 -19.14 16.66 -28.55
CA GLN C 111 -18.21 17.77 -28.39
C GLN C 111 -17.24 17.55 -27.25
N ASP C 112 -17.72 17.04 -26.11
CA ASP C 112 -16.90 16.94 -24.91
C ASP C 112 -15.77 15.95 -25.04
N GLU C 113 -15.81 15.08 -26.05
CA GLU C 113 -14.81 14.03 -26.21
C GLU C 113 -13.60 14.49 -27.00
N TYR C 114 -13.57 15.74 -27.46
CA TYR C 114 -12.48 16.25 -28.27
C TYR C 114 -11.64 17.23 -27.44
N ILE C 115 -10.32 17.10 -27.53
CA ILE C 115 -9.45 17.77 -26.57
C ILE C 115 -9.15 19.20 -27.01
N LEU C 116 -8.51 19.36 -28.16
CA LEU C 116 -8.04 20.67 -28.60
C LEU C 116 -8.90 21.16 -29.77
N TRP C 117 -9.37 22.39 -29.67
CA TRP C 117 -10.44 22.93 -30.51
C TRP C 117 -9.95 24.11 -31.34
N GLY C 118 -10.80 24.57 -32.25
CA GLY C 118 -10.50 25.73 -33.06
C GLY C 118 -11.66 26.66 -33.29
N GLN C 119 -11.40 27.82 -33.91
CA GLN C 119 -12.43 28.83 -34.19
C GLN C 119 -12.50 29.02 -35.71
N GLY C 120 -13.51 28.40 -36.33
CA GLY C 120 -13.75 28.58 -37.74
C GLY C 120 -14.78 29.65 -38.02
N THR C 121 -15.31 29.64 -39.24
CA THR C 121 -16.35 30.57 -39.66
C THR C 121 -16.98 30.07 -40.95
N GLN C 122 -18.31 30.08 -41.00
CA GLN C 122 -19.03 29.66 -42.20
C GLN C 122 -20.40 30.32 -42.22
N VAL C 123 -20.72 30.98 -43.33
CA VAL C 123 -22.02 31.61 -43.54
C VAL C 123 -22.49 31.26 -44.95
N THR C 124 -23.74 30.83 -45.08
CA THR C 124 -24.32 30.49 -46.37
C THR C 124 -25.62 31.28 -46.54
N VAL C 125 -25.70 32.04 -47.63
CA VAL C 125 -26.91 32.81 -47.93
C VAL C 125 -27.73 32.07 -48.98
N SER C 126 -29.01 32.42 -49.08
CA SER C 126 -29.90 31.79 -50.04
C SER C 126 -29.54 32.20 -51.46
N GLN D 1 13.05 7.24 33.31
CA GLN D 1 13.68 5.92 33.37
C GLN D 1 14.01 5.60 34.82
N VAL D 2 13.66 4.40 35.24
CA VAL D 2 13.80 4.00 36.63
C VAL D 2 15.04 3.14 36.80
N GLN D 3 15.79 3.40 37.87
CA GLN D 3 17.09 2.78 38.10
C GLN D 3 17.04 1.53 38.97
N LEU D 4 15.84 1.06 39.33
CA LEU D 4 15.65 -0.12 40.18
C LEU D 4 16.56 -0.08 41.41
N GLN D 5 16.24 0.85 42.31
CA GLN D 5 17.00 0.98 43.55
C GLN D 5 17.08 -0.35 44.28
N GLU D 6 18.29 -0.72 44.68
CA GLU D 6 18.55 -2.00 45.33
C GLU D 6 19.54 -1.81 46.46
N SER D 7 19.50 -2.76 47.40
CA SER D 7 20.43 -2.79 48.52
C SER D 7 20.42 -4.19 49.11
N GLY D 8 21.42 -4.47 49.94
CA GLY D 8 21.51 -5.78 50.56
C GLY D 8 22.73 -6.59 50.16
N GLY D 9 23.86 -5.91 49.94
CA GLY D 9 25.08 -6.59 49.56
C GLY D 9 25.95 -6.96 50.75
N GLY D 10 27.14 -6.37 50.83
CA GLY D 10 28.05 -6.65 51.92
C GLY D 10 28.85 -7.90 51.67
N SER D 11 29.65 -8.27 52.69
CA SER D 11 30.52 -9.43 52.60
C SER D 11 30.69 -10.04 53.98
N VAL D 12 30.47 -11.35 54.08
CA VAL D 12 30.73 -12.13 55.28
C VAL D 12 31.46 -13.40 54.90
N GLN D 13 31.84 -14.18 55.91
CA GLN D 13 32.51 -15.45 55.66
C GLN D 13 31.58 -16.40 54.92
N ALA D 14 32.17 -17.24 54.07
CA ALA D 14 31.39 -18.18 53.27
C ALA D 14 30.60 -19.12 54.17
N GLY D 15 29.31 -19.26 53.88
CA GLY D 15 28.41 -20.06 54.69
C GLY D 15 27.35 -19.27 55.44
N GLY D 16 27.38 -17.94 55.36
CA GLY D 16 26.42 -17.12 56.04
C GLY D 16 25.13 -16.93 55.26
N SER D 17 24.25 -16.10 55.82
CA SER D 17 22.94 -15.80 55.23
C SER D 17 22.91 -14.31 54.87
N LEU D 18 22.81 -14.03 53.58
CA LEU D 18 22.71 -12.67 53.06
C LEU D 18 21.36 -12.46 52.37
N ARG D 19 20.96 -11.20 52.30
CA ARG D 19 19.62 -10.83 51.84
C ARG D 19 19.76 -9.60 50.96
N LEU D 20 19.37 -9.73 49.68
CA LEU D 20 19.53 -8.67 48.71
C LEU D 20 18.15 -8.27 48.16
N SER D 21 17.84 -6.99 48.23
CA SER D 21 16.54 -6.47 47.81
C SER D 21 16.65 -5.78 46.45
N CYS D 22 15.57 -5.84 45.68
CA CYS D 22 15.45 -5.12 44.41
C CYS D 22 14.00 -4.74 44.21
N THR D 23 13.75 -3.44 44.01
CA THR D 23 12.42 -2.92 43.77
C THR D 23 12.43 -2.07 42.50
N ALA D 24 11.34 -2.13 41.76
CA ALA D 24 11.20 -1.39 40.50
C ALA D 24 10.08 -0.37 40.64
N PRO D 25 10.38 0.88 40.97
CA PRO D 25 9.33 1.91 41.03
C PRO D 25 8.64 2.07 39.68
N GLY D 26 7.33 2.29 39.74
CA GLY D 26 6.50 2.33 38.56
C GLY D 26 6.05 0.97 38.05
N TYR D 27 6.45 -0.11 38.72
CA TYR D 27 6.08 -1.47 38.33
C TYR D 27 5.13 -2.10 39.34
N THR D 28 4.44 -1.29 40.13
CA THR D 28 3.57 -1.82 41.17
C THR D 28 2.32 -2.46 40.59
N ASP D 29 1.82 -1.96 39.46
CA ASP D 29 0.58 -2.44 38.86
C ASP D 29 0.85 -3.25 37.58
N SER D 30 1.91 -4.05 37.58
CA SER D 30 2.24 -4.82 36.39
C SER D 30 3.02 -6.06 36.79
N ASN D 31 2.95 -7.07 35.92
CA ASN D 31 3.76 -8.28 36.04
C ASN D 31 5.06 -8.10 35.27
N TYR D 32 6.08 -8.83 35.67
CA TYR D 32 7.39 -8.66 35.05
C TYR D 32 8.22 -9.94 35.25
N TYR D 33 9.41 -9.92 34.66
CA TYR D 33 10.30 -11.06 34.56
C TYR D 33 11.48 -10.96 35.52
N MET D 34 11.23 -10.50 36.75
CA MET D 34 12.25 -10.33 37.77
C MET D 34 13.30 -11.45 37.73
N SER D 35 14.57 -11.06 37.62
CA SER D 35 15.64 -12.05 37.58
C SER D 35 16.96 -11.42 38.02
N TRP D 36 17.98 -12.28 38.14
CA TRP D 36 19.29 -11.87 38.63
C TRP D 36 20.38 -12.54 37.80
N PHE D 37 21.53 -11.86 37.72
CA PHE D 37 22.67 -12.35 36.94
C PHE D 37 23.94 -12.14 37.76
N ARG D 38 24.80 -13.16 37.79
CA ARG D 38 26.11 -13.04 38.41
C ARG D 38 27.13 -12.52 37.42
N GLN D 39 28.12 -11.79 37.93
CA GLN D 39 29.28 -11.37 37.16
C GLN D 39 30.51 -11.63 38.01
N ALA D 40 31.22 -12.70 37.71
CA ALA D 40 32.43 -13.04 38.43
C ALA D 40 33.60 -12.22 37.90
N PRO D 41 34.62 -11.98 38.72
CA PRO D 41 35.78 -11.20 38.25
C PRO D 41 36.55 -11.99 37.20
N GLY D 42 36.56 -11.46 35.98
CA GLY D 42 37.21 -12.13 34.86
C GLY D 42 36.33 -13.10 34.09
N LYS D 43 35.08 -13.28 34.48
CA LYS D 43 34.16 -14.18 33.81
C LYS D 43 33.01 -13.39 33.20
N GLU D 44 32.06 -14.11 32.61
CA GLU D 44 30.93 -13.50 31.93
C GLU D 44 29.72 -13.40 32.87
N ARG D 45 28.63 -12.89 32.34
CA ARG D 45 27.39 -12.79 33.09
C ARG D 45 26.67 -14.14 33.09
N GLU D 46 26.35 -14.63 34.29
CA GLU D 46 25.72 -15.94 34.44
C GLU D 46 24.35 -15.77 35.07
N TRP D 47 23.34 -16.38 34.46
CA TRP D 47 22.00 -16.36 35.02
C TRP D 47 21.97 -17.11 36.35
N VAL D 48 21.17 -16.63 37.28
CA VAL D 48 21.15 -17.17 38.63
C VAL D 48 19.76 -17.65 39.01
N ALA D 49 18.80 -16.72 39.05
CA ALA D 49 17.46 -17.04 39.49
C ALA D 49 16.50 -16.04 38.89
N GLY D 50 15.22 -16.40 38.91
CA GLY D 50 14.21 -15.50 38.37
C GLY D 50 12.82 -15.96 38.79
N VAL D 51 11.86 -15.05 38.62
CA VAL D 51 10.47 -15.34 38.89
C VAL D 51 9.62 -14.86 37.72
N ASN D 52 8.55 -15.58 37.45
CA ASN D 52 7.52 -15.18 36.50
C ASN D 52 6.28 -14.86 37.34
N THR D 53 6.01 -13.56 37.51
CA THR D 53 4.87 -13.15 38.32
C THR D 53 3.55 -13.41 37.61
N GLY D 54 3.56 -13.44 36.28
CA GLY D 54 2.34 -13.77 35.56
C GLY D 54 1.79 -15.13 35.92
N ARG D 55 2.68 -16.12 36.05
CA ARG D 55 2.31 -17.43 36.56
C ARG D 55 2.82 -17.68 37.97
N GLY D 56 3.62 -16.77 38.53
CA GLY D 56 4.14 -16.96 39.87
C GLY D 56 5.04 -18.18 40.02
N SER D 57 5.89 -18.42 39.03
CA SER D 57 6.78 -19.58 39.04
C SER D 57 8.22 -19.10 39.19
N THR D 58 8.92 -19.62 40.19
CA THR D 58 10.28 -19.21 40.48
C THR D 58 11.24 -20.32 40.06
N SER D 59 12.28 -19.94 39.31
CA SER D 59 13.26 -20.88 38.79
C SER D 59 14.66 -20.47 39.21
N TYR D 60 15.53 -21.47 39.36
CA TYR D 60 16.90 -21.29 39.79
C TYR D 60 17.84 -22.05 38.88
N ALA D 61 19.11 -21.65 38.88
CA ALA D 61 20.11 -22.35 38.11
C ALA D 61 20.42 -23.71 38.75
N ASP D 62 21.03 -24.60 37.96
CA ASP D 62 21.31 -25.94 38.45
C ASP D 62 22.24 -25.90 39.66
N SER D 63 23.31 -25.13 39.59
CA SER D 63 24.15 -24.92 40.76
C SER D 63 23.39 -24.17 41.85
N VAL D 64 22.64 -23.14 41.45
CA VAL D 64 21.94 -22.29 42.41
C VAL D 64 20.82 -23.05 43.10
N LYS D 65 20.25 -24.06 42.45
CA LYS D 65 19.04 -24.71 42.92
C LYS D 65 19.20 -25.24 44.35
N GLY D 66 18.15 -25.04 45.15
CA GLY D 66 18.14 -25.50 46.52
C GLY D 66 18.95 -24.67 47.48
N ARG D 67 19.46 -23.51 47.05
CA ARG D 67 20.34 -22.73 47.90
C ARG D 67 19.91 -21.26 47.93
N PHE D 68 19.27 -20.80 46.86
CA PHE D 68 18.79 -19.43 46.79
C PHE D 68 17.27 -19.43 46.90
N THR D 69 16.71 -18.35 47.41
CA THR D 69 15.25 -18.27 47.49
C THR D 69 14.81 -16.85 47.20
N ILE D 70 13.66 -16.71 46.52
CA ILE D 70 13.11 -15.40 46.19
C ILE D 70 11.85 -15.18 47.03
N SER D 71 11.78 -14.02 47.69
CA SER D 71 10.62 -13.64 48.48
C SER D 71 10.07 -12.32 47.96
N GLN D 72 8.73 -12.23 47.89
CA GLN D 72 8.07 -11.04 47.40
C GLN D 72 7.49 -10.26 48.57
N ASP D 73 7.70 -8.94 48.56
CA ASP D 73 7.26 -8.08 49.64
C ASP D 73 5.77 -7.78 49.50
N ASN D 74 5.24 -7.00 50.45
CA ASN D 74 3.85 -6.55 50.36
C ASN D 74 3.65 -5.70 49.12
N ALA D 75 4.58 -4.79 48.84
CA ALA D 75 4.56 -4.05 47.58
C ALA D 75 4.88 -5.01 46.43
N LYS D 76 4.06 -4.96 45.38
CA LYS D 76 4.24 -5.91 44.28
C LYS D 76 5.56 -5.71 43.56
N ASN D 77 6.00 -4.46 43.40
CA ASN D 77 7.20 -4.16 42.65
C ASN D 77 8.45 -4.27 43.51
N THR D 78 8.62 -5.41 44.19
CA THR D 78 9.75 -5.57 45.10
C THR D 78 9.93 -7.05 45.40
N MET D 79 11.14 -7.57 45.17
CA MET D 79 11.50 -8.92 45.64
C MET D 79 12.90 -8.90 46.24
N PHE D 80 13.24 -10.01 46.90
CA PHE D 80 14.49 -10.21 47.61
C PHE D 80 15.02 -11.61 47.32
N LEU D 81 16.34 -11.74 47.32
CA LEU D 81 16.98 -13.05 47.38
C LEU D 81 17.45 -13.27 48.81
N GLN D 82 17.16 -14.45 49.34
CA GLN D 82 17.83 -14.97 50.52
C GLN D 82 18.84 -16.02 50.04
N MET D 83 20.12 -15.76 50.29
CA MET D 83 21.20 -16.69 49.96
C MET D 83 21.85 -17.17 51.25
N ASN D 84 21.69 -18.45 51.56
CA ASN D 84 22.27 -19.04 52.75
C ASN D 84 23.33 -20.05 52.35
N SER D 85 24.30 -20.26 53.25
CA SER D 85 25.41 -21.20 53.03
C SER D 85 26.20 -20.82 51.78
N LEU D 86 26.84 -19.65 51.84
CA LEU D 86 27.62 -19.15 50.72
C LEU D 86 28.98 -19.85 50.65
N LYS D 87 29.60 -19.74 49.48
CA LYS D 87 30.85 -20.40 49.14
C LYS D 87 31.88 -19.37 48.73
N PRO D 88 33.17 -19.69 48.79
CA PRO D 88 34.17 -18.82 48.14
C PRO D 88 33.96 -18.67 46.65
N GLU D 89 33.32 -19.65 46.00
CA GLU D 89 33.11 -19.59 44.56
C GLU D 89 32.12 -18.50 44.17
N ASP D 90 31.07 -18.30 44.98
CA ASP D 90 30.01 -17.38 44.59
C ASP D 90 30.39 -15.92 44.70
N THR D 91 31.67 -15.56 44.88
CA THR D 91 32.05 -14.17 44.96
C THR D 91 31.88 -13.54 43.58
N ALA D 92 30.75 -12.89 43.36
CA ALA D 92 30.45 -12.28 42.07
C ALA D 92 29.49 -11.13 42.28
N ILE D 93 29.69 -10.06 41.50
CA ILE D 93 28.82 -8.90 41.58
C ILE D 93 27.46 -9.27 41.00
N TYR D 94 26.39 -9.01 41.77
CA TYR D 94 25.06 -9.34 41.30
C TYR D 94 24.46 -8.17 40.52
N TYR D 95 23.63 -8.50 39.53
CA TYR D 95 22.91 -7.52 38.73
C TYR D 95 21.44 -7.91 38.69
N CYS D 96 20.59 -7.01 39.18
CA CYS D 96 19.14 -7.20 39.09
C CYS D 96 18.64 -6.79 37.72
N ALA D 97 17.79 -7.62 37.12
CA ALA D 97 17.29 -7.36 35.78
C ALA D 97 15.79 -7.54 35.76
N VAL D 98 15.11 -6.67 35.02
CA VAL D 98 13.67 -6.55 35.03
C VAL D 98 13.16 -6.44 33.60
N ALA D 99 12.04 -7.11 33.30
CA ALA D 99 11.36 -6.97 32.03
C ALA D 99 9.86 -7.14 32.27
N ALA D 100 9.09 -6.09 32.00
CA ALA D 100 7.66 -6.15 32.24
C ALA D 100 6.98 -7.12 31.28
N CYS D 101 6.04 -7.91 31.81
CA CYS D 101 5.32 -8.90 31.02
C CYS D 101 3.84 -8.84 31.32
N HIS D 102 3.03 -9.21 30.34
CA HIS D 102 1.59 -9.33 30.51
C HIS D 102 1.13 -10.78 30.38
N PHE D 103 1.44 -11.43 29.25
CA PHE D 103 1.13 -12.85 29.11
C PHE D 103 2.06 -13.71 29.94
N CYS D 104 3.36 -13.37 29.95
CA CYS D 104 4.34 -13.97 30.86
C CYS D 104 4.43 -15.49 30.66
N ASP D 105 4.64 -15.90 29.41
CA ASP D 105 4.67 -17.33 29.10
C ASP D 105 5.91 -17.99 29.67
N SER D 106 7.09 -17.58 29.21
CA SER D 106 8.35 -18.19 29.61
C SER D 106 9.26 -17.14 30.25
N LEU D 107 10.10 -17.61 31.17
CA LEU D 107 10.98 -16.71 31.91
C LEU D 107 12.34 -16.68 31.23
N PRO D 108 12.76 -15.55 30.67
CA PRO D 108 14.08 -15.49 30.01
C PRO D 108 15.21 -15.78 31.00
N LYS D 109 16.24 -16.47 30.50
CA LYS D 109 17.42 -16.78 31.28
C LYS D 109 18.69 -16.23 30.66
N THR D 110 18.59 -15.29 29.73
CA THR D 110 19.74 -14.71 29.05
C THR D 110 19.87 -13.24 29.41
N GLN D 111 21.11 -12.77 29.49
CA GLN D 111 21.38 -11.39 29.87
C GLN D 111 20.78 -10.40 28.86
N ASP D 112 20.97 -10.67 27.57
CA ASP D 112 20.55 -9.74 26.54
C ASP D 112 19.03 -9.57 26.49
N GLU D 113 18.28 -10.51 27.04
CA GLU D 113 16.84 -10.50 26.88
C GLU D 113 16.19 -9.42 27.75
N TYR D 114 16.86 -8.98 28.81
CA TYR D 114 16.25 -8.07 29.76
C TYR D 114 16.52 -6.63 29.38
N ILE D 115 15.53 -5.77 29.61
CA ILE D 115 15.57 -4.39 29.13
C ILE D 115 16.18 -3.46 30.17
N LEU D 116 15.56 -3.43 31.35
CA LEU D 116 15.86 -2.40 32.35
C LEU D 116 16.75 -3.02 33.44
N TRP D 117 18.02 -2.61 33.45
CA TRP D 117 19.09 -3.26 34.18
C TRP D 117 19.54 -2.44 35.39
N GLY D 118 20.42 -3.04 36.20
CA GLY D 118 20.90 -2.38 37.40
C GLY D 118 22.41 -2.35 37.57
N GLN D 119 22.86 -1.96 38.76
CA GLN D 119 24.29 -1.81 39.05
C GLN D 119 24.62 -2.33 40.46
N GLY D 120 23.92 -3.39 40.87
CA GLY D 120 24.10 -3.94 42.20
C GLY D 120 25.51 -4.42 42.47
N THR D 121 25.76 -4.80 43.72
CA THR D 121 27.09 -5.18 44.17
C THR D 121 27.00 -6.30 45.21
N GLN D 122 27.93 -7.24 45.13
CA GLN D 122 28.00 -8.33 46.11
C GLN D 122 29.36 -9.02 46.01
N VAL D 123 30.06 -9.10 47.14
CA VAL D 123 31.30 -9.86 47.25
C VAL D 123 31.21 -10.76 48.47
N THR D 124 31.95 -11.86 48.44
CA THR D 124 31.90 -12.84 49.52
C THR D 124 33.32 -13.30 49.85
N VAL D 125 33.59 -13.50 51.14
CA VAL D 125 34.88 -13.99 51.59
C VAL D 125 34.68 -15.38 52.20
N SER D 126 35.77 -16.13 52.30
CA SER D 126 35.73 -17.47 52.88
C SER D 126 35.53 -17.42 54.38
C1 NAG E . 31.74 -27.47 -16.70
C2 NAG E . 32.50 -26.43 -17.52
C3 NAG E . 31.62 -25.86 -18.62
C4 NAG E . 30.62 -26.91 -19.08
C5 NAG E . 29.65 -27.21 -17.95
C6 NAG E . 29.04 -28.59 -18.05
C7 NAG E . 34.12 -25.47 -15.94
C8 NAG E . 34.47 -24.26 -15.11
N2 NAG E . 32.99 -25.36 -16.66
O3 NAG E . 32.44 -25.45 -19.72
O4 NAG E . 29.89 -26.42 -20.20
O5 NAG E . 30.33 -27.15 -16.69
O6 NAG E . 28.86 -29.17 -16.77
O7 NAG E . 34.80 -26.48 -15.94
C1 NAG E . 30.03 -27.34 -21.30
C2 NAG E . 28.93 -27.04 -22.32
C3 NAG E . 29.06 -27.97 -23.52
C4 NAG E . 30.46 -27.88 -24.10
C5 NAG E . 31.51 -28.14 -23.02
C6 NAG E . 32.93 -27.94 -23.50
C7 NAG E . 26.78 -26.14 -21.54
C8 NAG E . 25.47 -26.45 -20.90
N2 NAG E . 27.62 -27.17 -21.70
O3 NAG E . 28.10 -27.60 -24.50
O4 NAG E . 30.61 -28.85 -25.14
O5 NAG E . 31.31 -27.22 -21.93
O6 NAG E . 33.08 -26.67 -24.13
O7 NAG E . 27.08 -25.00 -21.90
C1 NAG F . -44.08 1.08 11.13
C2 NAG F . -43.48 1.74 12.37
C3 NAG F . -42.59 0.75 13.12
C4 NAG F . -42.97 -0.68 12.76
C5 NAG F . -42.66 -0.91 11.30
C6 NAG F . -43.34 -2.14 10.74
C7 NAG F . -43.31 4.10 11.74
C8 NAG F . -42.38 5.23 11.39
N2 NAG F . -42.73 2.94 12.01
O3 NAG F . -42.74 0.96 14.52
O4 NAG F . -42.20 -1.59 13.56
O5 NAG F . -43.11 0.20 10.51
O6 NAG F . -42.79 -3.33 11.30
O7 NAG F . -44.53 4.24 11.75
C1 NAG F . -43.08 -2.29 14.45
C2 NAG F . -42.26 -2.82 15.62
C3 NAG F . -43.16 -3.52 16.64
C4 NAG F . -44.30 -2.60 17.06
C5 NAG F . -45.04 -2.09 15.82
C6 NAG F . -46.12 -1.07 16.16
C7 NAG F . -40.02 -3.30 14.73
C8 NAG F . -39.07 -4.37 14.30
N2 NAG F . -41.22 -3.72 15.16
O3 NAG F . -42.40 -3.90 17.77
O4 NAG F . -45.21 -3.30 17.89
O5 NAG F . -44.12 -1.43 14.94
O6 NAG F . -45.54 0.17 16.57
O7 NAG F . -39.72 -2.12 14.70
C1 NAG G . 2.86 -33.63 11.37
C2 NAG G . 1.80 -32.53 11.32
C3 NAG G . 0.85 -32.62 12.51
C4 NAG G . 1.25 -33.78 13.42
C5 NAG G . 2.71 -33.62 13.82
C6 NAG G . 3.22 -34.73 14.70
C7 NAG G . 2.73 -30.59 10.12
C8 NAG G . 3.35 -29.24 10.25
N2 NAG G . 2.41 -31.21 11.27
O3 NAG G . -0.48 -32.82 12.03
O4 NAG G . 0.43 -33.79 14.58
O5 NAG G . 3.54 -33.60 12.65
O6 NAG G . 3.11 -35.99 14.05
O7 NAG G . 2.53 -31.11 9.03
C1 NAG G . -0.40 -34.98 14.56
C2 NAG G . -1.11 -35.09 15.90
C3 NAG G . -2.03 -36.31 15.90
C4 NAG G . -2.97 -36.27 14.70
C5 NAG G . -2.18 -36.08 13.41
C6 NAG G . -3.07 -35.89 12.20
C7 NAG G . 0.05 -34.18 17.87
C8 NAG G . -0.77 -32.95 17.67
N2 NAG G . -0.16 -35.18 16.99
O3 NAG G . -2.78 -36.33 17.12
O4 NAG G . -3.71 -37.48 14.63
O5 NAG G . -1.37 -34.91 13.51
O6 NAG G . -3.35 -34.52 11.97
O7 NAG G . 0.87 -34.28 18.78
C1 BMA G . -5.08 -37.25 14.98
C2 BMA G . -5.98 -37.95 13.93
C3 BMA G . -7.44 -37.89 14.36
C4 BMA G . -7.63 -38.33 15.81
C5 BMA G . -6.69 -37.50 16.72
C6 BMA G . -6.80 -37.89 18.18
O2 BMA G . -5.63 -39.33 13.84
O3 BMA G . -8.26 -38.69 13.50
O4 BMA G . -8.97 -38.13 16.22
O5 BMA G . -5.35 -37.72 16.30
O6 BMA G . -5.94 -37.05 18.93
C1 NAG H . -11.21 -8.45 21.50
C2 NAG H . -11.51 -6.99 21.16
C3 NAG H . -12.51 -6.42 22.16
C4 NAG H . -13.75 -7.32 22.26
C5 NAG H . -13.34 -8.77 22.49
C6 NAG H . -14.51 -9.72 22.42
C7 NAG H . -9.54 -6.03 20.06
C8 NAG H . -8.31 -5.20 20.23
N2 NAG H . -10.28 -6.21 21.16
O3 NAG H . -12.87 -5.11 21.74
O4 NAG H . -14.55 -6.91 23.36
O5 NAG H . -12.41 -9.19 21.49
O6 NAG H . -14.10 -11.01 21.95
O7 NAG H . -9.85 -6.53 18.98
C1 NAG H . -15.56 -5.97 22.94
C2 NAG H . -16.85 -6.25 23.69
C3 NAG H . -17.91 -5.22 23.31
C4 NAG H . -17.38 -3.81 23.50
C5 NAG H . -16.05 -3.63 22.78
C6 NAG H . -15.39 -2.30 23.06
C7 NAG H . -17.27 -8.59 24.32
C8 NAG H . -16.67 -8.24 25.65
N2 NAG H . -17.34 -7.59 23.43
O3 NAG H . -19.07 -5.43 24.12
O4 NAG H . -18.30 -2.86 22.96
O5 NAG H . -15.12 -4.64 23.21
O6 NAG H . -14.14 -2.20 22.40
O7 NAG H . -17.69 -9.71 24.07
C1 BMA H . -19.08 -2.26 24.02
C2 BMA H . -18.81 -0.74 24.00
C3 BMA H . -19.79 0.00 24.92
C4 BMA H . -21.24 -0.46 24.71
C5 BMA H . -21.33 -1.99 24.79
C6 BMA H . -22.71 -2.51 24.49
O2 BMA H . -19.01 -0.21 22.69
O3 BMA H . -19.70 1.41 24.70
O4 BMA H . -22.09 0.10 25.69
O5 BMA H . -20.45 -2.54 23.81
O6 BMA H . -23.01 -2.19 23.14
C1 MAN H . -19.62 2.11 25.96
C2 MAN H . -20.67 3.23 25.91
C3 MAN H . -20.27 4.30 24.90
C4 MAN H . -18.83 4.77 25.17
C5 MAN H . -17.87 3.57 25.17
C6 MAN H . -16.45 3.95 25.51
O2 MAN H . -20.77 3.90 27.17
O3 MAN H . -21.16 5.40 24.91
O4 MAN H . -18.43 5.70 24.16
O5 MAN H . -18.32 2.62 26.15
O6 MAN H . -16.38 4.17 26.91
C1 MAN H . -23.72 -3.29 22.51
C2 MAN H . -22.67 -4.39 22.15
C3 MAN H . -23.03 -5.07 20.82
C4 MAN H . -23.27 -4.06 19.66
C5 MAN H . -23.61 -2.66 20.20
C6 MAN H . -24.40 -1.83 19.21
O2 MAN H . -22.67 -5.43 23.13
O3 MAN H . -24.14 -5.96 20.95
O4 MAN H . -22.12 -3.98 18.83
O5 MAN H . -24.42 -2.82 21.38
O6 MAN H . -23.72 -1.87 17.96
C1 NAG I . -23.66 -13.35 -22.23
C2 NAG I . -22.99 -14.54 -21.57
C3 NAG I . -22.20 -15.33 -22.60
C4 NAG I . -23.07 -15.67 -23.81
C5 NAG I . -23.80 -14.44 -24.33
C6 NAG I . -24.84 -14.77 -25.39
C7 NAG I . -22.59 -13.68 -19.31
C8 NAG I . -21.55 -13.28 -18.31
N2 NAG I . -22.12 -14.12 -20.48
O3 NAG I . -21.71 -16.53 -22.01
O4 NAG I . -22.24 -16.17 -24.85
O5 NAG I . -24.51 -13.79 -23.27
O6 NAG I . -25.98 -15.39 -24.82
O7 NAG I . -23.79 -13.60 -19.06
C1 NAG I . -22.56 -17.53 -25.17
C2 NAG I . -22.01 -17.83 -26.56
C3 NAG I . -22.28 -19.28 -26.94
C4 NAG I . -21.74 -20.22 -25.86
C5 NAG I . -22.30 -19.82 -24.50
C6 NAG I . -21.72 -20.63 -23.36
C7 NAG I . -22.08 -15.72 -27.83
C8 NAG I . -22.80 -14.94 -28.88
N2 NAG I . -22.58 -16.94 -27.56
O3 NAG I . -21.64 -19.57 -28.19
O4 NAG I . -22.12 -21.56 -26.14
O5 NAG I . -21.99 -18.45 -24.23
O6 NAG I . -20.83 -19.85 -22.57
O7 NAG I . -21.09 -15.29 -27.24
C1 BMA I . -20.96 -22.28 -26.60
C2 BMA I . -21.00 -23.71 -26.00
C3 BMA I . -19.87 -24.55 -26.58
C4 BMA I . -19.84 -24.48 -28.12
C5 BMA I . -19.79 -23.00 -28.56
C6 BMA I . -19.80 -22.83 -30.07
O2 BMA I . -22.22 -24.35 -26.31
O3 BMA I . -19.98 -25.91 -26.17
O4 BMA I . -18.71 -25.16 -28.63
O5 BMA I . -20.93 -22.33 -28.03
O6 BMA I . -19.76 -21.44 -30.36
C1 NAG J . 4.61 -6.45 -24.09
C2 NAG J . 5.84 -5.76 -23.52
C3 NAG J . 6.99 -5.78 -24.52
C4 NAG J . 7.24 -7.21 -25.01
C5 NAG J . 5.95 -7.84 -25.50
C6 NAG J . 6.09 -9.30 -25.87
C7 NAG J . 5.11 -4.06 -21.91
C8 NAG J . 4.83 -2.61 -21.69
N2 NAG J . 5.52 -4.40 -23.13
O3 NAG J . 8.15 -5.25 -23.90
O4 NAG J . 8.17 -7.19 -26.09
O5 NAG J . 4.95 -7.78 -24.47
O6 NAG J . 4.98 -9.76 -26.63
O7 NAG J . 4.98 -4.89 -21.01
C1 NAG J . 9.48 -7.53 -25.58
C2 NAG J . 10.24 -8.32 -26.65
C3 NAG J . 11.65 -8.64 -26.15
C4 NAG J . 12.36 -7.38 -25.70
C5 NAG J . 11.51 -6.61 -24.70
C6 NAG J . 12.09 -5.27 -24.32
C7 NAG J . 8.92 -9.73 -28.18
C8 NAG J . 9.02 -8.58 -29.15
N2 NAG J . 9.53 -9.54 -26.99
O3 NAG J . 12.37 -9.27 -27.21
O4 NAG J . 13.59 -7.72 -25.05
O5 NAG J . 10.20 -6.35 -25.26
O6 NAG J . 11.31 -4.62 -23.33
O7 NAG J . 8.34 -10.76 -28.45
C1 BMA J . 14.71 -7.57 -25.96
C2 BMA J . 15.55 -6.39 -25.46
C3 BMA J . 16.88 -6.31 -26.23
C4 BMA J . 17.57 -7.69 -26.32
C5 BMA J . 16.58 -8.75 -26.85
C6 BMA J . 17.18 -10.13 -26.85
O2 BMA J . 15.90 -6.55 -24.10
O3 BMA J . 17.76 -5.38 -25.62
O4 BMA J . 18.68 -7.62 -27.18
O5 BMA J . 15.45 -8.77 -25.98
O6 BMA J . 17.36 -10.53 -25.49
C1 MAN J . 18.30 -4.49 -26.60
C2 MAN J . 19.84 -4.61 -26.52
C3 MAN J . 20.34 -4.02 -25.20
C4 MAN J . 19.80 -2.60 -25.00
C5 MAN J . 18.26 -2.61 -25.09
C6 MAN J . 17.66 -1.22 -24.99
O2 MAN J . 20.48 -3.84 -27.54
O3 MAN J . 21.76 -4.02 -25.13
O4 MAN J . 20.18 -2.11 -23.72
O5 MAN J . 17.88 -3.17 -26.37
O6 MAN J . 17.92 -0.54 -26.22
C1 MAN J . 17.24 -11.97 -25.40
C2 MAN J . 15.73 -12.33 -25.53
C3 MAN J . 14.98 -11.97 -24.25
C4 MAN J . 15.69 -12.56 -23.03
C5 MAN J . 17.12 -12.02 -22.98
C6 MAN J . 17.91 -12.54 -21.79
O2 MAN J . 15.56 -13.74 -25.71
O3 MAN J . 13.63 -12.42 -24.29
O4 MAN J . 15.00 -12.20 -21.84
O5 MAN J . 17.81 -12.43 -24.17
O6 MAN J . 17.12 -12.32 -20.62
C1 NAG K . 39.60 6.52 -15.43
C2 NAG K . 38.49 7.06 -16.33
C3 NAG K . 39.08 7.63 -17.62
C4 NAG K . 40.17 8.64 -17.30
C5 NAG K . 41.21 8.04 -16.36
C6 NAG K . 42.25 9.03 -15.91
C7 NAG K . 36.20 6.15 -16.32
C8 NAG K . 35.80 7.42 -15.64
N2 NAG K . 37.51 6.04 -16.63
O3 NAG K . 38.06 8.23 -18.38
O4 NAG K . 40.81 9.05 -18.50
O5 NAG K . 40.56 7.54 -15.17
O6 NAG K . 41.91 9.61 -14.66
O7 NAG K . 35.40 5.26 -16.59
C1 NAG L . 51.98 6.38 -4.60
C2 NAG L . 53.49 6.48 -4.81
C3 NAG L . 53.84 7.72 -5.64
C4 NAG L . 53.04 7.73 -6.93
C5 NAG L . 51.56 7.58 -6.64
C6 NAG L . 50.72 7.47 -7.89
C7 NAG L . 54.60 5.37 -2.92
C8 NAG L . 55.32 5.57 -1.62
N2 NAG L . 54.20 6.49 -3.55
O3 NAG L . 55.24 7.72 -5.91
O4 NAG L . 53.27 8.95 -7.62
O5 NAG L . 51.32 6.39 -5.88
O6 NAG L . 51.16 6.39 -8.72
O7 NAG L . 54.40 4.26 -3.40
C1 NAG M . 32.94 22.71 16.10
C2 NAG M . 31.70 21.97 16.58
C3 NAG M . 31.01 21.28 15.40
C4 NAG M . 30.73 22.29 14.29
C5 NAG M . 32.00 23.04 13.92
C6 NAG M . 31.77 24.15 12.92
C7 NAG M . 31.52 21.03 18.84
C8 NAG M . 31.99 19.94 19.76
N2 NAG M . 32.03 20.99 17.60
O3 NAG M . 29.79 20.69 15.84
O4 NAG M . 30.21 21.64 13.15
O5 NAG M . 32.57 23.66 15.09
O6 NAG M . 32.16 23.77 11.61
O7 NAG M . 30.73 21.89 19.19
C1 NAG N . 35.53 -27.93 11.45
C2 NAG N . 35.87 -26.45 11.65
C3 NAG N . 37.13 -26.30 12.49
C4 NAG N . 36.99 -27.08 13.80
C5 NAG N . 36.64 -28.53 13.50
C6 NAG N . 36.40 -29.35 14.75
C7 NAG N . 35.42 -24.64 10.05
C8 NAG N . 34.53 -24.06 11.10
N2 NAG N . 36.03 -25.78 10.36
O3 NAG N . 37.34 -24.92 12.77
O4 NAG N . 38.22 -27.03 14.52
O5 NAG N . 35.43 -28.58 12.73
O6 NAG N . 35.19 -28.96 15.39
O7 NAG N . 35.57 -24.10 8.96
ZN ZN O . 27.43 -11.43 0.06
ZN ZN P . 24.86 -14.13 -0.48
CA CA Q . 12.72 -1.17 -9.12
C1 NAG R . -24.54 27.44 22.17
C2 NAG R . -23.48 26.74 23.03
C3 NAG R . -23.68 27.09 24.50
C4 NAG R . -23.71 28.61 24.69
C5 NAG R . -24.74 29.23 23.76
C6 NAG R . -24.74 30.74 23.80
C7 NAG R . -22.51 24.58 22.37
C8 NAG R . -21.26 25.36 22.03
N2 NAG R . -23.53 25.30 22.84
O3 NAG R . -22.62 26.53 25.27
O4 NAG R . -24.03 28.92 26.03
O5 NAG R . -24.47 28.86 22.41
O6 NAG R . -23.99 31.29 22.73
O7 NAG R . -22.58 23.37 22.22
C1 NAG S . -31.46 39.68 13.87
C2 NAG S . -32.46 40.77 14.25
C3 NAG S . -31.94 41.57 15.45
C4 NAG S . -31.58 40.64 16.60
C5 NAG S . -30.63 39.55 16.12
C6 NAG S . -30.33 38.51 17.18
C7 NAG S . -33.74 41.42 12.26
C8 NAG S . -33.88 42.42 11.16
N2 NAG S . -32.74 41.64 13.13
O3 NAG S . -32.94 42.50 15.86
O4 NAG S . -30.97 41.37 17.65
O5 NAG S . -31.20 38.85 15.00
O6 NAG S . -31.47 37.71 17.45
O7 NAG S . -34.48 40.45 12.36
C1 NAG T . -3.75 42.90 -3.46
C2 NAG T . -3.48 41.83 -4.53
C3 NAG T . -3.62 40.43 -3.91
C4 NAG T . -3.01 40.42 -2.52
C5 NAG T . -3.83 41.31 -1.61
C6 NAG T . -2.98 42.03 -0.57
C7 NAG T . -3.98 42.42 -6.85
C8 NAG T . -2.53 42.76 -6.98
N2 NAG T . -4.38 41.97 -5.65
O3 NAG T . -2.96 39.49 -4.75
O4 NAG T . -3.00 39.09 -2.01
O5 NAG T . -4.50 42.33 -2.36
O6 NAG T . -2.33 41.12 0.31
O7 NAG T . -4.76 42.54 -7.79
C1 NAG U . -42.55 11.77 -14.68
C2 NAG U . -41.72 13.01 -14.32
C3 NAG U . -42.38 14.27 -14.88
C4 NAG U . -42.66 14.12 -16.37
C5 NAG U . -43.46 12.86 -16.62
C6 NAG U . -43.69 12.59 -18.09
C7 NAG U . -40.35 13.33 -12.30
C8 NAG U . -39.17 13.43 -13.23
N2 NAG U . -41.54 13.12 -12.89
O3 NAG U . -41.53 15.39 -14.65
O4 NAG U . -43.38 15.25 -16.85
O5 NAG U . -42.75 11.73 -16.10
O6 NAG U . -42.47 12.40 -18.78
O7 NAG U . -40.24 13.41 -11.08
ZN ZN V . -26.86 12.59 0.19
ZN ZN W . -27.12 8.89 -0.55
CA CA X . -10.76 5.44 9.97
CL CL Y . -26.86 3.63 -5.53
#